data_6UFY
#
_entry.id   6UFY
#
_cell.length_a   84.880
_cell.length_b   92.320
_cell.length_c   194.250
_cell.angle_alpha   90.000
_cell.angle_beta   90.000
_cell.angle_gamma   90.000
#
_symmetry.space_group_name_H-M   'P 21 21 21'
#
loop_
_entity.id
_entity.type
_entity.pdbx_description
1 polymer 'Choloylglycine hydrolase'
2 water water
#
_entity_poly.entity_id   1
_entity_poly.type   'polypeptide(L)'
_entity_poly.pdbx_seq_one_letter_code
;MCTRAVYLGPDRMVVTGRTMDWKEDIMSNIYVFPRGMQRAGHNKEKTVNWTSKYGSVIATGYDIGTCDGMNEKGLVASLL
FLPESVYSLPGDTRPAMGISIWTQYVLDNFATVREAVDEMKKETFRIDAPRMPNGGPESTLHMAITDETGNTAVIEYLDG
KLSIHEGKEYQVMTNSPRYELQLAVNDYWKEVGGLQMLPGTNRSSDRFVRASFYIHAIPQTADAKIAVPSVLSVMRNVSV
PFGINTPEKPHISSTRWRSVSDQKNKVYYFESTLTPNLFWLDLKKIDFSPKAGVKKLSLTKGEIYAGDAVKDLKDSQSFT
FLFETPVMLEHHHHHH
;
_entity_poly.pdbx_strand_id   A,B,D,C
#
# COMPACT_ATOMS: atom_id res chain seq x y z
N MET A 1 6.43 -16.03 -11.39
CA MET A 1 7.73 -16.22 -12.01
C MET A 1 7.99 -15.20 -13.11
N CYS A 2 7.56 -15.52 -14.33
CA CYS A 2 7.93 -14.74 -15.50
C CYS A 2 7.05 -13.50 -15.64
N THR A 3 7.50 -12.57 -16.49
CA THR A 3 6.78 -11.33 -16.75
C THR A 3 7.00 -10.92 -18.21
N ARG A 4 5.94 -10.46 -18.85
CA ARG A 4 5.95 -10.12 -20.26
C ARG A 4 5.21 -8.80 -20.47
N ALA A 5 5.74 -7.97 -21.38
CA ALA A 5 5.10 -6.70 -21.69
C ALA A 5 5.43 -6.30 -23.12
N VAL A 6 4.45 -5.71 -23.79
CA VAL A 6 4.55 -5.35 -25.21
C VAL A 6 4.45 -3.84 -25.34
N TYR A 7 5.45 -3.22 -25.96
CA TYR A 7 5.47 -1.79 -26.20
C TYR A 7 4.99 -1.49 -27.60
N LEU A 8 4.09 -0.51 -27.73
CA LEU A 8 3.48 -0.14 -29.00
C LEU A 8 3.82 1.32 -29.29
N GLY A 9 4.86 1.54 -30.08
CA GLY A 9 5.30 2.87 -30.41
C GLY A 9 4.77 3.35 -31.75
N PRO A 10 5.29 4.47 -32.23
CA PRO A 10 4.84 5.01 -33.51
C PRO A 10 5.43 4.25 -34.70
N ASP A 11 4.67 4.28 -35.80
CA ASP A 11 5.07 3.69 -37.08
C ASP A 11 5.50 2.23 -36.92
N ARG A 12 4.55 1.42 -36.44
CA ARG A 12 4.70 -0.03 -36.37
C ARG A 12 5.90 -0.44 -35.52
N MET A 13 6.17 0.32 -34.45
CA MET A 13 7.23 -0.01 -33.52
C MET A 13 6.66 -0.92 -32.44
N VAL A 14 6.86 -2.23 -32.60
CA VAL A 14 6.37 -3.24 -31.67
C VAL A 14 7.57 -3.93 -31.05
N VAL A 15 7.73 -3.79 -29.74
CA VAL A 15 8.85 -4.36 -29.00
C VAL A 15 8.28 -5.16 -27.83
N THR A 16 8.59 -6.45 -27.78
CA THR A 16 8.13 -7.33 -26.72
C THR A 16 9.28 -7.67 -25.79
N GLY A 17 9.06 -7.44 -24.50
CA GLY A 17 10.04 -7.81 -23.47
C GLY A 17 9.49 -8.94 -22.62
N ARG A 18 10.38 -9.84 -22.22
CA ARG A 18 9.99 -11.02 -21.45
C ARG A 18 11.03 -11.31 -20.38
N THR A 19 10.54 -11.61 -19.17
CA THR A 19 11.38 -11.95 -18.04
C THR A 19 11.31 -13.44 -17.77
N MET A 20 12.43 -14.03 -17.35
CA MET A 20 12.50 -15.46 -17.04
C MET A 20 13.00 -15.63 -15.61
N ASP A 21 12.10 -16.01 -14.72
CA ASP A 21 12.43 -16.26 -13.33
C ASP A 21 12.30 -17.75 -13.03
N TRP A 22 13.27 -18.28 -12.28
CA TRP A 22 13.28 -19.71 -11.97
C TRP A 22 14.03 -19.93 -10.68
N LYS A 23 13.55 -20.88 -9.87
CA LYS A 23 14.16 -21.15 -8.57
C LYS A 23 15.58 -21.72 -8.69
N GLU A 24 15.93 -22.26 -9.85
CA GLU A 24 17.26 -22.85 -10.05
C GLU A 24 17.77 -22.40 -11.41
N ASP A 25 18.92 -22.95 -11.81
CA ASP A 25 19.50 -22.68 -13.13
C ASP A 25 18.63 -23.32 -14.20
N ILE A 26 17.97 -22.49 -15.01
CA ILE A 26 17.12 -22.99 -16.07
C ILE A 26 17.93 -23.67 -17.18
N MET A 27 19.21 -23.30 -17.32
CA MET A 27 20.09 -23.87 -18.34
C MET A 27 19.51 -23.70 -19.73
N SER A 28 19.12 -22.47 -20.05
CA SER A 28 18.50 -22.14 -21.33
C SER A 28 19.54 -21.90 -22.40
N ASN A 29 19.24 -22.32 -23.62
CA ASN A 29 20.11 -22.11 -24.77
C ASN A 29 19.30 -21.47 -25.89
N ILE A 30 20.02 -20.90 -26.85
CA ILE A 30 19.43 -20.29 -28.04
C ILE A 30 19.65 -21.22 -29.21
N TYR A 31 18.58 -21.50 -29.96
CA TYR A 31 18.65 -22.31 -31.15
C TYR A 31 18.05 -21.56 -32.33
N VAL A 32 18.67 -21.69 -33.50
CA VAL A 32 18.21 -21.05 -34.72
C VAL A 32 17.72 -22.16 -35.65
N PHE A 33 16.41 -22.22 -35.85
CA PHE A 33 15.79 -23.23 -36.71
C PHE A 33 15.43 -22.63 -38.05
N PRO A 34 15.90 -23.22 -39.15
CA PRO A 34 15.46 -22.79 -40.47
C PRO A 34 14.04 -23.26 -40.77
N ARG A 35 13.43 -22.60 -41.74
CA ARG A 35 12.10 -23.01 -42.16
C ARG A 35 12.16 -24.32 -42.95
N GLY A 36 11.03 -25.00 -43.02
CA GLY A 36 10.95 -26.24 -43.76
C GLY A 36 11.30 -27.48 -42.97
N MET A 37 11.34 -27.41 -41.64
CA MET A 37 11.58 -28.57 -40.81
C MET A 37 10.26 -29.23 -40.44
N GLN A 38 10.24 -30.56 -40.46
CA GLN A 38 9.06 -31.33 -40.08
C GLN A 38 9.20 -31.82 -38.64
N ARG A 39 8.15 -31.66 -37.86
CA ARG A 39 8.16 -32.04 -36.46
C ARG A 39 6.82 -32.67 -36.09
N ALA A 40 6.80 -33.35 -34.95
CA ALA A 40 5.58 -33.93 -34.39
C ALA A 40 5.44 -33.45 -32.95
N GLY A 41 4.19 -33.23 -32.54
CA GLY A 41 3.94 -32.74 -31.20
C GLY A 41 4.04 -33.77 -30.09
N HIS A 42 4.31 -35.03 -30.44
CA HIS A 42 4.40 -36.09 -29.44
C HIS A 42 5.07 -37.29 -30.09
N ASN A 43 5.70 -38.13 -29.25
CA ASN A 43 6.40 -39.31 -29.72
C ASN A 43 5.68 -40.62 -29.43
N LYS A 44 4.84 -40.67 -28.40
CA LYS A 44 4.15 -41.89 -28.02
C LYS A 44 2.63 -41.80 -28.12
N GLU A 45 2.07 -40.62 -28.34
CA GLU A 45 0.63 -40.43 -28.44
C GLU A 45 0.24 -40.06 -29.86
N LYS A 46 -1.03 -40.31 -30.19
CA LYS A 46 -1.60 -39.82 -31.43
C LYS A 46 -1.46 -38.30 -31.49
N THR A 47 -0.99 -37.79 -32.62
CA THR A 47 -0.52 -36.41 -32.70
C THR A 47 -0.87 -35.81 -34.05
N VAL A 48 -0.62 -34.51 -34.17
CA VAL A 48 -0.64 -33.82 -35.44
C VAL A 48 0.79 -33.73 -35.97
N ASN A 49 0.94 -33.29 -37.21
CA ASN A 49 2.24 -33.09 -37.83
C ASN A 49 2.21 -31.85 -38.69
N TRP A 50 3.38 -31.27 -38.90
CA TRP A 50 3.48 -30.04 -39.67
C TRP A 50 4.91 -29.86 -40.18
N THR A 51 5.03 -29.07 -41.23
CA THR A 51 6.33 -28.60 -41.73
C THR A 51 6.41 -27.09 -41.48
N SER A 52 7.51 -26.66 -40.87
CA SER A 52 7.64 -25.26 -40.46
C SER A 52 7.58 -24.34 -41.68
N LYS A 53 6.65 -23.39 -41.64
CA LYS A 53 6.54 -22.42 -42.72
C LYS A 53 7.53 -21.26 -42.58
N TYR A 54 7.92 -20.93 -41.35
CA TYR A 54 8.83 -19.82 -41.09
C TYR A 54 9.92 -20.26 -40.13
N GLY A 55 11.16 -19.91 -40.44
CA GLY A 55 12.25 -20.12 -39.50
C GLY A 55 12.08 -19.27 -38.26
N SER A 56 12.82 -19.61 -37.22
CA SER A 56 12.63 -18.95 -35.94
C SER A 56 13.96 -18.85 -35.19
N VAL A 57 13.99 -17.92 -34.24
CA VAL A 57 15.05 -17.80 -33.25
C VAL A 57 14.38 -17.97 -31.89
N ILE A 58 14.70 -19.06 -31.19
CA ILE A 58 13.99 -19.44 -29.98
C ILE A 58 14.98 -19.65 -28.85
N ALA A 59 14.46 -19.56 -27.63
CA ALA A 59 15.20 -19.87 -26.41
C ALA A 59 14.52 -21.04 -25.73
N THR A 60 15.31 -22.01 -25.28
CA THR A 60 14.79 -23.24 -24.71
C THR A 60 14.75 -23.16 -23.18
N GLY A 61 14.33 -24.26 -22.57
CA GLY A 61 14.39 -24.43 -21.13
C GLY A 61 14.81 -25.85 -20.81
N TYR A 62 15.99 -26.02 -20.22
CA TYR A 62 16.63 -27.31 -20.00
C TYR A 62 16.93 -28.04 -21.31
N ASP A 63 16.82 -27.35 -22.45
CA ASP A 63 16.97 -27.96 -23.77
C ASP A 63 15.98 -29.11 -23.96
N ILE A 64 14.82 -29.03 -23.30
CA ILE A 64 13.77 -30.02 -23.45
C ILE A 64 12.54 -29.47 -24.14
N GLY A 65 12.44 -28.15 -24.31
CA GLY A 65 11.30 -27.55 -24.98
C GLY A 65 11.51 -26.07 -25.15
N THR A 66 10.64 -25.47 -25.98
CA THR A 66 10.70 -24.05 -26.28
C THR A 66 9.75 -23.28 -25.38
N CYS A 67 10.23 -22.17 -24.82
CA CYS A 67 9.43 -21.31 -23.97
C CYS A 67 9.31 -19.87 -24.46
N ASP A 68 10.16 -19.45 -25.41
CA ASP A 68 10.15 -18.08 -25.90
C ASP A 68 10.94 -18.03 -27.20
N GLY A 69 10.43 -17.25 -28.16
CA GLY A 69 11.09 -17.18 -29.45
C GLY A 69 10.45 -16.15 -30.35
N MET A 70 10.92 -16.12 -31.59
CA MET A 70 10.46 -15.16 -32.58
C MET A 70 10.84 -15.68 -33.96
N ASN A 71 9.90 -15.58 -34.91
CA ASN A 71 10.10 -16.12 -36.24
C ASN A 71 10.52 -15.00 -37.21
N GLU A 72 10.53 -15.33 -38.51
CA GLU A 72 10.98 -14.37 -39.51
C GLU A 72 10.03 -13.18 -39.63
N LYS A 73 8.73 -13.43 -39.49
CA LYS A 73 7.71 -12.41 -39.75
C LYS A 73 7.40 -11.53 -38.55
N GLY A 74 8.24 -11.58 -37.51
CA GLY A 74 8.02 -10.73 -36.35
C GLY A 74 6.98 -11.20 -35.37
N LEU A 75 6.59 -12.47 -35.43
CA LEU A 75 5.66 -13.04 -34.48
C LEU A 75 6.42 -13.61 -33.29
N VAL A 76 6.06 -13.17 -32.09
CA VAL A 76 6.76 -13.55 -30.87
C VAL A 76 5.83 -14.39 -30.01
N ALA A 77 6.35 -15.52 -29.52
CA ALA A 77 5.62 -16.38 -28.61
C ALA A 77 6.38 -16.49 -27.29
N SER A 78 5.63 -16.64 -26.20
CA SER A 78 6.23 -16.70 -24.88
C SER A 78 5.39 -17.60 -24.00
N LEU A 79 6.05 -18.58 -23.38
CA LEU A 79 5.39 -19.54 -22.50
C LEU A 79 5.67 -19.14 -21.05
N LEU A 80 4.65 -18.63 -20.37
CA LEU A 80 4.78 -18.17 -18.99
C LEU A 80 3.92 -19.04 -18.08
N PHE A 81 4.37 -19.16 -16.82
CA PHE A 81 3.76 -20.09 -15.88
C PHE A 81 2.36 -19.61 -15.47
N LEU A 82 1.55 -20.58 -15.04
CA LEU A 82 0.20 -20.34 -14.52
C LEU A 82 -0.26 -21.56 -13.74
N PRO A 83 -0.13 -21.56 -12.42
CA PRO A 83 -0.34 -22.80 -11.65
C PRO A 83 -1.74 -23.37 -11.75
N GLU A 84 -2.75 -22.58 -12.11
CA GLU A 84 -4.14 -23.03 -12.12
C GLU A 84 -4.59 -23.52 -13.49
N SER A 85 -3.66 -23.95 -14.34
CA SER A 85 -3.99 -24.37 -15.70
C SER A 85 -4.31 -25.86 -15.73
N VAL A 86 -5.44 -26.20 -16.35
CA VAL A 86 -5.81 -27.59 -16.62
C VAL A 86 -6.16 -27.66 -18.10
N TYR A 87 -5.30 -28.36 -18.87
CA TYR A 87 -5.43 -28.37 -20.33
C TYR A 87 -6.60 -29.20 -20.82
N SER A 88 -6.99 -30.24 -20.09
CA SER A 88 -8.08 -31.09 -20.52
C SER A 88 -8.65 -31.85 -19.32
N LEU A 89 -9.82 -32.42 -19.51
CA LEU A 89 -10.50 -33.25 -18.54
C LEU A 89 -10.25 -34.72 -18.83
N PRO A 90 -10.43 -35.60 -17.84
CA PRO A 90 -10.23 -37.03 -18.08
C PRO A 90 -11.14 -37.55 -19.19
N GLY A 91 -10.57 -38.38 -20.06
CA GLY A 91 -11.31 -38.93 -21.17
C GLY A 91 -11.16 -38.20 -22.48
N ASP A 92 -10.22 -37.26 -22.58
CA ASP A 92 -10.01 -36.52 -23.82
C ASP A 92 -9.16 -37.36 -24.77
N THR A 93 -9.74 -37.77 -25.89
CA THR A 93 -9.09 -38.64 -26.86
C THR A 93 -8.63 -37.90 -28.11
N ARG A 94 -8.42 -36.59 -28.00
CA ARG A 94 -7.91 -35.82 -29.13
C ARG A 94 -6.41 -36.10 -29.31
N PRO A 95 -5.86 -35.77 -30.48
CA PRO A 95 -4.41 -35.85 -30.64
C PRO A 95 -3.70 -34.99 -29.62
N ALA A 96 -2.64 -35.54 -29.03
CA ALA A 96 -1.92 -34.91 -27.93
C ALA A 96 -0.68 -34.20 -28.43
N MET A 97 -0.54 -32.93 -28.10
CA MET A 97 0.66 -32.16 -28.37
C MET A 97 1.41 -31.91 -27.06
N GLY A 98 2.70 -32.19 -27.06
CA GLY A 98 3.49 -32.00 -25.85
C GLY A 98 3.58 -30.54 -25.47
N ILE A 99 3.71 -30.30 -24.16
CA ILE A 99 3.84 -28.94 -23.66
C ILE A 99 5.15 -28.32 -24.11
N SER A 100 6.16 -29.15 -24.37
CA SER A 100 7.49 -28.64 -24.72
C SER A 100 7.53 -28.08 -26.13
N ILE A 101 6.74 -28.64 -27.04
CA ILE A 101 6.75 -28.22 -28.44
C ILE A 101 5.58 -27.32 -28.79
N TRP A 102 4.70 -27.03 -27.82
CA TRP A 102 3.53 -26.19 -28.09
C TRP A 102 3.95 -24.81 -28.58
N THR A 103 4.94 -24.20 -27.92
CA THR A 103 5.39 -22.87 -28.32
C THR A 103 6.07 -22.90 -29.69
N GLN A 104 6.84 -23.95 -29.96
CA GLN A 104 7.50 -24.07 -31.26
C GLN A 104 6.48 -24.24 -32.38
N TYR A 105 5.29 -24.78 -32.07
CA TYR A 105 4.28 -24.98 -33.09
C TYR A 105 3.75 -23.65 -33.61
N VAL A 106 3.47 -22.69 -32.72
CA VAL A 106 2.87 -21.44 -33.16
C VAL A 106 3.89 -20.57 -33.89
N LEU A 107 5.18 -20.73 -33.58
CA LEU A 107 6.21 -19.97 -34.28
C LEU A 107 6.51 -20.55 -35.65
N ASP A 108 6.34 -21.87 -35.81
CA ASP A 108 6.65 -22.53 -37.07
C ASP A 108 5.57 -22.36 -38.13
N ASN A 109 4.33 -22.08 -37.73
CA ASN A 109 3.21 -22.16 -38.65
C ASN A 109 2.43 -20.86 -38.85
N PHE A 110 2.67 -19.83 -38.03
CA PHE A 110 1.86 -18.62 -38.08
C PHE A 110 2.75 -17.40 -38.19
N ALA A 111 2.38 -16.48 -39.09
CA ALA A 111 3.01 -15.18 -39.22
C ALA A 111 2.15 -14.06 -38.66
N THR A 112 0.96 -14.38 -38.16
CA THR A 112 0.01 -13.38 -37.68
C THR A 112 -0.74 -13.95 -36.50
N VAL A 113 -1.02 -13.09 -35.51
CA VAL A 113 -1.85 -13.49 -34.38
C VAL A 113 -3.23 -13.90 -34.87
N ARG A 114 -3.75 -13.19 -35.87
CA ARG A 114 -5.03 -13.57 -36.48
C ARG A 114 -4.98 -14.99 -37.01
N GLU A 115 -3.85 -15.40 -37.58
CA GLU A 115 -3.71 -16.76 -38.09
C GLU A 115 -3.63 -17.77 -36.95
N ALA A 116 -2.92 -17.44 -35.87
CA ALA A 116 -2.76 -18.38 -34.77
C ALA A 116 -4.07 -18.59 -34.02
N VAL A 117 -4.82 -17.50 -33.77
CA VAL A 117 -6.06 -17.62 -33.03
C VAL A 117 -7.09 -18.42 -33.81
N ASP A 118 -7.18 -18.19 -35.13
CA ASP A 118 -8.19 -18.89 -35.93
C ASP A 118 -7.96 -20.40 -35.92
N GLU A 119 -6.70 -20.82 -36.03
CA GLU A 119 -6.41 -22.26 -36.06
C GLU A 119 -6.48 -22.87 -34.66
N MET A 120 -6.08 -22.14 -33.63
CA MET A 120 -6.11 -22.69 -32.28
C MET A 120 -7.54 -22.79 -31.75
N LYS A 121 -8.44 -21.94 -32.24
CA LYS A 121 -9.84 -22.02 -31.81
C LYS A 121 -10.54 -23.26 -32.36
N LYS A 122 -9.94 -23.96 -33.32
CA LYS A 122 -10.50 -25.22 -33.78
C LYS A 122 -10.42 -26.31 -32.72
N GLU A 123 -9.49 -26.19 -31.77
CA GLU A 123 -9.35 -27.13 -30.66
C GLU A 123 -9.19 -28.56 -31.17
N THR A 124 -8.43 -28.72 -32.26
CA THR A 124 -8.23 -30.03 -32.85
C THR A 124 -7.34 -30.93 -32.00
N PHE A 125 -6.53 -30.37 -31.11
CA PHE A 125 -5.60 -31.15 -30.33
C PHE A 125 -5.62 -30.67 -28.87
N ARG A 126 -5.17 -31.56 -27.99
CA ARG A 126 -5.05 -31.28 -26.57
C ARG A 126 -3.59 -31.13 -26.18
N ILE A 127 -3.35 -30.42 -25.09
CA ILE A 127 -2.01 -30.20 -24.57
C ILE A 127 -1.68 -31.27 -23.55
N ASP A 128 -0.56 -31.96 -23.74
CA ASP A 128 -0.06 -32.96 -22.81
C ASP A 128 1.12 -32.37 -22.05
N ALA A 129 1.00 -32.30 -20.72
CA ALA A 129 2.01 -31.68 -19.87
C ALA A 129 2.40 -32.61 -18.74
N PRO A 130 3.54 -33.30 -18.85
CA PRO A 130 4.04 -34.09 -17.74
C PRO A 130 4.78 -33.20 -16.74
N ARG A 131 5.26 -33.81 -15.67
CA ARG A 131 5.98 -33.08 -14.64
C ARG A 131 7.40 -32.77 -15.09
N MET A 132 7.88 -31.58 -14.78
CA MET A 132 9.20 -31.16 -15.21
C MET A 132 10.29 -31.97 -14.50
N PRO A 133 11.48 -32.10 -15.11
CA PRO A 133 12.56 -32.89 -14.50
C PRO A 133 13.10 -32.30 -13.21
N ASN A 134 14.02 -33.02 -12.56
CA ASN A 134 14.61 -32.65 -11.26
C ASN A 134 13.55 -32.61 -10.15
N GLY A 135 12.45 -33.31 -10.33
CA GLY A 135 11.32 -33.22 -9.42
C GLY A 135 10.73 -31.84 -9.33
N GLY A 136 10.71 -31.08 -10.43
CA GLY A 136 10.23 -29.72 -10.41
C GLY A 136 8.72 -29.64 -10.50
N PRO A 137 8.21 -28.46 -10.80
CA PRO A 137 6.75 -28.24 -10.80
C PRO A 137 6.08 -28.94 -11.97
N GLU A 138 4.75 -28.94 -11.92
CA GLU A 138 3.98 -29.40 -13.07
C GLU A 138 3.96 -28.31 -14.13
N SER A 139 3.94 -28.74 -15.40
CA SER A 139 4.04 -27.81 -16.53
C SER A 139 2.70 -27.13 -16.77
N THR A 140 2.36 -26.22 -15.86
CA THR A 140 1.15 -25.41 -15.95
C THR A 140 1.54 -24.03 -16.44
N LEU A 141 1.31 -23.77 -17.74
CA LEU A 141 1.75 -22.53 -18.35
C LEU A 141 0.71 -22.03 -19.34
N HIS A 142 0.76 -20.72 -19.60
CA HIS A 142 -0.04 -20.06 -20.62
C HIS A 142 0.89 -19.37 -21.61
N MET A 143 0.32 -18.91 -22.73
CA MET A 143 1.11 -18.35 -23.81
C MET A 143 0.53 -17.03 -24.28
N ALA A 144 1.42 -16.12 -24.68
CA ALA A 144 1.05 -14.87 -25.32
C ALA A 144 1.74 -14.77 -26.68
N ILE A 145 0.99 -14.32 -27.69
CA ILE A 145 1.49 -14.22 -29.06
C ILE A 145 1.28 -12.78 -29.53
N THR A 146 2.33 -12.18 -30.09
CA THR A 146 2.28 -10.81 -30.60
C THR A 146 2.93 -10.75 -31.97
N ASP A 147 2.22 -10.19 -32.94
CA ASP A 147 2.72 -10.05 -34.30
C ASP A 147 3.28 -8.63 -34.49
N GLU A 148 3.77 -8.37 -35.71
CA GLU A 148 4.38 -7.08 -36.02
C GLU A 148 3.36 -5.95 -36.14
N THR A 149 2.07 -6.25 -36.07
CA THR A 149 1.05 -5.20 -36.12
C THR A 149 0.66 -4.67 -34.76
N GLY A 150 1.10 -5.31 -33.68
CA GLY A 150 0.76 -4.90 -32.34
C GLY A 150 -0.33 -5.71 -31.68
N ASN A 151 -1.00 -6.60 -32.43
CA ASN A 151 -2.04 -7.42 -31.85
C ASN A 151 -1.44 -8.50 -30.96
N THR A 152 -2.11 -8.78 -29.84
CA THR A 152 -1.64 -9.75 -28.87
C THR A 152 -2.77 -10.69 -28.50
N ALA A 153 -2.45 -11.97 -28.35
CA ALA A 153 -3.39 -12.99 -27.92
C ALA A 153 -2.85 -13.70 -26.70
N VAL A 154 -3.66 -13.78 -25.65
CA VAL A 154 -3.30 -14.48 -24.42
C VAL A 154 -4.06 -15.80 -24.40
N ILE A 155 -3.30 -16.91 -24.42
CA ILE A 155 -3.87 -18.26 -24.49
C ILE A 155 -3.65 -18.94 -23.15
N GLU A 156 -4.73 -19.45 -22.55
CA GLU A 156 -4.62 -20.20 -21.32
C GLU A 156 -5.77 -21.20 -21.21
N TYR A 157 -5.47 -22.35 -20.63
CA TYR A 157 -6.43 -23.44 -20.47
C TYR A 157 -6.85 -23.52 -19.01
N LEU A 158 -8.16 -23.37 -18.77
CA LEU A 158 -8.72 -23.36 -17.43
C LEU A 158 -9.73 -24.50 -17.32
N ASP A 159 -9.45 -25.44 -16.43
CA ASP A 159 -10.28 -26.64 -16.18
C ASP A 159 -10.78 -27.25 -17.48
N GLY A 160 -9.87 -27.32 -18.45
CA GLY A 160 -10.06 -28.10 -19.65
C GLY A 160 -10.65 -27.37 -20.83
N LYS A 161 -10.94 -26.08 -20.70
CA LYS A 161 -11.51 -25.31 -21.80
C LYS A 161 -10.55 -24.21 -22.24
N LEU A 162 -10.56 -23.92 -23.54
CA LEU A 162 -9.69 -22.91 -24.12
C LEU A 162 -10.19 -21.51 -23.79
N SER A 163 -9.28 -20.64 -23.37
CA SER A 163 -9.59 -19.25 -23.05
C SER A 163 -8.62 -18.34 -23.78
N ILE A 164 -9.16 -17.38 -24.54
CA ILE A 164 -8.37 -16.51 -25.40
C ILE A 164 -8.80 -15.06 -25.21
N HIS A 165 -7.82 -14.17 -25.12
CA HIS A 165 -8.04 -12.72 -25.14
C HIS A 165 -7.19 -12.15 -26.28
N GLU A 166 -7.86 -11.62 -27.31
CA GLU A 166 -7.18 -11.04 -28.46
C GLU A 166 -7.43 -9.55 -28.52
N GLY A 167 -6.39 -8.80 -28.82
CA GLY A 167 -6.48 -7.36 -28.93
C GLY A 167 -5.14 -6.71 -28.63
N LYS A 168 -4.96 -5.52 -29.19
CA LYS A 168 -3.74 -4.75 -28.95
C LYS A 168 -3.65 -4.26 -27.51
N GLU A 169 -4.79 -4.16 -26.81
CA GLU A 169 -4.82 -3.65 -25.45
C GLU A 169 -4.28 -4.62 -24.41
N TYR A 170 -4.09 -5.89 -24.77
CA TYR A 170 -3.59 -6.89 -23.83
C TYR A 170 -2.07 -7.03 -23.99
N GLN A 171 -1.37 -5.99 -23.53
CA GLN A 171 0.07 -5.89 -23.74
C GLN A 171 0.89 -6.57 -22.65
N VAL A 172 0.35 -6.71 -21.45
CA VAL A 172 1.10 -7.22 -20.30
C VAL A 172 0.55 -8.57 -19.91
N MET A 173 1.43 -9.40 -19.33
CA MET A 173 1.04 -10.74 -18.90
C MET A 173 2.06 -11.25 -17.90
N THR A 174 1.57 -11.83 -16.80
CA THR A 174 2.43 -12.48 -15.82
C THR A 174 1.92 -13.89 -15.55
N ASN A 175 1.83 -14.27 -14.28
CA ASN A 175 1.45 -15.62 -13.89
C ASN A 175 0.02 -15.58 -13.33
N SER A 176 -0.25 -16.15 -12.15
CA SER A 176 -1.58 -16.16 -11.57
C SER A 176 -2.00 -14.75 -11.16
N PRO A 177 -3.31 -14.47 -11.09
CA PRO A 177 -4.44 -15.37 -11.36
C PRO A 177 -4.82 -15.44 -12.83
N ARG A 178 -6.08 -15.77 -13.11
CA ARG A 178 -6.57 -15.81 -14.48
C ARG A 178 -6.48 -14.42 -15.11
N TYR A 179 -6.50 -14.39 -16.45
CA TYR A 179 -6.21 -13.14 -17.15
C TYR A 179 -7.32 -12.11 -16.97
N GLU A 180 -8.57 -12.57 -16.85
CA GLU A 180 -9.65 -11.61 -16.56
C GLU A 180 -9.54 -11.08 -15.15
N LEU A 181 -9.19 -11.96 -14.18
CA LEU A 181 -8.97 -11.50 -12.83
C LEU A 181 -7.72 -10.64 -12.71
N GLN A 182 -6.70 -10.92 -13.55
CA GLN A 182 -5.49 -10.10 -13.53
C GLN A 182 -5.79 -8.67 -13.97
N LEU A 183 -6.65 -8.52 -14.99
CA LEU A 183 -7.03 -7.18 -15.42
C LEU A 183 -7.81 -6.45 -14.33
N ALA A 184 -8.62 -7.17 -13.57
CA ALA A 184 -9.36 -6.55 -12.47
C ALA A 184 -8.43 -6.08 -11.37
N VAL A 185 -7.37 -6.85 -11.10
CA VAL A 185 -6.36 -6.43 -10.14
C VAL A 185 -5.61 -5.21 -10.66
N ASN A 186 -5.32 -5.19 -11.96
CA ASN A 186 -4.62 -4.04 -12.54
C ASN A 186 -5.53 -2.81 -12.61
N ASP A 187 -6.83 -3.02 -12.87
CA ASP A 187 -7.77 -1.91 -12.92
C ASP A 187 -7.85 -1.19 -11.58
N TYR A 188 -7.73 -1.93 -10.48
CA TYR A 188 -7.81 -1.31 -9.17
C TYR A 188 -6.62 -0.40 -8.90
N TRP A 189 -5.41 -0.85 -9.23
CA TRP A 189 -4.22 -0.08 -8.92
C TRP A 189 -4.05 1.14 -9.80
N LYS A 190 -4.67 1.16 -10.99
CA LYS A 190 -4.61 2.36 -11.80
C LYS A 190 -5.43 3.49 -11.18
N GLU A 191 -6.46 3.16 -10.40
CA GLU A 191 -7.16 4.17 -9.63
C GLU A 191 -6.27 4.79 -8.56
N VAL A 192 -5.39 3.98 -7.96
CA VAL A 192 -4.48 4.49 -6.95
C VAL A 192 -3.46 5.44 -7.56
N GLY A 193 -3.12 5.24 -8.83
CA GLY A 193 -2.16 6.09 -9.51
C GLY A 193 -0.76 5.50 -9.47
N GLY A 194 -0.16 5.31 -10.65
CA GLY A 194 1.16 4.72 -10.72
C GLY A 194 2.21 5.57 -10.03
N LEU A 195 2.11 6.90 -10.18
CA LEU A 195 3.06 7.78 -9.52
C LEU A 195 2.82 7.88 -8.02
N GLN A 196 1.61 7.57 -7.55
CA GLN A 196 1.30 7.69 -6.13
C GLN A 196 1.76 6.47 -5.36
N MET A 197 1.24 5.29 -5.72
CA MET A 197 1.65 4.05 -5.05
C MET A 197 1.60 2.91 -6.05
N LEU A 198 2.65 2.09 -6.04
CA LEU A 198 2.77 0.93 -6.91
C LEU A 198 3.16 -0.28 -6.06
N PRO A 199 2.50 -1.43 -6.24
CA PRO A 199 2.91 -2.64 -5.52
C PRO A 199 4.27 -3.13 -5.97
N GLY A 200 5.27 -3.05 -5.09
CA GLY A 200 6.64 -3.33 -5.48
C GLY A 200 7.17 -4.67 -5.03
N THR A 201 6.28 -5.63 -4.77
CA THR A 201 6.71 -6.96 -4.40
C THR A 201 7.05 -7.78 -5.65
N ASN A 202 7.69 -8.93 -5.43
CA ASN A 202 7.99 -9.87 -6.50
C ASN A 202 6.79 -10.74 -6.87
N ARG A 203 5.60 -10.41 -6.37
CA ARG A 203 4.43 -11.23 -6.63
C ARG A 203 3.99 -11.09 -8.10
N SER A 204 3.13 -12.02 -8.52
CA SER A 204 2.71 -12.06 -9.92
C SER A 204 1.93 -10.81 -10.30
N SER A 205 0.89 -10.47 -9.53
CA SER A 205 0.08 -9.31 -9.86
C SER A 205 0.84 -8.01 -9.64
N ASP A 206 1.78 -7.99 -8.70
CA ASP A 206 2.57 -6.79 -8.45
C ASP A 206 3.40 -6.42 -9.68
N ARG A 207 4.11 -7.40 -10.24
CA ARG A 207 4.89 -7.14 -11.44
C ARG A 207 4.00 -6.83 -12.64
N PHE A 208 2.77 -7.35 -12.64
CA PHE A 208 1.86 -7.07 -13.74
C PHE A 208 1.48 -5.60 -13.79
N VAL A 209 1.17 -5.01 -12.64
CA VAL A 209 0.76 -3.61 -12.60
C VAL A 209 1.95 -2.69 -12.86
N ARG A 210 3.12 -3.04 -12.31
CA ARG A 210 4.31 -2.22 -12.55
C ARG A 210 4.70 -2.23 -14.02
N ALA A 211 4.61 -3.39 -14.67
CA ALA A 211 4.92 -3.46 -16.09
C ALA A 211 3.85 -2.74 -16.92
N SER A 212 2.59 -2.84 -16.50
CA SER A 212 1.52 -2.20 -17.27
C SER A 212 1.62 -0.69 -17.19
N PHE A 213 1.99 -0.15 -16.02
CA PHE A 213 2.11 1.30 -15.88
C PHE A 213 3.34 1.84 -16.60
N TYR A 214 4.48 1.17 -16.43
CA TYR A 214 5.73 1.69 -16.97
C TYR A 214 5.82 1.54 -18.48
N ILE A 215 5.19 0.50 -19.05
CA ILE A 215 5.29 0.30 -20.49
C ILE A 215 4.56 1.39 -21.27
N HIS A 216 3.58 2.05 -20.66
CA HIS A 216 2.87 3.16 -21.30
C HIS A 216 3.51 4.51 -21.02
N ALA A 217 4.47 4.58 -20.10
CA ALA A 217 5.07 5.84 -19.71
C ALA A 217 6.44 6.09 -20.33
N ILE A 218 7.09 5.05 -20.86
CA ILE A 218 8.38 5.19 -21.53
C ILE A 218 8.18 6.05 -22.78
N PRO A 219 9.24 6.65 -23.34
CA PRO A 219 9.04 7.55 -24.49
C PRO A 219 8.36 6.87 -25.66
N GLN A 220 7.59 7.66 -26.41
CA GLN A 220 6.86 7.19 -27.57
C GLN A 220 7.72 7.48 -28.80
N THR A 221 8.60 6.54 -29.13
CA THR A 221 9.58 6.72 -30.18
C THR A 221 9.60 5.51 -31.10
N ALA A 222 10.05 5.76 -32.33
CA ALA A 222 10.26 4.71 -33.31
C ALA A 222 11.73 4.37 -33.50
N ASP A 223 12.63 5.06 -32.80
CA ASP A 223 14.05 4.78 -32.88
C ASP A 223 14.39 3.61 -31.96
N ALA A 224 15.03 2.58 -32.52
CA ALA A 224 15.36 1.40 -31.73
C ALA A 224 16.42 1.72 -30.69
N LYS A 225 17.24 2.75 -30.91
CA LYS A 225 18.27 3.11 -29.95
C LYS A 225 17.69 3.59 -28.62
N ILE A 226 16.40 3.94 -28.60
CA ILE A 226 15.73 4.40 -27.39
C ILE A 226 14.68 3.40 -26.91
N ALA A 227 13.91 2.82 -27.84
CA ALA A 227 12.82 1.94 -27.46
C ALA A 227 13.33 0.68 -26.77
N VAL A 228 14.33 0.02 -27.38
CA VAL A 228 14.83 -1.23 -26.81
C VAL A 228 15.43 -1.04 -25.41
N PRO A 229 16.28 -0.04 -25.16
CA PRO A 229 16.78 0.12 -23.79
C PRO A 229 15.69 0.43 -22.77
N SER A 230 14.71 1.25 -23.12
CA SER A 230 13.64 1.58 -22.19
C SER A 230 12.68 0.41 -21.98
N VAL A 231 12.41 -0.38 -23.02
CA VAL A 231 11.63 -1.60 -22.83
C VAL A 231 12.41 -2.59 -21.96
N LEU A 232 13.72 -2.67 -22.17
CA LEU A 232 14.55 -3.48 -21.29
C LEU A 232 14.54 -2.92 -19.87
N SER A 233 14.50 -1.60 -19.73
CA SER A 233 14.53 -0.98 -18.40
C SER A 233 13.32 -1.39 -17.57
N VAL A 234 12.13 -1.39 -18.18
CA VAL A 234 10.95 -1.82 -17.45
C VAL A 234 10.96 -3.34 -17.21
N MET A 235 11.74 -4.08 -18.00
CA MET A 235 11.91 -5.50 -17.72
C MET A 235 12.72 -5.73 -16.45
N ARG A 236 13.79 -4.95 -16.27
CA ARG A 236 14.61 -5.08 -15.06
C ARG A 236 13.86 -4.57 -13.83
N ASN A 237 12.94 -3.61 -14.02
CA ASN A 237 12.11 -3.15 -12.91
C ASN A 237 11.22 -4.27 -12.41
N VAL A 238 10.52 -4.95 -13.33
CA VAL A 238 9.67 -6.08 -12.96
C VAL A 238 10.47 -7.36 -12.76
N SER A 239 11.78 -7.32 -12.96
CA SER A 239 12.60 -8.47 -12.61
C SER A 239 12.74 -8.58 -11.10
N VAL A 240 13.12 -9.76 -10.64
CA VAL A 240 13.33 -9.99 -9.21
C VAL A 240 14.83 -10.16 -8.98
N PRO A 241 15.39 -9.60 -7.91
CA PRO A 241 16.84 -9.70 -7.70
C PRO A 241 17.28 -11.14 -7.55
N PHE A 242 18.58 -11.35 -7.76
CA PHE A 242 19.13 -12.70 -7.84
C PHE A 242 19.27 -13.32 -6.45
N GLY A 243 18.90 -14.59 -6.35
CA GLY A 243 19.07 -15.34 -5.12
C GLY A 243 18.28 -14.81 -3.94
N ILE A 244 17.15 -14.16 -4.19
CA ILE A 244 16.34 -13.62 -3.10
C ILE A 244 15.85 -14.75 -2.22
N ASN A 245 16.11 -14.63 -0.92
CA ASN A 245 15.70 -15.65 0.03
C ASN A 245 15.55 -15.01 1.41
N THR A 246 14.61 -15.53 2.17
CA THR A 246 14.36 -15.15 3.56
C THR A 246 14.34 -16.42 4.40
N PRO A 247 14.55 -16.30 5.72
CA PRO A 247 14.47 -17.50 6.56
C PRO A 247 13.12 -18.20 6.51
N GLU A 248 12.04 -17.44 6.37
CA GLU A 248 10.68 -17.99 6.32
C GLU A 248 10.25 -18.38 4.92
N LYS A 249 10.95 -17.93 3.89
CA LYS A 249 10.71 -18.33 2.51
C LYS A 249 12.06 -18.69 1.90
N PRO A 250 12.57 -19.89 2.18
CA PRO A 250 13.98 -20.17 1.88
C PRO A 250 14.34 -20.20 0.40
N HIS A 251 13.44 -20.63 -0.48
CA HIS A 251 13.77 -20.77 -1.89
C HIS A 251 12.74 -20.05 -2.75
N ILE A 252 13.18 -19.03 -3.46
CA ILE A 252 12.33 -18.18 -4.29
C ILE A 252 12.93 -18.12 -5.68
N SER A 253 12.08 -18.00 -6.69
CA SER A 253 12.53 -18.00 -8.09
C SER A 253 13.10 -16.64 -8.47
N SER A 254 14.38 -16.60 -8.79
CA SER A 254 15.05 -15.38 -9.22
C SER A 254 15.13 -15.30 -10.74
N THR A 255 15.28 -14.08 -11.24
CA THR A 255 15.38 -13.87 -12.68
C THR A 255 16.71 -14.40 -13.20
N ARG A 256 16.64 -15.25 -14.22
CA ARG A 256 17.85 -15.85 -14.79
C ARG A 256 18.27 -15.20 -16.10
N TRP A 257 17.31 -14.83 -16.96
CA TRP A 257 17.63 -14.10 -18.18
C TRP A 257 16.43 -13.28 -18.61
N ARG A 258 16.66 -12.40 -19.58
CA ARG A 258 15.63 -11.55 -20.15
C ARG A 258 15.73 -11.58 -21.67
N SER A 259 14.61 -11.28 -22.33
CA SER A 259 14.57 -11.22 -23.78
C SER A 259 13.76 -10.01 -24.22
N VAL A 260 14.25 -9.34 -25.26
CA VAL A 260 13.57 -8.18 -25.84
C VAL A 260 13.57 -8.35 -27.35
N SER A 261 12.38 -8.49 -27.94
CA SER A 261 12.23 -8.77 -29.37
C SER A 261 11.77 -7.50 -30.08
N ASP A 262 12.60 -7.00 -30.98
CA ASP A 262 12.26 -5.85 -31.82
C ASP A 262 11.51 -6.40 -33.03
N GLN A 263 10.18 -6.42 -32.93
CA GLN A 263 9.35 -7.05 -33.96
C GLN A 263 9.28 -6.24 -35.24
N LYS A 264 9.80 -5.01 -35.25
CA LYS A 264 9.80 -4.21 -36.47
C LYS A 264 11.06 -4.44 -37.29
N ASN A 265 12.23 -4.37 -36.66
CA ASN A 265 13.50 -4.61 -37.33
C ASN A 265 13.91 -6.07 -37.29
N LYS A 266 13.11 -6.93 -36.67
CA LYS A 266 13.36 -8.37 -36.61
C LYS A 266 14.69 -8.68 -35.93
N VAL A 267 14.87 -8.15 -34.73
CA VAL A 267 16.07 -8.36 -33.94
C VAL A 267 15.66 -8.96 -32.60
N TYR A 268 16.42 -9.95 -32.14
CA TYR A 268 16.12 -10.69 -30.91
C TYR A 268 17.26 -10.46 -29.92
N TYR A 269 17.04 -9.56 -28.97
CA TYR A 269 18.02 -9.29 -27.92
C TYR A 269 17.88 -10.33 -26.80
N PHE A 270 18.95 -10.45 -26.01
CA PHE A 270 18.99 -11.45 -24.95
C PHE A 270 20.05 -11.05 -23.94
N GLU A 271 19.76 -11.25 -22.66
CA GLU A 271 20.69 -10.92 -21.58
C GLU A 271 20.48 -11.88 -20.43
N SER A 272 21.58 -12.40 -19.89
CA SER A 272 21.54 -13.21 -18.68
C SER A 272 21.95 -12.38 -17.48
N THR A 273 21.36 -12.69 -16.32
CA THR A 273 21.62 -11.90 -15.12
C THR A 273 23.06 -12.01 -14.67
N LEU A 274 23.64 -13.20 -14.71
CA LEU A 274 25.02 -13.40 -14.26
C LEU A 274 26.04 -13.15 -15.35
N THR A 275 25.63 -12.69 -16.53
CA THR A 275 26.57 -12.25 -17.55
C THR A 275 26.44 -10.75 -17.78
N PRO A 276 27.55 -10.05 -18.03
CA PRO A 276 27.49 -8.58 -18.03
C PRO A 276 26.90 -7.94 -19.28
N ASN A 277 26.90 -8.62 -20.42
CA ASN A 277 26.58 -7.98 -21.68
C ASN A 277 25.18 -8.35 -22.17
N LEU A 278 24.58 -7.43 -22.94
CA LEU A 278 23.31 -7.66 -23.63
C LEU A 278 23.63 -7.86 -25.11
N PHE A 279 23.54 -9.09 -25.57
CA PHE A 279 23.78 -9.43 -26.96
C PHE A 279 22.46 -9.58 -27.71
N TRP A 280 22.56 -9.75 -29.02
CA TRP A 280 21.38 -9.88 -29.86
C TRP A 280 21.70 -10.72 -31.08
N LEU A 281 20.64 -11.11 -31.79
CA LEU A 281 20.75 -11.87 -33.03
C LEU A 281 19.86 -11.19 -34.07
N ASP A 282 20.49 -10.58 -35.07
CA ASP A 282 19.75 -9.91 -36.14
C ASP A 282 19.22 -10.98 -37.09
N LEU A 283 17.91 -11.20 -37.06
CA LEU A 283 17.30 -12.20 -37.95
C LEU A 283 17.44 -11.80 -39.41
N LYS A 284 17.63 -10.52 -39.71
CA LYS A 284 17.86 -10.09 -41.07
C LYS A 284 19.21 -10.53 -41.61
N LYS A 285 20.12 -10.96 -40.73
CA LYS A 285 21.42 -11.48 -41.12
C LYS A 285 21.53 -12.98 -40.90
N ILE A 286 20.39 -13.67 -40.75
CA ILE A 286 20.35 -15.11 -40.54
C ILE A 286 19.66 -15.75 -41.74
N ASP A 287 20.27 -16.82 -42.26
CA ASP A 287 19.73 -17.54 -43.40
C ASP A 287 18.78 -18.63 -42.89
N PHE A 288 17.48 -18.44 -43.09
CA PHE A 288 16.47 -19.39 -42.66
C PHE A 288 16.08 -20.37 -43.76
N SER A 289 16.90 -20.50 -44.81
CA SER A 289 16.58 -21.42 -45.88
C SER A 289 16.60 -22.86 -45.38
N PRO A 290 15.78 -23.75 -45.96
CA PRO A 290 15.72 -25.13 -45.46
C PRO A 290 17.05 -25.86 -45.49
N LYS A 291 17.97 -25.46 -46.37
CA LYS A 291 19.27 -26.12 -46.48
C LYS A 291 20.34 -25.46 -45.62
N ALA A 292 19.96 -24.53 -44.74
CA ALA A 292 20.95 -23.81 -43.94
C ALA A 292 21.49 -24.67 -42.81
N GLY A 293 20.64 -25.49 -42.20
CA GLY A 293 21.03 -26.33 -41.09
C GLY A 293 20.77 -25.68 -39.74
N VAL A 294 20.69 -26.52 -38.72
CA VAL A 294 20.41 -26.05 -37.37
C VAL A 294 21.66 -25.43 -36.77
N LYS A 295 21.50 -24.24 -36.19
CA LYS A 295 22.60 -23.54 -35.53
C LYS A 295 22.21 -23.22 -34.10
N LYS A 296 23.19 -23.26 -33.20
CA LYS A 296 22.96 -23.10 -31.78
C LYS A 296 23.93 -22.08 -31.20
N LEU A 297 23.42 -21.21 -30.34
CA LEU A 297 24.24 -20.29 -29.54
C LEU A 297 24.08 -20.71 -28.08
N SER A 298 25.05 -21.47 -27.58
CA SER A 298 24.95 -22.05 -26.26
C SER A 298 25.24 -21.03 -25.17
N LEU A 299 24.55 -21.18 -24.04
CA LEU A 299 24.71 -20.30 -22.89
C LEU A 299 24.92 -21.06 -21.58
N THR A 300 24.96 -22.39 -21.63
CA THR A 300 24.94 -23.18 -20.40
C THR A 300 26.23 -23.05 -19.62
N LYS A 301 27.38 -23.18 -20.29
CA LYS A 301 28.65 -23.28 -19.57
C LYS A 301 29.25 -21.90 -19.32
N GLY A 302 28.39 -20.90 -19.19
CA GLY A 302 28.82 -19.57 -18.81
C GLY A 302 29.52 -18.77 -19.88
N GLU A 303 29.15 -18.96 -21.15
CA GLU A 303 29.79 -18.22 -22.22
C GLU A 303 29.33 -16.76 -22.22
N ILE A 304 30.26 -15.86 -22.57
CA ILE A 304 30.01 -14.43 -22.56
C ILE A 304 30.04 -13.94 -24.00
N TYR A 305 28.91 -13.43 -24.48
CA TYR A 305 28.80 -12.85 -25.81
C TYR A 305 28.50 -11.36 -25.70
N ALA A 306 28.76 -10.64 -26.78
CA ALA A 306 28.58 -9.20 -26.79
C ALA A 306 28.24 -8.73 -28.20
N GLY A 307 27.40 -7.69 -28.28
CA GLY A 307 27.05 -7.13 -29.57
C GLY A 307 26.23 -8.10 -30.40
N ASP A 308 26.54 -8.16 -31.69
CA ASP A 308 25.89 -9.10 -32.59
C ASP A 308 26.54 -10.47 -32.41
N ALA A 309 25.71 -11.47 -32.09
CA ALA A 309 26.20 -12.80 -31.74
C ALA A 309 26.00 -13.83 -32.85
N VAL A 310 25.68 -13.39 -34.08
CA VAL A 310 25.58 -14.33 -35.18
C VAL A 310 26.95 -14.91 -35.49
N LYS A 311 28.02 -14.20 -35.15
CA LYS A 311 29.37 -14.70 -35.37
C LYS A 311 29.64 -15.97 -34.57
N ASP A 312 29.09 -16.05 -33.35
CA ASP A 312 29.35 -17.15 -32.44
C ASP A 312 28.35 -18.30 -32.59
N LEU A 313 27.53 -18.28 -33.63
CA LEU A 313 26.60 -19.38 -33.86
C LEU A 313 27.35 -20.60 -34.36
N LYS A 314 27.20 -21.72 -33.65
CA LYS A 314 27.85 -22.97 -34.01
C LYS A 314 26.85 -23.92 -34.65
N ASP A 315 27.32 -24.67 -35.64
CA ASP A 315 26.51 -25.75 -36.21
C ASP A 315 26.22 -26.78 -35.13
N SER A 316 24.96 -27.20 -35.06
CA SER A 316 24.52 -28.11 -34.02
C SER A 316 23.33 -28.91 -34.50
N GLN A 317 23.04 -29.99 -33.77
CA GLN A 317 21.84 -30.78 -33.96
C GLN A 317 20.76 -30.29 -33.00
N SER A 318 19.51 -30.27 -33.48
CA SER A 318 18.41 -29.77 -32.67
C SER A 318 18.25 -30.59 -31.41
N PHE A 319 17.96 -29.91 -30.30
CA PHE A 319 17.66 -30.59 -29.05
C PHE A 319 16.40 -31.44 -29.21
N THR A 320 16.35 -32.55 -28.49
CA THR A 320 15.22 -33.46 -28.56
C THR A 320 14.14 -32.99 -27.59
N PHE A 321 12.95 -32.70 -28.11
CA PHE A 321 11.83 -32.37 -27.25
C PHE A 321 11.48 -33.57 -26.38
N LEU A 322 11.21 -33.32 -25.11
CA LEU A 322 10.79 -34.37 -24.19
C LEU A 322 9.28 -34.33 -24.01
N PHE A 323 8.66 -35.50 -24.05
CA PHE A 323 7.22 -35.62 -23.84
C PHE A 323 6.89 -36.56 -22.68
N GLU A 324 7.88 -36.98 -21.91
CA GLU A 324 7.72 -38.00 -20.89
C GLU A 324 8.07 -37.45 -19.51
N THR A 325 7.90 -38.30 -18.50
CA THR A 325 7.99 -37.97 -17.08
C THR A 325 9.42 -37.66 -16.62
N PRO A 326 10.44 -38.42 -17.06
CA PRO A 326 11.77 -38.01 -16.58
C PRO A 326 12.35 -36.86 -17.39
N MET B 1 15.85 10.98 -6.83
CA MET B 1 16.89 10.74 -7.82
C MET B 1 17.65 9.44 -7.52
N CYS B 2 18.90 9.59 -7.10
CA CYS B 2 19.84 8.47 -7.04
C CYS B 2 19.56 7.55 -5.85
N THR B 3 20.14 6.35 -5.91
CA THR B 3 20.02 5.34 -4.87
C THR B 3 21.38 4.67 -4.66
N ARG B 4 21.70 4.39 -3.40
CA ARG B 4 22.96 3.78 -3.02
C ARG B 4 22.70 2.62 -2.06
N ALA B 5 23.43 1.52 -2.23
CA ALA B 5 23.25 0.35 -1.40
C ALA B 5 24.60 -0.34 -1.21
N VAL B 6 24.87 -0.76 0.03
CA VAL B 6 26.12 -1.40 0.40
C VAL B 6 25.84 -2.85 0.78
N TYR B 7 26.61 -3.78 0.21
CA TYR B 7 26.47 -5.20 0.47
C TYR B 7 27.59 -5.67 1.39
N LEU B 8 27.22 -6.40 2.44
CA LEU B 8 28.16 -6.91 3.43
C LEU B 8 28.11 -8.43 3.39
N GLY B 9 28.96 -9.04 2.58
CA GLY B 9 29.02 -10.47 2.46
C GLY B 9 30.06 -11.08 3.38
N PRO B 10 30.24 -12.39 3.29
CA PRO B 10 31.22 -13.07 4.15
C PRO B 10 32.64 -12.81 3.68
N ASP B 11 33.58 -13.00 4.62
CA ASP B 11 35.00 -12.93 4.36
C ASP B 11 35.40 -11.56 3.79
N ARG B 12 34.97 -10.51 4.49
CA ARG B 12 35.33 -9.12 4.16
C ARG B 12 34.89 -8.75 2.75
N MET B 13 33.72 -9.21 2.35
CA MET B 13 33.16 -8.90 1.03
C MET B 13 32.32 -7.62 1.16
N VAL B 14 32.81 -6.54 0.54
CA VAL B 14 32.13 -5.24 0.57
C VAL B 14 31.91 -4.81 -0.87
N VAL B 15 30.64 -4.64 -1.25
CA VAL B 15 30.27 -4.22 -2.59
C VAL B 15 29.21 -3.12 -2.46
N THR B 16 29.47 -1.98 -3.09
CA THR B 16 28.59 -0.82 -3.02
C THR B 16 28.05 -0.50 -4.41
N GLY B 17 26.74 -0.61 -4.56
CA GLY B 17 26.07 -0.26 -5.80
C GLY B 17 25.44 1.12 -5.71
N ARG B 18 25.39 1.80 -6.85
CA ARG B 18 24.87 3.17 -6.88
C ARG B 18 24.20 3.42 -8.22
N THR B 19 23.04 4.08 -8.18
CA THR B 19 22.34 4.50 -9.38
C THR B 19 22.51 6.01 -9.58
N MET B 20 22.39 6.43 -10.84
CA MET B 20 22.44 7.84 -11.19
C MET B 20 21.17 8.19 -11.95
N ASP B 21 20.33 9.00 -11.34
CA ASP B 21 19.03 9.37 -11.91
C ASP B 21 19.04 10.87 -12.20
N TRP B 22 18.82 11.22 -13.47
CA TRP B 22 18.82 12.61 -13.88
C TRP B 22 17.79 12.81 -14.99
N LYS B 23 17.25 14.02 -15.06
CA LYS B 23 16.20 14.31 -16.04
C LYS B 23 16.73 14.40 -17.46
N GLU B 24 17.98 14.85 -17.64
CA GLU B 24 18.57 14.90 -18.97
C GLU B 24 19.87 14.12 -19.02
N ASP B 25 20.62 14.25 -20.11
CA ASP B 25 21.92 13.60 -20.25
C ASP B 25 22.90 14.22 -19.26
N ILE B 26 23.30 13.44 -18.26
CA ILE B 26 24.29 13.92 -17.29
C ILE B 26 25.65 14.13 -17.94
N MET B 27 25.92 13.45 -19.05
CA MET B 27 27.18 13.57 -19.78
C MET B 27 28.37 13.25 -18.88
N SER B 28 28.31 12.09 -18.23
CA SER B 28 29.35 11.66 -17.31
C SER B 28 30.46 10.94 -18.05
N ASN B 29 31.69 11.20 -17.65
CA ASN B 29 32.86 10.46 -18.08
C ASN B 29 33.56 9.87 -16.88
N ILE B 30 34.49 8.95 -17.14
CA ILE B 30 35.26 8.28 -16.10
C ILE B 30 36.71 8.74 -16.22
N TYR B 31 37.31 9.11 -15.09
CA TYR B 31 38.68 9.60 -15.04
C TYR B 31 39.50 8.77 -14.07
N VAL B 32 40.75 8.52 -14.45
CA VAL B 32 41.70 7.79 -13.62
C VAL B 32 42.76 8.79 -13.16
N PHE B 33 42.75 9.11 -11.87
CA PHE B 33 43.65 10.09 -11.30
C PHE B 33 44.79 9.40 -10.58
N PRO B 34 46.04 9.65 -10.96
CA PRO B 34 47.16 9.11 -10.17
C PRO B 34 47.28 9.81 -8.83
N ARG B 35 48.02 9.18 -7.93
CA ARG B 35 48.27 9.80 -6.64
C ARG B 35 49.27 10.94 -6.77
N GLY B 36 49.33 11.77 -5.74
CA GLY B 36 50.27 12.87 -5.72
C GLY B 36 49.85 14.10 -6.49
N MET B 37 48.58 14.21 -6.88
CA MET B 37 48.10 15.40 -7.55
C MET B 37 47.73 16.47 -6.53
N GLN B 38 47.91 17.73 -6.91
CA GLN B 38 47.64 18.87 -6.06
C GLN B 38 46.37 19.56 -6.52
N ARG B 39 45.37 19.64 -5.64
CA ARG B 39 44.08 20.25 -5.94
C ARG B 39 43.74 21.29 -4.90
N ALA B 40 42.92 22.26 -5.30
CA ALA B 40 42.46 23.32 -4.42
C ALA B 40 40.94 23.28 -4.33
N GLY B 41 40.41 23.68 -3.17
CA GLY B 41 38.98 23.65 -2.93
C GLY B 41 38.18 24.75 -3.58
N HIS B 42 38.84 25.73 -4.17
CA HIS B 42 38.18 26.85 -4.84
C HIS B 42 39.24 27.63 -5.60
N ASN B 43 38.79 28.49 -6.51
CA ASN B 43 39.68 29.32 -7.29
C ASN B 43 39.58 30.80 -6.97
N LYS B 44 38.52 31.24 -6.27
CA LYS B 44 38.33 32.65 -5.97
C LYS B 44 37.99 32.91 -4.51
N GLU B 45 38.01 31.89 -3.66
CA GLU B 45 37.76 32.05 -2.23
C GLU B 45 38.87 31.37 -1.44
N LYS B 46 39.06 31.84 -0.21
CA LYS B 46 40.03 31.21 0.68
C LYS B 46 39.69 29.74 0.88
N THR B 47 40.72 28.88 0.88
CA THR B 47 40.49 27.45 0.84
C THR B 47 41.57 26.71 1.60
N VAL B 48 41.44 25.39 1.56
CA VAL B 48 42.49 24.46 1.94
C VAL B 48 43.06 23.85 0.67
N ASN B 49 44.30 23.38 0.77
CA ASN B 49 44.98 22.72 -0.34
C ASN B 49 45.49 21.37 0.13
N TRP B 50 45.64 20.45 -0.82
CA TRP B 50 46.07 19.10 -0.46
C TRP B 50 46.68 18.43 -1.67
N THR B 51 47.58 17.49 -1.40
CA THR B 51 48.15 16.60 -2.40
C THR B 51 47.51 15.23 -2.25
N SER B 52 47.01 14.69 -3.36
CA SER B 52 46.25 13.44 -3.31
C SER B 52 47.11 12.31 -2.75
N LYS B 53 46.66 11.73 -1.65
CA LYS B 53 47.39 10.64 -1.00
C LYS B 53 47.15 9.30 -1.67
N TYR B 54 46.04 9.14 -2.39
CA TYR B 54 45.71 7.89 -3.05
C TYR B 54 45.08 8.19 -4.41
N GLY B 55 45.48 7.43 -5.42
CA GLY B 55 44.82 7.50 -6.71
C GLY B 55 43.43 6.90 -6.65
N SER B 56 42.64 7.18 -7.69
CA SER B 56 41.25 6.76 -7.68
C SER B 56 40.70 6.71 -9.10
N VAL B 57 39.62 5.96 -9.26
CA VAL B 57 38.83 5.92 -10.48
C VAL B 57 37.47 6.51 -10.16
N ILE B 58 37.10 7.59 -10.86
CA ILE B 58 35.92 8.36 -10.49
C ILE B 58 35.04 8.60 -11.72
N ALA B 59 33.77 8.89 -11.45
CA ALA B 59 32.82 9.29 -12.48
C ALA B 59 32.39 10.72 -12.20
N THR B 60 32.27 11.51 -13.26
CA THR B 60 32.01 12.94 -13.14
C THR B 60 30.53 13.24 -13.39
N GLY B 61 30.20 14.52 -13.26
CA GLY B 61 28.89 15.02 -13.63
C GLY B 61 29.03 16.27 -14.50
N TYR B 62 28.70 16.15 -15.78
CA TYR B 62 28.91 17.20 -16.78
C TYR B 62 30.39 17.57 -16.91
N ASP B 63 31.28 16.72 -16.42
CA ASP B 63 32.72 16.99 -16.39
C ASP B 63 33.03 18.28 -15.64
N ILE B 64 32.24 18.61 -14.63
CA ILE B 64 32.48 19.78 -13.79
C ILE B 64 32.81 19.42 -12.36
N GLY B 65 32.63 18.17 -11.95
CA GLY B 65 32.91 17.77 -10.58
C GLY B 65 32.70 16.27 -10.43
N THR B 66 33.23 15.74 -9.33
CA THR B 66 33.17 14.32 -9.05
C THR B 66 31.97 14.00 -8.16
N CYS B 67 31.26 12.93 -8.50
CA CYS B 67 30.09 12.52 -7.74
C CYS B 67 30.10 11.05 -7.36
N ASP B 68 31.08 10.27 -7.85
CA ASP B 68 31.15 8.84 -7.55
C ASP B 68 32.53 8.30 -7.92
N GLY B 69 33.13 7.50 -7.03
CA GLY B 69 34.43 6.93 -7.33
C GLY B 69 34.90 5.99 -6.25
N MET B 70 36.06 5.40 -6.50
CA MET B 70 36.72 4.49 -5.57
C MET B 70 38.22 4.65 -5.72
N ASN B 71 38.95 4.57 -4.60
CA ASN B 71 40.37 4.84 -4.59
C ASN B 71 41.18 3.55 -4.41
N GLU B 72 42.48 3.70 -4.15
CA GLU B 72 43.38 2.57 -4.05
C GLU B 72 42.96 1.60 -2.95
N LYS B 73 42.60 2.13 -1.78
CA LYS B 73 42.31 1.31 -0.61
C LYS B 73 40.86 0.87 -0.53
N GLY B 74 40.11 0.93 -1.64
CA GLY B 74 38.75 0.45 -1.66
C GLY B 74 37.73 1.34 -0.99
N LEU B 75 38.07 2.60 -0.74
CA LEU B 75 37.12 3.55 -0.16
C LEU B 75 36.26 4.14 -1.27
N VAL B 76 34.94 4.08 -1.08
CA VAL B 76 33.97 4.50 -2.09
C VAL B 76 33.24 5.73 -1.58
N ALA B 77 33.14 6.75 -2.43
CA ALA B 77 32.41 7.97 -2.14
C ALA B 77 31.31 8.15 -3.18
N SER B 78 30.16 8.67 -2.73
CA SER B 78 29.03 8.88 -3.63
C SER B 78 28.27 10.13 -3.21
N LEU B 79 28.07 11.03 -4.15
CA LEU B 79 27.38 12.30 -3.90
C LEU B 79 25.96 12.20 -4.45
N LEU B 80 24.99 12.10 -3.55
CA LEU B 80 23.59 11.95 -3.91
C LEU B 80 22.80 13.20 -3.50
N PHE B 81 21.66 13.39 -4.16
CA PHE B 81 20.88 14.60 -4.02
C PHE B 81 20.10 14.62 -2.71
N LEU B 82 19.96 15.81 -2.14
CA LEU B 82 19.20 16.00 -0.90
C LEU B 82 18.70 17.44 -0.86
N PRO B 83 17.47 17.68 -1.34
CA PRO B 83 17.02 19.05 -1.60
C PRO B 83 16.93 19.95 -0.37
N GLU B 84 16.97 19.40 0.85
CA GLU B 84 16.86 20.21 2.06
C GLU B 84 18.22 20.48 2.69
N SER B 85 19.31 20.31 1.94
CA SER B 85 20.64 20.53 2.49
C SER B 85 20.96 22.02 2.51
N VAL B 86 21.38 22.50 3.68
CA VAL B 86 21.89 23.86 3.85
C VAL B 86 23.26 23.73 4.48
N TYR B 87 24.31 24.07 3.71
CA TYR B 87 25.67 23.78 4.13
C TYR B 87 26.16 24.73 5.22
N SER B 88 25.80 26.02 5.13
CA SER B 88 26.27 27.00 6.08
C SER B 88 25.18 28.01 6.36
N LEU B 89 25.40 28.81 7.39
CA LEU B 89 24.57 29.96 7.72
C LEU B 89 25.25 31.24 7.24
N PRO B 90 24.47 32.28 6.95
CA PRO B 90 25.06 33.53 6.47
C PRO B 90 26.07 34.10 7.46
N GLY B 91 27.22 34.51 6.93
CA GLY B 91 28.31 35.00 7.75
C GLY B 91 29.41 34.01 8.02
N ASP B 92 29.49 32.92 7.25
CA ASP B 92 30.50 31.89 7.48
C ASP B 92 31.77 32.29 6.75
N THR B 93 32.84 32.54 7.52
CA THR B 93 34.12 32.97 6.96
C THR B 93 35.17 31.86 7.01
N ARG B 94 34.73 30.60 7.10
CA ARG B 94 35.66 29.49 7.02
C ARG B 94 36.13 29.30 5.58
N PRO B 95 37.22 28.58 5.36
CA PRO B 95 37.60 28.21 4.00
C PRO B 95 36.46 27.46 3.31
N ALA B 96 36.29 27.72 2.02
CA ALA B 96 35.12 27.29 1.27
C ALA B 96 35.52 26.25 0.22
N MET B 97 35.27 24.98 0.52
CA MET B 97 35.51 23.93 -0.45
C MET B 97 34.30 23.80 -1.37
N GLY B 98 34.55 23.79 -2.67
CA GLY B 98 33.46 23.65 -3.64
C GLY B 98 32.81 22.29 -3.56
N ILE B 99 31.51 22.26 -3.87
CA ILE B 99 30.77 21.00 -3.85
C ILE B 99 31.23 20.06 -4.95
N SER B 100 31.81 20.60 -6.02
CA SER B 100 32.26 19.75 -7.13
C SER B 100 33.52 18.97 -6.77
N ILE B 101 34.32 19.48 -5.84
CA ILE B 101 35.57 18.82 -5.44
C ILE B 101 35.43 18.07 -4.12
N TRP B 102 34.31 18.25 -3.40
CA TRP B 102 34.16 17.62 -2.09
C TRP B 102 34.29 16.10 -2.17
N THR B 103 33.65 15.48 -3.16
CA THR B 103 33.74 14.03 -3.31
C THR B 103 35.17 13.60 -3.63
N GLN B 104 35.84 14.33 -4.51
CA GLN B 104 37.23 14.00 -4.83
C GLN B 104 38.14 14.20 -3.63
N TYR B 105 37.83 15.17 -2.78
CA TYR B 105 38.63 15.42 -1.59
C TYR B 105 38.67 14.21 -0.68
N VAL B 106 37.53 13.51 -0.55
CA VAL B 106 37.47 12.34 0.33
C VAL B 106 38.21 11.16 -0.30
N LEU B 107 38.07 10.99 -1.61
CA LEU B 107 38.75 9.88 -2.29
C LEU B 107 40.26 10.11 -2.41
N ASP B 108 40.72 11.34 -2.20
CA ASP B 108 42.14 11.66 -2.34
C ASP B 108 42.91 11.51 -1.04
N ASN B 109 42.29 11.76 0.11
CA ASN B 109 43.01 11.91 1.36
C ASN B 109 42.71 10.84 2.40
N PHE B 110 41.70 10.01 2.21
CA PHE B 110 41.28 9.07 3.24
C PHE B 110 41.24 7.65 2.68
N ALA B 111 41.75 6.71 3.46
CA ALA B 111 41.68 5.29 3.16
C ALA B 111 40.76 4.53 4.09
N THR B 112 40.18 5.20 5.08
CA THR B 112 39.31 4.58 6.07
C THR B 112 38.21 5.57 6.44
N VAL B 113 36.99 5.06 6.56
CA VAL B 113 35.87 5.90 6.99
C VAL B 113 36.17 6.56 8.33
N ARG B 114 36.83 5.83 9.23
CA ARG B 114 37.21 6.40 10.52
C ARG B 114 38.14 7.59 10.34
N GLU B 115 39.02 7.55 9.34
CA GLU B 115 39.88 8.68 9.06
C GLU B 115 39.11 9.83 8.43
N ALA B 116 38.17 9.52 7.54
CA ALA B 116 37.39 10.56 6.87
C ALA B 116 36.47 11.27 7.85
N VAL B 117 35.88 10.54 8.79
CA VAL B 117 34.96 11.15 9.75
C VAL B 117 35.72 12.02 10.74
N ASP B 118 36.90 11.57 11.18
CA ASP B 118 37.67 12.34 12.15
C ASP B 118 38.10 13.68 11.58
N GLU B 119 38.51 13.71 10.31
CA GLU B 119 38.91 14.96 9.68
C GLU B 119 37.69 15.84 9.41
N MET B 120 36.57 15.24 9.03
CA MET B 120 35.38 16.02 8.72
C MET B 120 34.75 16.63 9.97
N LYS B 121 34.87 15.96 11.12
CA LYS B 121 34.26 16.46 12.34
C LYS B 121 34.99 17.65 12.94
N LYS B 122 36.18 17.99 12.43
CA LYS B 122 36.84 19.23 12.85
C LYS B 122 36.19 20.46 12.24
N GLU B 123 35.44 20.30 11.14
CA GLU B 123 34.71 21.40 10.49
C GLU B 123 35.63 22.58 10.18
N THR B 124 36.81 22.26 9.64
CA THR B 124 37.75 23.31 9.27
C THR B 124 37.23 24.14 8.11
N PHE B 125 36.56 23.50 7.15
CA PHE B 125 36.07 24.17 5.96
C PHE B 125 34.56 24.06 5.85
N ARG B 126 33.98 24.96 5.07
CA ARG B 126 32.57 24.93 4.72
C ARG B 126 32.42 24.51 3.26
N ILE B 127 31.18 24.21 2.88
CA ILE B 127 30.87 23.78 1.52
C ILE B 127 30.21 24.94 0.79
N ASP B 128 30.86 25.42 -0.27
CA ASP B 128 30.30 26.43 -1.15
C ASP B 128 29.71 25.70 -2.35
N ALA B 129 28.38 25.72 -2.46
CA ALA B 129 27.66 24.99 -3.51
C ALA B 129 26.90 25.95 -4.40
N PRO B 130 27.47 26.37 -5.54
CA PRO B 130 26.70 27.13 -6.52
C PRO B 130 25.66 26.23 -7.18
N ARG B 131 24.79 26.86 -7.96
CA ARG B 131 23.73 26.12 -8.64
C ARG B 131 24.28 25.43 -9.89
N MET B 132 23.72 24.26 -10.18
CA MET B 132 24.07 23.52 -11.39
C MET B 132 23.82 24.37 -12.63
N PRO B 133 24.57 24.16 -13.70
CA PRO B 133 24.45 25.02 -14.88
C PRO B 133 23.19 24.76 -15.68
N ASN B 134 22.83 25.76 -16.48
CA ASN B 134 21.71 25.70 -17.42
C ASN B 134 20.39 25.34 -16.71
N GLY B 135 19.97 26.26 -15.85
CA GLY B 135 18.68 26.14 -15.18
C GLY B 135 18.49 24.88 -14.37
N GLY B 136 19.58 24.21 -13.98
CA GLY B 136 19.47 23.01 -13.20
C GLY B 136 19.16 23.30 -11.76
N PRO B 137 18.97 22.23 -10.99
CA PRO B 137 18.71 22.38 -9.55
C PRO B 137 19.91 22.99 -8.85
N GLU B 138 19.67 23.49 -7.65
CA GLU B 138 20.77 23.99 -6.83
C GLU B 138 21.45 22.82 -6.13
N SER B 139 22.79 22.86 -6.07
CA SER B 139 23.59 21.72 -5.67
C SER B 139 23.42 21.44 -4.18
N THR B 140 22.29 20.83 -3.84
CA THR B 140 22.03 20.32 -2.50
C THR B 140 22.25 18.82 -2.53
N LEU B 141 23.33 18.36 -1.87
CA LEU B 141 23.73 16.96 -1.94
C LEU B 141 24.27 16.51 -0.60
N HIS B 142 24.04 15.23 -0.29
CA HIS B 142 24.70 14.56 0.82
C HIS B 142 25.55 13.42 0.27
N MET B 143 26.50 12.96 1.09
CA MET B 143 27.52 12.03 0.63
C MET B 143 27.53 10.80 1.53
N ALA B 144 28.04 9.69 0.98
CA ALA B 144 28.15 8.44 1.70
C ALA B 144 29.50 7.80 1.42
N ILE B 145 30.19 7.37 2.48
CA ILE B 145 31.54 6.83 2.38
C ILE B 145 31.53 5.42 2.95
N THR B 146 32.17 4.49 2.24
CA THR B 146 32.26 3.10 2.68
C THR B 146 33.66 2.58 2.38
N ASP B 147 34.33 2.04 3.40
CA ASP B 147 35.68 1.52 3.24
C ASP B 147 35.63 0.01 3.03
N GLU B 148 36.81 -0.62 3.01
CA GLU B 148 36.90 -2.05 2.74
C GLU B 148 36.54 -2.92 3.94
N THR B 149 36.31 -2.32 5.11
CA THR B 149 35.90 -3.07 6.29
C THR B 149 34.39 -3.22 6.41
N GLY B 150 33.63 -2.48 5.59
CA GLY B 150 32.18 -2.49 5.67
C GLY B 150 31.58 -1.31 6.38
N ASN B 151 32.39 -0.50 7.06
CA ASN B 151 31.89 0.67 7.76
C ASN B 151 31.43 1.73 6.77
N THR B 152 30.30 2.36 7.06
CA THR B 152 29.70 3.36 6.20
C THR B 152 29.41 4.62 6.99
N ALA B 153 29.64 5.78 6.38
CA ALA B 153 29.34 7.08 6.98
C ALA B 153 28.41 7.86 6.05
N VAL B 154 27.40 8.49 6.64
CA VAL B 154 26.44 9.31 5.92
C VAL B 154 26.60 10.74 6.41
N ILE B 155 27.01 11.63 5.51
CA ILE B 155 27.32 13.02 5.84
C ILE B 155 26.27 13.92 5.19
N GLU B 156 25.51 14.63 6.02
CA GLU B 156 24.50 15.56 5.56
C GLU B 156 24.71 16.90 6.23
N TYR B 157 24.34 17.97 5.52
CA TYR B 157 24.39 19.33 6.04
C TYR B 157 22.97 19.85 6.20
N LEU B 158 22.51 19.95 7.44
CA LEU B 158 21.13 20.33 7.75
C LEU B 158 21.14 21.58 8.62
N ASP B 159 20.48 22.64 8.15
CA ASP B 159 20.38 23.90 8.88
C ASP B 159 21.76 24.45 9.21
N GLY B 160 22.70 24.31 8.26
CA GLY B 160 24.04 24.81 8.42
C GLY B 160 24.94 24.01 9.32
N LYS B 161 24.41 23.01 10.02
CA LYS B 161 25.20 22.20 10.95
C LYS B 161 25.41 20.80 10.37
N LEU B 162 26.64 20.32 10.44
CA LEU B 162 27.00 19.04 9.85
C LEU B 162 26.51 17.88 10.71
N SER B 163 25.80 16.95 10.08
CA SER B 163 25.32 15.74 10.74
C SER B 163 25.96 14.52 10.09
N ILE B 164 26.34 13.55 10.92
CA ILE B 164 27.06 12.37 10.46
C ILE B 164 26.48 11.14 11.12
N HIS B 165 26.11 10.14 10.31
CA HIS B 165 25.73 8.81 10.78
C HIS B 165 26.78 7.84 10.24
N GLU B 166 27.56 7.23 11.13
CA GLU B 166 28.53 6.24 10.74
C GLU B 166 28.25 4.91 11.44
N GLY B 167 28.55 3.83 10.75
CA GLY B 167 28.27 2.50 11.24
C GLY B 167 28.04 1.55 10.07
N LYS B 168 28.31 0.27 10.32
CA LYS B 168 28.15 -0.75 9.28
C LYS B 168 26.70 -0.93 8.89
N GLU B 169 25.76 -0.64 9.81
CA GLU B 169 24.35 -0.87 9.55
C GLU B 169 23.74 0.15 8.60
N TYR B 170 24.40 1.27 8.36
CA TYR B 170 23.88 2.31 7.45
C TYR B 170 24.33 1.99 6.02
N GLN B 171 23.69 0.95 5.47
CA GLN B 171 24.11 0.41 4.17
C GLN B 171 23.40 1.05 2.99
N VAL B 172 22.23 1.66 3.20
CA VAL B 172 21.44 2.22 2.12
C VAL B 172 21.32 3.73 2.30
N MET B 173 21.30 4.45 1.18
CA MET B 173 21.09 5.89 1.21
C MET B 173 20.37 6.29 -0.07
N THR B 174 19.40 7.20 0.07
CA THR B 174 18.69 7.78 -1.07
C THR B 174 18.62 9.29 -0.91
N ASN B 175 17.52 9.90 -1.36
CA ASN B 175 17.38 11.35 -1.23
C ASN B 175 16.67 11.71 0.08
N SER B 176 15.59 12.48 -0.02
CA SER B 176 14.85 12.91 1.15
C SER B 176 14.23 11.69 1.84
N PRO B 177 14.01 11.76 3.17
CA PRO B 177 14.29 12.87 4.08
C PRO B 177 15.68 12.76 4.72
N ARG B 178 15.93 13.54 5.77
CA ARG B 178 17.20 13.41 6.49
C ARG B 178 17.30 12.01 7.09
N TYR B 179 18.55 11.55 7.26
CA TYR B 179 18.80 10.11 7.39
C TYR B 179 18.08 9.50 8.58
N GLU B 180 17.95 10.23 9.69
CA GLU B 180 17.23 9.67 10.83
C GLU B 180 15.75 9.50 10.51
N LEU B 181 15.15 10.46 9.80
CA LEU B 181 13.75 10.32 9.40
C LEU B 181 13.57 9.26 8.33
N GLN B 182 14.56 9.10 7.46
CA GLN B 182 14.48 8.05 6.45
C GLN B 182 14.48 6.66 7.09
N LEU B 183 15.25 6.50 8.17
CA LEU B 183 15.29 5.22 8.86
C LEU B 183 13.95 4.88 9.50
N ALA B 184 13.19 5.89 9.91
CA ALA B 184 11.87 5.64 10.47
C ALA B 184 10.89 5.19 9.40
N VAL B 185 11.02 5.75 8.19
CA VAL B 185 10.17 5.30 7.09
C VAL B 185 10.48 3.86 6.74
N ASN B 186 11.76 3.48 6.78
CA ASN B 186 12.12 2.09 6.55
C ASN B 186 11.71 1.19 7.70
N ASP B 187 11.75 1.71 8.93
CA ASP B 187 11.29 0.94 10.08
C ASP B 187 9.80 0.63 9.97
N TYR B 188 9.01 1.57 9.45
CA TYR B 188 7.58 1.33 9.29
C TYR B 188 7.31 0.23 8.26
N TRP B 189 8.03 0.26 7.14
CA TRP B 189 7.79 -0.73 6.09
C TRP B 189 8.37 -2.10 6.43
N LYS B 190 9.31 -2.18 7.37
CA LYS B 190 9.76 -3.49 7.82
C LYS B 190 8.70 -4.16 8.69
N GLU B 191 7.89 -3.37 9.39
CA GLU B 191 6.75 -3.93 10.11
C GLU B 191 5.78 -4.63 9.17
N VAL B 192 5.60 -4.08 7.96
CA VAL B 192 4.72 -4.69 6.98
C VAL B 192 5.33 -5.97 6.44
N GLY B 193 6.63 -5.96 6.17
CA GLY B 193 7.29 -7.12 5.61
C GLY B 193 7.57 -6.96 4.13
N GLY B 194 8.82 -7.20 3.72
CA GLY B 194 9.18 -7.01 2.32
C GLY B 194 8.45 -7.97 1.39
N LEU B 195 8.25 -9.21 1.83
CA LEU B 195 7.51 -10.18 1.02
C LEU B 195 6.02 -9.90 1.00
N GLN B 196 5.50 -9.26 2.04
CA GLN B 196 4.07 -8.97 2.10
C GLN B 196 3.71 -7.78 1.20
N MET B 197 4.42 -6.66 1.35
CA MET B 197 4.18 -5.49 0.52
C MET B 197 5.43 -4.62 0.53
N LEU B 198 5.78 -4.10 -0.65
CA LEU B 198 6.87 -3.15 -0.81
C LEU B 198 6.39 -1.95 -1.60
N PRO B 199 6.73 -0.73 -1.17
CA PRO B 199 6.41 0.46 -1.97
C PRO B 199 7.25 0.47 -3.24
N GLY B 200 6.58 0.54 -4.40
CA GLY B 200 7.26 0.34 -5.66
C GLY B 200 7.27 1.49 -6.64
N THR B 201 7.14 2.71 -6.15
CA THR B 201 7.19 3.92 -6.96
C THR B 201 8.67 4.31 -7.12
N ASN B 202 8.95 5.36 -7.91
CA ASN B 202 10.30 5.93 -8.05
C ASN B 202 10.60 6.98 -6.98
N ARG B 203 9.82 7.01 -5.90
CA ARG B 203 10.06 7.97 -4.83
C ARG B 203 11.38 7.65 -4.12
N SER B 204 11.88 8.64 -3.39
CA SER B 204 13.13 8.44 -2.64
C SER B 204 12.94 7.45 -1.51
N SER B 205 11.89 7.64 -0.70
CA SER B 205 11.66 6.76 0.43
C SER B 205 11.33 5.34 -0.04
N ASP B 206 10.59 5.21 -1.14
CA ASP B 206 10.24 3.89 -1.65
C ASP B 206 11.47 3.15 -2.16
N ARG B 207 12.33 3.85 -2.92
CA ARG B 207 13.56 3.23 -3.39
C ARG B 207 14.47 2.84 -2.22
N PHE B 208 14.38 3.57 -1.11
CA PHE B 208 15.18 3.23 0.07
C PHE B 208 14.74 1.91 0.67
N VAL B 209 13.43 1.64 0.68
CA VAL B 209 12.91 0.43 1.32
C VAL B 209 13.25 -0.80 0.48
N ARG B 210 13.01 -0.72 -0.84
CA ARG B 210 13.32 -1.84 -1.72
C ARG B 210 14.81 -2.15 -1.75
N ALA B 211 15.66 -1.14 -1.67
CA ALA B 211 17.10 -1.37 -1.66
C ALA B 211 17.53 -2.03 -0.35
N SER B 212 16.97 -1.57 0.77
CA SER B 212 17.38 -2.12 2.07
C SER B 212 16.91 -3.55 2.23
N PHE B 213 15.71 -3.87 1.73
CA PHE B 213 15.18 -5.22 1.88
C PHE B 213 15.92 -6.22 1.01
N TYR B 214 16.13 -5.87 -0.27
CA TYR B 214 16.76 -6.82 -1.20
C TYR B 214 18.24 -7.01 -0.91
N ILE B 215 18.92 -5.96 -0.44
CA ILE B 215 20.36 -6.07 -0.19
C ILE B 215 20.67 -7.03 0.96
N HIS B 216 19.70 -7.30 1.83
CA HIS B 216 19.86 -8.27 2.91
C HIS B 216 19.33 -9.65 2.55
N ALA B 217 18.69 -9.79 1.38
CA ALA B 217 18.13 -11.07 0.97
C ALA B 217 18.94 -11.77 -0.11
N ILE B 218 19.80 -11.05 -0.82
CA ILE B 218 20.65 -11.64 -1.87
C ILE B 218 21.61 -12.61 -1.20
N PRO B 219 22.15 -13.59 -1.93
CA PRO B 219 22.99 -14.61 -1.29
C PRO B 219 24.19 -14.02 -0.57
N GLN B 220 24.54 -14.64 0.55
CA GLN B 220 25.69 -14.20 1.37
C GLN B 220 26.90 -14.98 0.89
N THR B 221 27.59 -14.43 -0.11
CA THR B 221 28.70 -15.11 -0.76
C THR B 221 29.89 -14.17 -0.86
N ALA B 222 31.08 -14.77 -1.02
CA ALA B 222 32.31 -14.03 -1.24
C ALA B 222 32.77 -14.09 -2.69
N ASP B 223 32.04 -14.82 -3.54
CA ASP B 223 32.39 -14.92 -4.95
C ASP B 223 31.91 -13.66 -5.68
N ALA B 224 32.83 -12.98 -6.36
CA ALA B 224 32.45 -11.79 -7.11
C ALA B 224 31.54 -12.14 -8.28
N LYS B 225 31.68 -13.34 -8.84
CA LYS B 225 30.81 -13.76 -9.94
C LYS B 225 29.36 -13.88 -9.52
N ILE B 226 29.09 -13.92 -8.22
CA ILE B 226 27.74 -14.03 -7.70
C ILE B 226 27.32 -12.75 -6.94
N ALA B 227 28.25 -12.15 -6.21
CA ALA B 227 27.90 -10.98 -5.41
C ALA B 227 27.71 -9.74 -6.29
N VAL B 228 28.60 -9.54 -7.27
CA VAL B 228 28.47 -8.36 -8.14
C VAL B 228 27.16 -8.37 -8.91
N PRO B 229 26.78 -9.43 -9.62
CA PRO B 229 25.49 -9.40 -10.33
C PRO B 229 24.29 -9.33 -9.39
N SER B 230 24.41 -9.86 -8.17
CA SER B 230 23.30 -9.80 -7.23
C SER B 230 23.01 -8.37 -6.81
N VAL B 231 24.02 -7.66 -6.31
CA VAL B 231 23.82 -6.26 -5.94
C VAL B 231 23.51 -5.43 -7.17
N LEU B 232 24.05 -5.82 -8.33
CA LEU B 232 23.70 -5.13 -9.57
C LEU B 232 22.24 -5.36 -9.94
N SER B 233 21.70 -6.54 -9.61
CA SER B 233 20.27 -6.78 -9.80
C SER B 233 19.43 -5.95 -8.85
N VAL B 234 19.96 -5.64 -7.66
CA VAL B 234 19.22 -4.81 -6.71
C VAL B 234 19.19 -3.37 -7.20
N MET B 235 20.30 -2.88 -7.77
CA MET B 235 20.33 -1.51 -8.25
C MET B 235 19.38 -1.31 -9.43
N ARG B 236 19.17 -2.35 -10.25
CA ARG B 236 18.21 -2.25 -11.33
C ARG B 236 16.77 -2.25 -10.81
N ASN B 237 16.53 -2.90 -9.67
CA ASN B 237 15.19 -2.90 -9.09
C ASN B 237 14.83 -1.53 -8.54
N VAL B 238 15.80 -0.82 -7.96
CA VAL B 238 15.59 0.54 -7.47
C VAL B 238 15.89 1.58 -8.54
N SER B 239 16.09 1.16 -9.79
CA SER B 239 16.27 2.13 -10.87
C SER B 239 14.93 2.65 -11.36
N VAL B 240 14.99 3.78 -12.05
CA VAL B 240 13.80 4.40 -12.65
C VAL B 240 13.82 4.11 -14.16
N PRO B 241 12.73 3.57 -14.72
CA PRO B 241 12.73 3.27 -16.16
C PRO B 241 13.05 4.51 -16.98
N PHE B 242 13.63 4.28 -18.16
CA PHE B 242 14.18 5.37 -18.95
C PHE B 242 13.06 6.21 -19.56
N GLY B 243 13.18 7.54 -19.41
CA GLY B 243 12.26 8.46 -20.06
C GLY B 243 10.84 8.41 -19.54
N ILE B 244 10.66 8.18 -18.24
CA ILE B 244 9.31 8.09 -17.67
C ILE B 244 8.67 9.47 -17.67
N ASN B 245 7.47 9.58 -18.25
CA ASN B 245 6.72 10.81 -18.23
C ASN B 245 5.23 10.49 -18.29
N THR B 246 4.45 11.41 -17.74
CA THR B 246 2.99 11.36 -17.76
C THR B 246 2.48 12.74 -18.16
N PRO B 247 1.19 12.85 -18.51
CA PRO B 247 0.64 14.20 -18.70
C PRO B 247 0.71 15.05 -17.45
N GLU B 248 0.54 14.43 -16.27
CA GLU B 248 0.64 15.17 -15.02
C GLU B 248 2.07 15.65 -14.77
N LYS B 249 3.06 14.83 -15.12
CA LYS B 249 4.46 15.07 -14.75
C LYS B 249 5.32 14.96 -16.01
N PRO B 250 5.62 16.09 -16.66
CA PRO B 250 6.30 16.02 -17.96
C PRO B 250 7.73 15.48 -17.88
N HIS B 251 8.48 15.81 -16.83
CA HIS B 251 9.87 15.40 -16.71
C HIS B 251 10.12 14.74 -15.36
N ILE B 252 10.70 13.55 -15.40
CA ILE B 252 10.94 12.73 -14.21
C ILE B 252 12.37 12.22 -14.26
N SER B 253 13.02 12.16 -13.10
CA SER B 253 14.42 11.78 -13.01
C SER B 253 14.59 10.31 -13.41
N SER B 254 15.20 10.08 -14.57
CA SER B 254 15.40 8.74 -15.10
C SER B 254 16.82 8.25 -14.82
N THR B 255 16.95 6.94 -14.63
CA THR B 255 18.25 6.33 -14.40
C THR B 255 19.09 6.40 -15.67
N ARG B 256 20.30 6.96 -15.56
CA ARG B 256 21.19 7.12 -16.70
C ARG B 256 22.35 6.14 -16.70
N TRP B 257 22.97 5.88 -15.55
CA TRP B 257 24.00 4.86 -15.45
C TRP B 257 24.01 4.29 -14.05
N ARG B 258 24.68 3.14 -13.90
CA ARG B 258 24.85 2.49 -12.61
C ARG B 258 26.33 2.20 -12.39
N SER B 259 26.70 2.07 -11.12
CA SER B 259 28.07 1.73 -10.74
C SER B 259 28.04 0.74 -9.59
N VAL B 260 28.83 -0.31 -9.71
CA VAL B 260 28.98 -1.33 -8.68
C VAL B 260 30.47 -1.44 -8.37
N SER B 261 30.86 -1.06 -7.16
CA SER B 261 32.27 -0.98 -6.78
C SER B 261 32.60 -2.17 -5.88
N ASP B 262 33.34 -3.13 -6.41
CA ASP B 262 33.83 -4.25 -5.62
C ASP B 262 34.97 -3.75 -4.75
N GLN B 263 34.71 -3.56 -3.46
CA GLN B 263 35.68 -2.94 -2.57
C GLN B 263 36.73 -3.91 -2.05
N LYS B 264 36.51 -5.22 -2.18
CA LYS B 264 37.53 -6.18 -1.79
C LYS B 264 38.52 -6.44 -2.92
N ASN B 265 38.02 -6.68 -4.13
CA ASN B 265 38.87 -6.94 -5.28
C ASN B 265 39.27 -5.66 -6.01
N LYS B 266 38.82 -4.50 -5.54
CA LYS B 266 39.21 -3.20 -6.09
C LYS B 266 38.86 -3.10 -7.58
N VAL B 267 37.63 -3.48 -7.91
CA VAL B 267 37.13 -3.44 -9.29
C VAL B 267 35.93 -2.50 -9.34
N TYR B 268 35.93 -1.61 -10.32
CA TYR B 268 34.89 -0.59 -10.48
C TYR B 268 34.06 -0.92 -11.72
N TYR B 269 32.89 -1.51 -11.50
CA TYR B 269 31.98 -1.83 -12.59
C TYR B 269 31.13 -0.61 -12.96
N PHE B 270 30.64 -0.61 -14.19
CA PHE B 270 29.91 0.54 -14.70
C PHE B 270 29.12 0.12 -15.94
N GLU B 271 27.86 0.53 -16.01
CA GLU B 271 27.03 0.33 -17.19
C GLU B 271 26.09 1.52 -17.35
N SER B 272 25.66 1.75 -18.58
CA SER B 272 24.74 2.83 -18.90
C SER B 272 23.40 2.25 -19.34
N THR B 273 22.34 3.02 -19.11
CA THR B 273 20.99 2.56 -19.45
C THR B 273 20.84 2.34 -20.95
N LEU B 274 21.40 3.25 -21.76
CA LEU B 274 21.27 3.15 -23.21
C LEU B 274 22.41 2.39 -23.87
N THR B 275 23.45 1.98 -23.09
CA THR B 275 24.43 1.09 -23.67
C THR B 275 24.17 -0.35 -23.23
N PRO B 276 24.43 -1.33 -24.10
CA PRO B 276 24.01 -2.70 -23.79
C PRO B 276 24.93 -3.46 -22.85
N ASN B 277 26.16 -3.00 -22.62
CA ASN B 277 27.16 -3.80 -21.94
C ASN B 277 27.50 -3.24 -20.57
N LEU B 278 28.01 -4.13 -19.71
CA LEU B 278 28.53 -3.78 -18.39
C LEU B 278 30.05 -3.96 -18.42
N PHE B 279 30.77 -2.85 -18.44
CA PHE B 279 32.22 -2.87 -18.39
C PHE B 279 32.71 -2.57 -16.98
N TRP B 280 34.01 -2.73 -16.77
CA TRP B 280 34.61 -2.49 -15.47
C TRP B 280 36.04 -2.01 -15.65
N LEU B 281 36.59 -1.49 -14.56
CA LEU B 281 37.98 -1.03 -14.50
C LEU B 281 38.63 -1.65 -13.27
N ASP B 282 39.60 -2.52 -13.49
CA ASP B 282 40.30 -3.20 -12.40
C ASP B 282 41.41 -2.27 -11.91
N LEU B 283 41.27 -1.78 -10.68
CA LEU B 283 42.25 -0.86 -10.13
C LEU B 283 43.60 -1.52 -9.87
N LYS B 284 43.63 -2.85 -9.74
CA LYS B 284 44.91 -3.53 -9.58
C LYS B 284 45.73 -3.51 -10.87
N LYS B 285 45.07 -3.40 -12.02
CA LYS B 285 45.76 -3.29 -13.30
C LYS B 285 46.06 -1.85 -13.68
N ILE B 286 45.73 -0.88 -12.81
CA ILE B 286 45.94 0.53 -13.09
C ILE B 286 47.15 1.01 -12.31
N ASP B 287 48.02 1.75 -12.97
CA ASP B 287 49.21 2.32 -12.34
C ASP B 287 48.86 3.67 -11.74
N PHE B 288 48.79 3.73 -10.41
CA PHE B 288 48.51 4.97 -9.69
C PHE B 288 49.78 5.69 -9.25
N SER B 289 50.91 5.43 -9.91
CA SER B 289 52.16 6.06 -9.54
C SER B 289 52.05 7.58 -9.71
N PRO B 290 52.80 8.36 -8.91
CA PRO B 290 52.65 9.82 -8.95
C PRO B 290 52.74 10.45 -10.34
N LYS B 291 53.53 9.88 -11.24
CA LYS B 291 53.62 10.45 -12.59
C LYS B 291 53.25 9.42 -13.66
N ALA B 292 52.08 8.80 -13.50
CA ALA B 292 51.55 7.90 -14.52
C ALA B 292 50.69 8.63 -15.57
N GLY B 293 50.29 9.87 -15.29
CA GLY B 293 49.47 10.63 -16.22
C GLY B 293 47.99 10.38 -16.02
N VAL B 294 47.19 11.45 -16.07
CA VAL B 294 45.75 11.32 -15.92
C VAL B 294 45.18 10.63 -17.16
N LYS B 295 44.33 9.63 -16.93
CA LYS B 295 43.70 8.88 -18.00
C LYS B 295 42.19 8.99 -17.88
N LYS B 296 41.50 8.85 -19.02
CA LYS B 296 40.07 9.08 -19.11
C LYS B 296 39.40 7.92 -19.83
N LEU B 297 38.19 7.60 -19.40
CA LEU B 297 37.32 6.66 -20.10
C LEU B 297 36.10 7.45 -20.58
N SER B 298 36.18 7.90 -21.83
CA SER B 298 35.14 8.76 -22.38
C SER B 298 33.83 8.00 -22.56
N LEU B 299 32.71 8.70 -22.36
CA LEU B 299 31.39 8.12 -22.53
C LEU B 299 30.41 9.03 -23.26
N THR B 300 30.71 10.32 -23.44
CA THR B 300 29.77 11.23 -24.07
C THR B 300 29.60 10.96 -25.55
N LYS B 301 30.56 10.29 -26.18
CA LYS B 301 30.49 10.00 -27.61
C LYS B 301 29.54 8.84 -27.93
N GLY B 302 28.86 8.28 -26.94
CA GLY B 302 28.05 7.11 -27.19
C GLY B 302 28.83 5.85 -27.45
N GLU B 303 30.10 5.80 -27.02
CA GLU B 303 30.94 4.63 -27.23
C GLU B 303 30.43 3.45 -26.40
N ILE B 304 30.80 2.26 -26.84
CA ILE B 304 30.34 1.01 -26.24
C ILE B 304 31.57 0.21 -25.84
N TYR B 305 31.76 0.01 -24.54
CA TYR B 305 32.84 -0.80 -24.01
C TYR B 305 32.31 -2.12 -23.49
N ALA B 306 33.21 -3.08 -23.31
CA ALA B 306 32.84 -4.39 -22.82
C ALA B 306 34.01 -4.98 -22.03
N GLY B 307 33.68 -5.72 -20.97
CA GLY B 307 34.73 -6.32 -20.15
C GLY B 307 35.57 -5.27 -19.45
N ASP B 308 36.88 -5.53 -19.39
CA ASP B 308 37.80 -4.57 -18.80
C ASP B 308 38.10 -3.46 -19.80
N ALA B 309 37.90 -2.22 -19.36
CA ALA B 309 38.10 -1.05 -20.22
C ALA B 309 39.43 -0.35 -19.97
N VAL B 310 40.35 -0.97 -19.21
CA VAL B 310 41.66 -0.38 -19.02
C VAL B 310 42.42 -0.38 -20.35
N LYS B 311 42.08 -1.29 -21.26
CA LYS B 311 42.64 -1.25 -22.60
C LYS B 311 42.18 0.00 -23.35
N ASP B 312 40.96 0.46 -23.08
CA ASP B 312 40.39 1.62 -23.75
C ASP B 312 40.69 2.93 -23.01
N LEU B 313 41.55 2.91 -22.00
CA LEU B 313 41.93 4.14 -21.32
C LEU B 313 42.88 4.94 -22.19
N LYS B 314 42.62 6.24 -22.31
CA LYS B 314 43.43 7.13 -23.13
C LYS B 314 44.00 8.25 -22.29
N ASP B 315 45.20 8.70 -22.67
CA ASP B 315 45.80 9.86 -22.02
C ASP B 315 44.87 11.06 -22.18
N SER B 316 44.74 11.84 -21.11
CA SER B 316 43.83 12.97 -21.13
C SER B 316 44.22 13.96 -20.04
N GLN B 317 43.69 15.17 -20.18
CA GLN B 317 43.86 16.21 -19.18
C GLN B 317 42.78 16.09 -18.11
N SER B 318 43.10 16.53 -16.90
CA SER B 318 42.12 16.54 -15.84
C SER B 318 41.03 17.56 -16.14
N PHE B 319 39.78 17.17 -15.92
CA PHE B 319 38.67 18.07 -16.17
C PHE B 319 38.71 19.24 -15.20
N THR B 320 38.08 20.34 -15.61
CA THR B 320 38.10 21.58 -14.84
C THR B 320 36.99 21.53 -13.80
N PHE B 321 37.37 21.52 -12.52
CA PHE B 321 36.40 21.62 -11.45
C PHE B 321 35.78 23.01 -11.44
N LEU B 322 34.47 23.07 -11.60
CA LEU B 322 33.76 24.34 -11.59
C LEU B 322 33.46 24.77 -10.15
N PHE B 323 33.68 26.06 -9.88
CA PHE B 323 33.35 26.63 -8.59
C PHE B 323 32.41 27.83 -8.68
N GLU B 324 32.16 28.34 -9.89
CA GLU B 324 31.21 29.42 -10.08
C GLU B 324 30.06 28.98 -10.99
N THR B 325 29.39 29.94 -11.61
CA THR B 325 28.29 29.65 -12.52
C THR B 325 28.79 28.97 -13.79
N MET C 1 -2.99 0.43 20.18
CA MET C 1 -3.54 0.82 21.47
C MET C 1 -4.51 1.99 21.33
N CYS C 2 -4.07 3.20 21.65
CA CYS C 2 -5.00 4.33 21.68
C CYS C 2 -4.62 5.35 20.61
N THR C 3 -5.64 6.08 20.14
CA THR C 3 -5.48 7.11 19.12
C THR C 3 -6.09 8.40 19.62
N ARG C 4 -5.42 9.51 19.36
CA ARG C 4 -5.87 10.84 19.78
C ARG C 4 -5.81 11.78 18.60
N ALA C 5 -6.88 12.55 18.40
CA ALA C 5 -6.96 13.52 17.32
C ALA C 5 -7.63 14.78 17.83
N VAL C 6 -7.09 15.93 17.44
CA VAL C 6 -7.61 17.24 17.85
C VAL C 6 -8.14 17.94 16.61
N TYR C 7 -9.41 18.35 16.66
CA TYR C 7 -10.04 19.10 15.59
C TYR C 7 -9.96 20.59 15.91
N LEU C 8 -9.46 21.37 14.96
CA LEU C 8 -9.31 22.82 15.10
C LEU C 8 -10.23 23.49 14.09
N GLY C 9 -11.37 23.99 14.57
CA GLY C 9 -12.34 24.64 13.73
C GLY C 9 -12.35 26.14 13.90
N PRO C 10 -13.21 26.82 13.15
CA PRO C 10 -13.27 28.28 13.24
C PRO C 10 -13.91 28.73 14.54
N ASP C 11 -13.62 29.98 14.90
CA ASP C 11 -14.22 30.64 16.07
C ASP C 11 -13.92 29.89 17.36
N ARG C 12 -12.65 29.49 17.53
CA ARG C 12 -12.18 28.81 18.74
C ARG C 12 -12.93 27.49 18.97
N MET C 13 -13.14 26.74 17.90
CA MET C 13 -13.80 25.44 17.98
C MET C 13 -12.72 24.37 18.11
N VAL C 14 -12.50 23.90 19.35
CA VAL C 14 -11.47 22.90 19.64
C VAL C 14 -12.18 21.66 20.15
N VAL C 15 -12.13 20.58 19.38
CA VAL C 15 -12.76 19.32 19.72
C VAL C 15 -11.70 18.22 19.66
N THR C 16 -11.57 17.46 20.75
CA THR C 16 -10.55 16.43 20.86
C THR C 16 -11.22 15.07 21.04
N GLY C 17 -10.92 14.14 20.13
CA GLY C 17 -11.39 12.77 20.24
C GLY C 17 -10.27 11.85 20.69
N ARG C 18 -10.66 10.74 21.31
CA ARG C 18 -9.68 9.78 21.83
C ARG C 18 -10.32 8.39 21.87
N THR C 19 -9.53 7.39 21.48
CA THR C 19 -9.94 6.00 21.54
C THR C 19 -9.22 5.29 22.68
N MET C 20 -9.67 4.07 22.96
CA MET C 20 -9.08 3.28 24.04
C MET C 20 -9.22 1.80 23.67
N ASP C 21 -8.12 1.21 23.21
CA ASP C 21 -8.07 -0.23 22.96
C ASP C 21 -7.31 -0.92 24.07
N TRP C 22 -7.72 -2.14 24.38
CA TRP C 22 -7.14 -2.90 25.48
C TRP C 22 -7.33 -4.39 25.22
N LYS C 23 -6.54 -5.20 25.93
CA LYS C 23 -6.65 -6.64 25.79
C LYS C 23 -7.98 -7.15 26.33
N GLU C 24 -8.25 -6.89 27.60
CA GLU C 24 -9.47 -7.32 28.27
C GLU C 24 -10.31 -6.09 28.62
N ASP C 25 -11.25 -6.28 29.55
CA ASP C 25 -12.12 -5.18 29.96
C ASP C 25 -11.34 -4.20 30.84
N ILE C 26 -11.45 -2.91 30.52
CA ILE C 26 -10.66 -1.91 31.23
C ILE C 26 -11.20 -1.65 32.62
N MET C 27 -12.49 -1.92 32.84
CA MET C 27 -13.18 -1.54 34.07
C MET C 27 -13.10 -0.04 34.30
N SER C 28 -13.35 0.72 33.24
CA SER C 28 -13.27 2.17 33.29
C SER C 28 -14.49 2.76 33.99
N ASN C 29 -14.26 3.85 34.73
CA ASN C 29 -15.33 4.61 35.34
C ASN C 29 -15.04 6.09 35.16
N ILE C 30 -16.11 6.89 35.18
CA ILE C 30 -16.00 8.34 35.04
C ILE C 30 -16.19 8.97 36.41
N TYR C 31 -15.24 9.84 36.79
CA TYR C 31 -15.28 10.53 38.07
C TYR C 31 -15.32 12.04 37.83
N VAL C 32 -16.06 12.74 38.67
CA VAL C 32 -16.17 14.20 38.61
C VAL C 32 -15.54 14.75 39.89
N PHE C 33 -14.44 15.47 39.75
CA PHE C 33 -13.69 16.00 40.89
C PHE C 33 -13.86 17.50 40.98
N PRO C 34 -14.52 18.03 42.00
CA PRO C 34 -14.55 19.49 42.20
C PRO C 34 -13.19 20.06 42.56
N ARG C 35 -13.16 21.36 42.87
CA ARG C 35 -11.92 22.06 43.18
C ARG C 35 -11.52 21.83 44.64
N GLY C 36 -10.33 22.32 44.98
CA GLY C 36 -9.88 22.30 46.36
C GLY C 36 -9.46 20.96 46.90
N MET C 37 -9.12 20.00 46.04
CA MET C 37 -8.70 18.68 46.49
C MET C 37 -7.18 18.61 46.61
N GLN C 38 -6.73 17.77 47.53
CA GLN C 38 -5.31 17.53 47.75
C GLN C 38 -4.95 16.12 47.32
N ARG C 39 -3.82 15.99 46.63
CA ARG C 39 -3.35 14.70 46.16
C ARG C 39 -1.83 14.65 46.27
N ALA C 40 -1.32 13.49 46.65
CA ALA C 40 0.12 13.22 46.68
C ALA C 40 0.46 12.25 45.57
N GLY C 41 1.43 12.62 44.74
CA GLY C 41 1.80 11.83 43.59
C GLY C 41 2.44 10.48 43.90
N HIS C 42 2.54 10.09 45.17
CA HIS C 42 3.03 8.76 45.52
C HIS C 42 2.63 8.44 46.95
N ASN C 43 2.72 7.17 47.29
CA ASN C 43 2.26 6.66 48.58
C ASN C 43 3.39 6.41 49.58
N LYS C 44 4.58 6.00 49.09
CA LYS C 44 5.67 5.62 49.97
C LYS C 44 6.97 6.39 49.76
N GLU C 45 7.16 7.00 48.58
CA GLU C 45 8.41 7.69 48.26
C GLU C 45 8.27 9.18 48.55
N LYS C 46 9.37 9.91 48.38
CA LYS C 46 9.34 11.36 48.47
C LYS C 46 8.52 11.93 47.31
N THR C 47 7.67 12.89 47.61
CA THR C 47 6.68 13.34 46.64
C THR C 47 6.43 14.84 46.77
N VAL C 48 5.79 15.41 45.74
CA VAL C 48 5.30 16.77 45.75
C VAL C 48 3.81 16.76 46.03
N ASN C 49 3.33 17.80 46.70
CA ASN C 49 1.93 17.94 47.04
C ASN C 49 1.33 19.12 46.28
N TRP C 50 0.01 19.08 46.09
CA TRP C 50 -0.67 20.16 45.39
C TRP C 50 -2.14 20.15 45.76
N THR C 51 -2.75 21.33 45.70
CA THR C 51 -4.18 21.49 45.89
C THR C 51 -4.82 21.84 44.56
N SER C 52 -5.93 21.16 44.24
CA SER C 52 -6.56 21.31 42.93
C SER C 52 -7.08 22.72 42.74
N LYS C 53 -6.59 23.41 41.70
CA LYS C 53 -7.11 24.73 41.34
C LYS C 53 -8.31 24.64 40.43
N TYR C 54 -8.42 23.59 39.62
CA TYR C 54 -9.50 23.42 38.66
C TYR C 54 -10.11 22.03 38.83
N GLY C 55 -11.44 21.98 38.80
CA GLY C 55 -12.14 20.71 38.78
C GLY C 55 -12.10 20.07 37.42
N SER C 56 -12.46 18.79 37.37
CA SER C 56 -12.34 18.04 36.12
C SER C 56 -13.23 16.81 36.16
N VAL C 57 -13.67 16.38 34.97
CA VAL C 57 -14.26 15.08 34.77
C VAL C 57 -13.21 14.20 34.09
N ILE C 58 -13.04 12.97 34.60
CA ILE C 58 -11.96 12.11 34.16
C ILE C 58 -12.47 10.69 33.98
N ALA C 59 -11.75 9.93 33.17
CA ALA C 59 -11.98 8.51 32.98
C ALA C 59 -10.79 7.73 33.52
N THR C 60 -11.08 6.59 34.15
CA THR C 60 -10.05 5.79 34.80
C THR C 60 -9.76 4.53 33.99
N GLY C 61 -8.72 3.82 34.42
CA GLY C 61 -8.40 2.51 33.90
C GLY C 61 -8.19 1.53 35.03
N TYR C 62 -9.09 0.55 35.16
CA TYR C 62 -9.16 -0.38 36.28
C TYR C 62 -9.40 0.32 37.61
N ASP C 63 -9.81 1.58 37.58
CA ASP C 63 -9.97 2.41 38.79
C ASP C 63 -8.69 2.48 39.61
N ILE C 64 -7.54 2.42 38.94
CA ILE C 64 -6.25 2.55 39.61
C ILE C 64 -5.49 3.80 39.18
N GLY C 65 -5.98 4.54 38.20
CA GLY C 65 -5.30 5.76 37.76
C GLY C 65 -6.13 6.49 36.74
N THR C 66 -5.71 7.73 36.47
CA THR C 66 -6.39 8.59 35.51
C THR C 66 -5.68 8.49 34.16
N CYS C 67 -6.46 8.28 33.09
CA CYS C 67 -5.89 8.14 31.76
C CYS C 67 -6.55 9.05 30.73
N ASP C 68 -7.61 9.78 31.09
CA ASP C 68 -8.32 10.64 30.17
C ASP C 68 -9.26 11.54 30.97
N GLY C 69 -9.31 12.81 30.62
CA GLY C 69 -10.16 13.74 31.35
C GLY C 69 -10.08 15.14 30.79
N MET C 70 -10.88 16.02 31.38
CA MET C 70 -10.98 17.41 30.94
C MET C 70 -11.38 18.26 32.13
N ASN C 71 -10.73 19.43 32.27
CA ASN C 71 -10.97 20.31 33.41
C ASN C 71 -11.96 21.40 33.03
N GLU C 72 -12.21 22.31 33.98
CA GLU C 72 -13.18 23.38 33.77
C GLU C 72 -12.74 24.35 32.69
N LYS C 73 -11.44 24.58 32.55
CA LYS C 73 -10.93 25.58 31.62
C LYS C 73 -10.80 25.07 30.19
N GLY C 74 -11.31 23.87 29.90
CA GLY C 74 -11.21 23.33 28.56
C GLY C 74 -9.92 22.61 28.24
N LEU C 75 -9.10 22.33 29.26
CA LEU C 75 -7.85 21.60 29.05
C LEU C 75 -8.14 20.11 29.12
N VAL C 76 -7.67 19.38 28.10
CA VAL C 76 -7.91 17.95 27.98
C VAL C 76 -6.56 17.23 27.97
N ALA C 77 -6.39 16.27 28.87
CA ALA C 77 -5.18 15.48 28.97
C ALA C 77 -5.52 14.02 28.67
N SER C 78 -4.66 13.37 27.89
CA SER C 78 -4.87 11.98 27.50
C SER C 78 -3.55 11.23 27.65
N LEU C 79 -3.62 10.04 28.25
CA LEU C 79 -2.43 9.22 28.50
C LEU C 79 -2.50 7.99 27.59
N LEU C 80 -1.61 7.93 26.62
CA LEU C 80 -1.58 6.86 25.63
C LEU C 80 -0.29 6.07 25.75
N PHE C 81 -0.33 4.82 25.29
CA PHE C 81 0.76 3.89 25.50
C PHE C 81 1.95 4.20 24.59
N LEU C 82 3.16 4.03 25.13
CA LEU C 82 4.39 4.21 24.36
C LEU C 82 5.41 3.23 24.92
N PRO C 83 5.64 2.11 24.23
CA PRO C 83 6.47 1.03 24.80
C PRO C 83 7.90 1.45 25.10
N GLU C 84 8.51 2.30 24.27
CA GLU C 84 9.90 2.68 24.44
C GLU C 84 10.09 3.80 25.48
N SER C 85 9.13 4.01 26.36
CA SER C 85 9.25 5.08 27.36
C SER C 85 10.19 4.68 28.48
N VAL C 86 11.21 5.50 28.71
CA VAL C 86 12.10 5.40 29.86
C VAL C 86 12.01 6.72 30.60
N TYR C 87 11.46 6.68 31.82
CA TYR C 87 11.12 7.89 32.55
C TYR C 87 12.30 8.50 33.31
N SER C 88 13.20 7.69 33.86
CA SER C 88 14.31 8.24 34.63
C SER C 88 15.52 7.34 34.48
N LEU C 89 16.69 7.89 34.84
CA LEU C 89 17.95 7.19 34.84
C LEU C 89 18.25 6.63 36.22
N PRO C 90 19.09 5.60 36.32
CA PRO C 90 19.46 5.07 37.64
C PRO C 90 20.15 6.13 38.50
N GLY C 91 19.77 6.15 39.77
CA GLY C 91 20.31 7.11 40.71
C GLY C 91 19.53 8.40 40.85
N ASP C 92 18.30 8.45 40.32
CA ASP C 92 17.51 9.67 40.36
C ASP C 92 16.88 9.83 41.74
N THR C 93 17.21 10.91 42.43
CA THR C 93 16.68 11.21 43.75
C THR C 93 15.62 12.31 43.73
N ARG C 94 15.04 12.58 42.57
CA ARG C 94 13.96 13.55 42.48
C ARG C 94 12.70 13.00 43.13
N PRO C 95 11.78 13.88 43.53
CA PRO C 95 10.48 13.41 44.02
C PRO C 95 9.77 12.58 42.96
N ALA C 96 9.12 11.51 43.42
CA ALA C 96 8.48 10.56 42.51
C ALA C 96 7.02 10.91 42.32
N MET C 97 6.61 11.07 41.06
CA MET C 97 5.21 11.27 40.69
C MET C 97 4.70 9.98 40.07
N GLY C 98 3.71 9.36 40.71
CA GLY C 98 3.17 8.13 40.19
C GLY C 98 2.51 8.33 38.85
N ILE C 99 2.72 7.36 37.95
CA ILE C 99 2.14 7.43 36.61
C ILE C 99 0.63 7.37 36.66
N SER C 100 0.05 6.79 37.72
CA SER C 100 -1.40 6.69 37.83
C SER C 100 -2.06 8.05 38.01
N ILE C 101 -1.35 9.01 38.61
CA ILE C 101 -1.91 10.32 38.91
C ILE C 101 -1.24 11.44 38.13
N TRP C 102 -0.26 11.11 37.28
CA TRP C 102 0.42 12.13 36.49
C TRP C 102 -0.57 12.90 35.62
N THR C 103 -1.55 12.20 35.06
CA THR C 103 -2.55 12.87 34.22
C THR C 103 -3.47 13.75 35.04
N GLN C 104 -3.81 13.32 36.26
CA GLN C 104 -4.62 14.16 37.14
C GLN C 104 -3.88 15.42 37.56
N TYR C 105 -2.56 15.33 37.71
CA TYR C 105 -1.75 16.49 38.08
C TYR C 105 -1.87 17.61 37.06
N VAL C 106 -2.00 17.26 35.78
CA VAL C 106 -2.11 18.28 34.73
C VAL C 106 -3.48 18.94 34.78
N LEU C 107 -4.54 18.13 34.86
CA LEU C 107 -5.90 18.67 34.89
C LEU C 107 -6.20 19.44 36.17
N ASP C 108 -5.44 19.20 37.25
CA ASP C 108 -5.74 19.83 38.52
C ASP C 108 -5.13 21.22 38.64
N ASN C 109 -4.00 21.48 37.99
CA ASN C 109 -3.20 22.67 38.28
C ASN C 109 -2.97 23.59 37.09
N PHE C 110 -3.45 23.25 35.90
CA PHE C 110 -3.13 24.03 34.70
C PHE C 110 -4.39 24.32 33.91
N ALA C 111 -4.46 25.56 33.40
CA ALA C 111 -5.58 26.01 32.57
C ALA C 111 -5.23 26.15 31.10
N THR C 112 -3.95 26.35 30.77
CA THR C 112 -3.49 26.39 29.39
C THR C 112 -2.26 25.51 29.25
N VAL C 113 -1.98 25.11 28.01
CA VAL C 113 -0.81 24.26 27.77
C VAL C 113 0.47 25.02 28.06
N ARG C 114 0.46 26.35 27.90
CA ARG C 114 1.65 27.14 28.20
C ARG C 114 2.06 27.01 29.66
N GLU C 115 1.08 26.98 30.57
CA GLU C 115 1.39 26.80 31.98
C GLU C 115 1.85 25.38 32.27
N ALA C 116 1.30 24.38 31.56
CA ALA C 116 1.69 23.00 31.78
C ALA C 116 3.10 22.73 31.28
N VAL C 117 3.44 23.24 30.10
CA VAL C 117 4.77 23.02 29.55
C VAL C 117 5.83 23.75 30.38
N ASP C 118 5.52 24.97 30.82
CA ASP C 118 6.47 25.73 31.63
C ASP C 118 6.78 25.01 32.94
N GLU C 119 5.77 24.41 33.56
CA GLU C 119 5.98 23.72 34.83
C GLU C 119 6.69 22.39 34.64
N MET C 120 6.36 21.66 33.57
CA MET C 120 7.00 20.36 33.34
C MET C 120 8.48 20.53 33.01
N LYS C 121 8.82 21.53 32.19
CA LYS C 121 10.20 21.73 31.77
C LYS C 121 11.13 22.09 32.93
N LYS C 122 10.59 22.39 34.11
CA LYS C 122 11.44 22.54 35.29
C LYS C 122 11.97 21.21 35.78
N GLU C 123 11.30 20.11 35.44
CA GLU C 123 11.75 18.75 35.77
C GLU C 123 11.93 18.58 37.27
N THR C 124 10.98 19.09 38.05
CA THR C 124 11.05 18.99 39.50
C THR C 124 10.91 17.54 39.96
N PHE C 125 10.01 16.79 39.34
CA PHE C 125 9.73 15.42 39.75
C PHE C 125 10.06 14.44 38.63
N ARG C 126 10.19 13.17 39.02
CA ARG C 126 10.36 12.06 38.09
C ARG C 126 9.11 11.19 38.11
N ILE C 127 8.91 10.44 37.04
CA ILE C 127 7.74 9.57 36.89
C ILE C 127 8.11 8.19 37.41
N ASP C 128 7.42 7.75 38.46
CA ASP C 128 7.59 6.42 39.02
C ASP C 128 6.48 5.54 38.45
N ALA C 129 6.88 4.56 37.63
CA ALA C 129 5.92 3.72 36.90
C ALA C 129 6.09 2.26 37.30
N PRO C 130 5.24 1.74 38.17
CA PRO C 130 5.31 0.32 38.53
C PRO C 130 4.70 -0.56 37.45
N ARG C 131 4.99 -1.86 37.54
CA ARG C 131 4.41 -2.81 36.60
C ARG C 131 2.91 -2.92 36.82
N MET C 132 2.17 -3.02 35.73
CA MET C 132 0.71 -3.15 35.82
C MET C 132 0.36 -4.42 36.59
N PRO C 133 -0.65 -4.37 37.46
CA PRO C 133 -0.94 -5.52 38.30
C PRO C 133 -1.43 -6.73 37.51
N ASN C 134 -1.12 -7.92 38.06
CA ASN C 134 -1.59 -9.20 37.54
C ASN C 134 -1.16 -9.41 36.08
N GLY C 135 0.15 -9.48 35.88
CA GLY C 135 0.69 -9.78 34.57
C GLY C 135 0.38 -8.77 33.49
N GLY C 136 0.14 -7.52 33.88
CA GLY C 136 -0.17 -6.47 32.92
C GLY C 136 1.07 -5.95 32.23
N PRO C 137 0.90 -4.93 31.39
CA PRO C 137 2.05 -4.36 30.68
C PRO C 137 2.92 -3.54 31.60
N GLU C 138 4.05 -3.06 31.06
CA GLU C 138 4.87 -2.12 31.79
C GLU C 138 4.25 -0.73 31.67
N SER C 139 4.23 0.00 32.79
CA SER C 139 3.58 1.32 32.77
C SER C 139 4.41 2.32 31.97
N THR C 140 4.39 2.18 30.64
CA THR C 140 5.14 3.05 29.75
C THR C 140 4.15 3.78 28.85
N LEU C 141 3.90 5.06 29.14
CA LEU C 141 2.89 5.83 28.43
C LEU C 141 3.40 7.26 28.23
N HIS C 142 2.80 7.94 27.26
CA HIS C 142 3.06 9.35 27.02
C HIS C 142 1.72 10.09 27.00
N MET C 143 1.79 11.41 27.16
CA MET C 143 0.60 12.23 27.37
C MET C 143 0.55 13.40 26.39
N ALA C 144 -0.65 13.72 25.93
CA ALA C 144 -0.91 14.89 25.11
C ALA C 144 -1.85 15.83 25.85
N ILE C 145 -1.62 17.13 25.74
CA ILE C 145 -2.38 18.15 26.45
C ILE C 145 -2.84 19.20 25.46
N THR C 146 -4.13 19.55 25.52
CA THR C 146 -4.71 20.55 24.63
C THR C 146 -5.60 21.48 25.44
N ASP C 147 -5.40 22.79 25.26
CA ASP C 147 -6.21 23.80 25.91
C ASP C 147 -7.26 24.34 24.94
N GLU C 148 -8.18 25.15 25.49
CA GLU C 148 -9.23 25.73 24.66
C GLU C 148 -8.67 26.68 23.60
N THR C 149 -7.43 27.13 23.76
CA THR C 149 -6.78 27.91 22.70
C THR C 149 -6.62 27.07 21.44
N GLY C 150 -6.37 25.78 21.60
CA GLY C 150 -6.04 24.89 20.50
C GLY C 150 -4.61 24.42 20.50
N ASN C 151 -3.75 25.05 21.30
CA ASN C 151 -2.37 24.62 21.42
C ASN C 151 -2.30 23.21 22.00
N THR C 152 -1.38 22.42 21.47
CA THR C 152 -1.21 21.04 21.89
C THR C 152 0.25 20.78 22.22
N ALA C 153 0.50 19.98 23.25
CA ALA C 153 1.84 19.53 23.60
C ALA C 153 1.85 18.02 23.76
N VAL C 154 2.86 17.38 23.19
CA VAL C 154 3.09 15.95 23.33
C VAL C 154 4.29 15.76 24.24
N ILE C 155 4.09 15.10 25.38
CA ILE C 155 5.11 14.97 26.42
C ILE C 155 5.54 13.50 26.46
N GLU C 156 6.82 13.25 26.19
CA GLU C 156 7.36 11.91 26.16
C GLU C 156 8.66 11.86 26.96
N TYR C 157 8.90 10.73 27.61
CA TYR C 157 10.13 10.47 28.35
C TYR C 157 10.93 9.43 27.58
N LEU C 158 12.00 9.87 26.93
CA LEU C 158 12.82 9.01 26.08
C LEU C 158 14.21 8.90 26.67
N ASP C 159 14.60 7.69 27.07
CA ASP C 159 15.92 7.42 27.64
C ASP C 159 16.17 8.27 28.89
N GLY C 160 15.14 8.40 29.72
CA GLY C 160 15.25 9.12 30.96
C GLY C 160 15.26 10.63 30.85
N LYS C 161 15.05 11.18 29.66
CA LYS C 161 15.09 12.61 29.44
C LYS C 161 13.74 13.11 28.93
N LEU C 162 13.39 14.33 29.33
CA LEU C 162 12.08 14.88 29.00
C LEU C 162 12.08 15.46 27.59
N SER C 163 11.04 15.14 26.83
CA SER C 163 10.90 15.59 25.45
C SER C 163 9.52 16.20 25.26
N ILE C 164 9.48 17.38 24.64
CA ILE C 164 8.25 18.14 24.47
C ILE C 164 8.11 18.53 23.00
N HIS C 165 6.89 18.47 22.49
CA HIS C 165 6.53 18.98 21.16
C HIS C 165 5.32 19.88 21.33
N GLU C 166 5.52 21.19 21.29
CA GLU C 166 4.45 22.16 21.46
C GLU C 166 4.11 22.81 20.13
N GLY C 167 2.83 23.06 19.91
CA GLY C 167 2.36 23.68 18.69
C GLY C 167 0.95 23.23 18.38
N LYS C 168 0.25 24.07 17.62
CA LYS C 168 -1.12 23.74 17.23
C LYS C 168 -1.19 22.71 16.12
N GLU C 169 -0.13 22.55 15.33
CA GLU C 169 -0.12 21.56 14.25
C GLU C 169 0.02 20.14 14.76
N TYR C 170 0.37 19.95 16.04
CA TYR C 170 0.61 18.63 16.60
C TYR C 170 -0.70 18.03 17.13
N GLN C 171 -1.66 17.86 16.21
CA GLN C 171 -3.03 17.55 16.58
C GLN C 171 -3.27 16.05 16.82
N VAL C 172 -2.47 15.17 16.23
CA VAL C 172 -2.70 13.74 16.29
C VAL C 172 -1.58 13.07 17.08
N MET C 173 -1.94 12.06 17.87
CA MET C 173 -0.96 11.27 18.60
C MET C 173 -1.44 9.84 18.70
N THR C 174 -0.54 8.89 18.49
CA THR C 174 -0.85 7.49 18.67
C THR C 174 0.12 6.85 19.65
N ASN C 175 0.68 5.71 19.29
CA ASN C 175 1.65 5.06 20.16
C ASN C 175 3.04 5.16 19.56
N SER C 176 3.76 4.06 19.54
CA SER C 176 5.13 4.09 19.05
C SER C 176 5.11 4.30 17.52
N PRO C 177 6.20 4.85 16.96
CA PRO C 177 7.45 5.32 17.59
C PRO C 177 7.32 6.70 18.22
N ARG C 178 8.45 7.28 18.62
CA ARG C 178 8.44 8.60 19.24
C ARG C 178 7.93 9.64 18.24
N TYR C 179 7.46 10.77 18.80
CA TYR C 179 6.69 11.72 17.99
C TYR C 179 7.52 12.32 16.86
N GLU C 180 8.84 12.41 17.03
CA GLU C 180 9.67 12.90 15.94
C GLU C 180 9.67 11.92 14.77
N LEU C 181 9.83 10.62 15.06
CA LEU C 181 9.82 9.62 14.00
C LEU C 181 8.40 9.36 13.50
N GLN C 182 7.40 9.56 14.36
CA GLN C 182 6.02 9.32 13.94
C GLN C 182 5.58 10.33 12.88
N LEU C 183 6.02 11.58 13.01
CA LEU C 183 5.69 12.58 11.99
C LEU C 183 6.39 12.29 10.67
N ALA C 184 7.56 11.67 10.72
CA ALA C 184 8.26 11.30 9.49
C ALA C 184 7.50 10.23 8.73
N VAL C 185 6.93 9.25 9.44
CA VAL C 185 6.10 8.24 8.79
C VAL C 185 4.84 8.87 8.21
N ASN C 186 4.23 9.79 8.95
CA ASN C 186 3.04 10.47 8.45
C ASN C 186 3.36 11.34 7.24
N ASP C 187 4.55 11.97 7.24
CA ASP C 187 4.94 12.79 6.10
C ASP C 187 5.07 11.94 4.83
N TYR C 188 5.56 10.71 4.96
CA TYR C 188 5.70 9.83 3.81
C TYR C 188 4.33 9.54 3.18
N TRP C 189 3.34 9.21 4.02
CA TRP C 189 2.02 8.89 3.48
C TRP C 189 1.34 10.13 2.91
N LYS C 190 1.68 11.32 3.41
CA LYS C 190 1.17 12.54 2.80
C LYS C 190 1.75 12.74 1.41
N GLU C 191 2.94 12.19 1.14
CA GLU C 191 3.45 12.17 -0.22
C GLU C 191 2.65 11.24 -1.11
N VAL C 192 2.04 10.20 -0.53
CA VAL C 192 1.23 9.27 -1.30
C VAL C 192 -0.12 9.88 -1.63
N GLY C 193 -0.77 10.50 -0.66
CA GLY C 193 -2.09 11.07 -0.87
C GLY C 193 -3.16 10.31 -0.11
N GLY C 194 -3.94 11.02 0.71
CA GLY C 194 -4.94 10.36 1.52
C GLY C 194 -6.02 9.67 0.70
N LEU C 195 -6.49 10.34 -0.35
CA LEU C 195 -7.53 9.75 -1.18
C LEU C 195 -6.99 8.67 -2.10
N GLN C 196 -5.73 8.78 -2.51
CA GLN C 196 -5.15 7.77 -3.40
C GLN C 196 -4.89 6.47 -2.66
N MET C 197 -4.21 6.54 -1.51
CA MET C 197 -3.93 5.33 -0.74
C MET C 197 -3.73 5.69 0.72
N LEU C 198 -4.42 4.96 1.60
CA LEU C 198 -4.30 5.08 3.04
C LEU C 198 -4.03 3.71 3.64
N PRO C 199 -3.14 3.62 4.63
CA PRO C 199 -2.91 2.34 5.31
C PRO C 199 -4.03 2.05 6.29
N GLY C 200 -4.74 0.94 6.07
CA GLY C 200 -5.89 0.58 6.86
C GLY C 200 -5.64 -0.40 7.99
N THR C 201 -4.38 -0.76 8.25
CA THR C 201 -4.08 -1.65 9.37
C THR C 201 -4.32 -0.94 10.69
N ASN C 202 -4.69 -1.72 11.71
CA ASN C 202 -4.95 -1.20 13.05
C ASN C 202 -3.69 -0.86 13.82
N ARG C 203 -2.52 -0.89 13.20
CA ARG C 203 -1.29 -0.58 13.93
C ARG C 203 -1.16 0.92 14.17
N SER C 204 -0.15 1.29 14.94
CA SER C 204 -0.08 2.64 15.50
C SER C 204 0.18 3.69 14.42
N SER C 205 1.15 3.44 13.55
CA SER C 205 1.49 4.43 12.52
C SER C 205 0.35 4.59 11.53
N ASP C 206 -0.37 3.51 11.22
CA ASP C 206 -1.46 3.60 10.25
C ASP C 206 -2.64 4.39 10.81
N ARG C 207 -3.02 4.12 12.07
CA ARG C 207 -4.08 4.89 12.70
C ARG C 207 -3.71 6.36 12.81
N PHE C 208 -2.42 6.66 12.97
CA PHE C 208 -1.97 8.05 12.98
C PHE C 208 -2.25 8.73 11.64
N VAL C 209 -1.97 8.04 10.53
CA VAL C 209 -2.09 8.65 9.21
C VAL C 209 -3.56 8.93 8.89
N ARG C 210 -4.43 7.97 9.16
CA ARG C 210 -5.86 8.17 8.89
C ARG C 210 -6.43 9.27 9.77
N ALA C 211 -6.05 9.29 11.05
CA ALA C 211 -6.51 10.36 11.94
C ALA C 211 -5.98 11.71 11.48
N SER C 212 -4.73 11.76 11.04
CA SER C 212 -4.15 13.03 10.59
C SER C 212 -4.85 13.55 9.34
N PHE C 213 -5.21 12.66 8.42
CA PHE C 213 -5.81 13.09 7.17
C PHE C 213 -7.29 13.41 7.32
N TYR C 214 -8.02 12.60 8.08
CA TYR C 214 -9.46 12.79 8.19
C TYR C 214 -9.84 13.93 9.13
N ILE C 215 -8.98 14.26 10.09
CA ILE C 215 -9.30 15.37 11.00
C ILE C 215 -9.19 16.71 10.29
N HIS C 216 -8.45 16.78 9.18
CA HIS C 216 -8.34 18.01 8.40
C HIS C 216 -9.34 18.07 7.25
N ALA C 217 -9.98 16.95 6.91
CA ALA C 217 -10.91 16.90 5.80
C ALA C 217 -12.37 16.98 6.21
N ILE C 218 -12.67 16.86 7.51
CA ILE C 218 -14.05 17.01 7.99
C ILE C 218 -14.43 18.47 7.88
N PRO C 219 -15.73 18.81 7.84
CA PRO C 219 -16.12 20.21 7.62
C PRO C 219 -15.57 21.15 8.67
N GLN C 220 -15.09 22.31 8.22
CA GLN C 220 -14.62 23.37 9.09
C GLN C 220 -15.84 24.22 9.49
N THR C 221 -16.31 24.04 10.72
CA THR C 221 -17.44 24.80 11.23
C THR C 221 -17.34 24.89 12.74
N ALA C 222 -17.95 25.93 13.29
CA ALA C 222 -18.00 26.14 14.73
C ALA C 222 -19.23 25.52 15.37
N ASP C 223 -20.11 24.92 14.59
CA ASP C 223 -21.35 24.35 15.10
C ASP C 223 -21.09 22.98 15.71
N ALA C 224 -21.30 22.87 17.02
CA ALA C 224 -21.14 21.58 17.69
C ALA C 224 -22.16 20.55 17.21
N LYS C 225 -23.28 21.01 16.62
CA LYS C 225 -24.23 20.10 16.00
C LYS C 225 -23.58 19.30 14.86
N ILE C 226 -22.49 19.81 14.28
CA ILE C 226 -21.82 19.15 13.18
C ILE C 226 -20.45 18.62 13.59
N ALA C 227 -19.69 19.41 14.36
CA ALA C 227 -18.30 19.08 14.65
C ALA C 227 -18.18 17.82 15.49
N VAL C 228 -18.98 17.71 16.57
CA VAL C 228 -18.86 16.56 17.45
C VAL C 228 -19.18 15.24 16.74
N PRO C 229 -20.28 15.11 15.99
CA PRO C 229 -20.49 13.85 15.25
C PRO C 229 -19.43 13.59 14.20
N SER C 230 -18.82 14.65 13.64
CA SER C 230 -17.77 14.46 12.65
C SER C 230 -16.48 13.96 13.29
N VAL C 231 -16.10 14.55 14.43
CA VAL C 231 -14.91 14.09 15.14
C VAL C 231 -15.08 12.66 15.60
N LEU C 232 -16.29 12.29 16.04
CA LEU C 232 -16.54 10.92 16.44
C LEU C 232 -16.41 9.96 15.26
N SER C 233 -16.84 10.41 14.07
CA SER C 233 -16.69 9.57 12.89
C SER C 233 -15.22 9.34 12.55
N VAL C 234 -14.36 10.33 12.84
CA VAL C 234 -12.93 10.15 12.63
C VAL C 234 -12.37 9.15 13.64
N MET C 235 -12.73 9.31 14.92
CA MET C 235 -12.25 8.38 15.94
C MET C 235 -12.77 6.97 15.71
N ARG C 236 -13.96 6.84 15.13
CA ARG C 236 -14.49 5.52 14.79
C ARG C 236 -13.72 4.91 13.62
N ASN C 237 -13.31 5.74 12.66
CA ASN C 237 -12.54 5.23 11.53
C ASN C 237 -11.17 4.72 11.99
N VAL C 238 -10.54 5.45 12.91
CA VAL C 238 -9.24 5.01 13.44
C VAL C 238 -9.39 4.01 14.59
N SER C 239 -10.61 3.79 15.08
CA SER C 239 -10.82 2.77 16.09
C SER C 239 -10.76 1.38 15.46
N VAL C 240 -10.26 0.41 16.22
CA VAL C 240 -10.13 -0.95 15.73
C VAL C 240 -11.39 -1.71 16.08
N PRO C 241 -11.84 -2.65 15.24
CA PRO C 241 -13.08 -3.39 15.54
C PRO C 241 -12.94 -4.22 16.81
N PHE C 242 -14.09 -4.70 17.29
CA PHE C 242 -14.15 -5.31 18.60
C PHE C 242 -13.77 -6.79 18.54
N GLY C 243 -13.01 -7.23 19.55
CA GLY C 243 -12.66 -8.63 19.71
C GLY C 243 -11.91 -9.24 18.55
N ILE C 244 -11.13 -8.43 17.83
CA ILE C 244 -10.43 -8.93 16.65
C ILE C 244 -9.37 -9.93 17.06
N ASN C 245 -9.39 -11.10 16.42
CA ASN C 245 -8.39 -12.14 16.69
C ASN C 245 -8.24 -13.00 15.45
N THR C 246 -7.08 -13.64 15.34
CA THR C 246 -6.77 -14.59 14.28
C THR C 246 -6.07 -15.78 14.91
N PRO C 247 -6.00 -16.92 14.21
CA PRO C 247 -5.21 -18.04 14.75
C PRO C 247 -3.76 -17.67 14.99
N GLU C 248 -3.16 -16.89 14.09
CA GLU C 248 -1.76 -16.49 14.27
C GLU C 248 -1.61 -15.46 15.39
N LYS C 249 -2.63 -14.63 15.61
CA LYS C 249 -2.59 -13.55 16.60
C LYS C 249 -3.78 -13.71 17.52
N PRO C 250 -3.62 -14.43 18.63
CA PRO C 250 -4.79 -14.73 19.48
C PRO C 250 -5.39 -13.51 20.16
N HIS C 251 -4.56 -12.59 20.66
CA HIS C 251 -5.03 -11.44 21.43
C HIS C 251 -4.55 -10.16 20.76
N ILE C 252 -5.50 -9.28 20.43
CA ILE C 252 -5.23 -8.00 19.79
C ILE C 252 -5.93 -6.91 20.57
N SER C 253 -5.26 -5.77 20.75
CA SER C 253 -5.85 -4.65 21.48
C SER C 253 -7.07 -4.13 20.73
N SER C 254 -8.21 -4.09 21.41
CA SER C 254 -9.49 -3.79 20.79
C SER C 254 -10.14 -2.59 21.46
N THR C 255 -10.67 -1.68 20.64
CA THR C 255 -11.29 -0.47 21.16
C THR C 255 -12.50 -0.81 22.03
N ARG C 256 -12.57 -0.19 23.20
CA ARG C 256 -13.66 -0.42 24.14
C ARG C 256 -14.52 0.80 24.38
N TRP C 257 -13.95 2.01 24.38
CA TRP C 257 -14.75 3.22 24.52
C TRP C 257 -14.03 4.38 23.84
N ARG C 258 -14.82 5.42 23.53
CA ARG C 258 -14.31 6.63 22.92
C ARG C 258 -14.80 7.83 23.71
N SER C 259 -13.99 8.88 23.74
CA SER C 259 -14.34 10.13 24.41
C SER C 259 -14.04 11.29 23.50
N VAL C 260 -14.98 12.23 23.41
CA VAL C 260 -14.85 13.41 22.56
C VAL C 260 -15.13 14.63 23.44
N SER C 261 -14.15 15.51 23.58
CA SER C 261 -14.23 16.66 24.48
C SER C 261 -14.44 17.93 23.67
N ASP C 262 -15.61 18.54 23.83
CA ASP C 262 -15.90 19.85 23.25
C ASP C 262 -15.26 20.89 24.15
N GLN C 263 -14.03 21.30 23.82
CA GLN C 263 -13.29 22.23 24.66
C GLN C 263 -13.83 23.65 24.59
N LYS C 264 -14.62 23.97 23.56
CA LYS C 264 -15.24 25.28 23.48
C LYS C 264 -16.40 25.40 24.45
N ASN C 265 -17.38 24.50 24.36
CA ASN C 265 -18.58 24.54 25.18
C ASN C 265 -18.44 23.72 26.46
N LYS C 266 -17.26 23.17 26.74
CA LYS C 266 -16.98 22.44 27.97
C LYS C 266 -17.93 21.25 28.14
N VAL C 267 -18.04 20.44 27.08
CA VAL C 267 -18.88 19.25 27.09
C VAL C 267 -17.99 18.03 26.86
N TYR C 268 -18.21 16.98 27.66
CA TYR C 268 -17.40 15.77 27.62
C TYR C 268 -18.29 14.63 27.13
N TYR C 269 -18.12 14.24 25.87
CA TYR C 269 -18.88 13.15 25.28
C TYR C 269 -18.18 11.82 25.52
N PHE C 270 -18.96 10.75 25.58
CA PHE C 270 -18.43 9.44 25.92
C PHE C 270 -19.36 8.36 25.38
N GLU C 271 -18.76 7.30 24.82
CA GLU C 271 -19.50 6.11 24.41
C GLU C 271 -18.61 4.90 24.57
N SER C 272 -19.24 3.74 24.77
CA SER C 272 -18.55 2.46 24.84
C SER C 272 -18.97 1.61 23.65
N THR C 273 -18.03 0.79 23.17
CA THR C 273 -18.31 -0.02 21.99
C THR C 273 -19.43 -1.02 22.23
N LEU C 274 -19.55 -1.54 23.46
CA LEU C 274 -20.57 -2.51 23.78
C LEU C 274 -21.91 -1.88 24.16
N THR C 275 -21.94 -0.57 24.42
CA THR C 275 -23.20 0.08 24.77
C THR C 275 -23.67 0.94 23.60
N PRO C 276 -24.98 0.99 23.35
CA PRO C 276 -25.48 1.63 22.11
C PRO C 276 -25.47 3.14 22.14
N ASN C 277 -25.27 3.78 23.28
CA ASN C 277 -25.51 5.21 23.40
C ASN C 277 -24.20 5.99 23.52
N LEU C 278 -24.26 7.24 23.09
CA LEU C 278 -23.18 8.22 23.29
C LEU C 278 -23.73 9.29 24.23
N PHE C 279 -23.39 9.17 25.51
CA PHE C 279 -23.81 10.12 26.52
C PHE C 279 -22.73 11.18 26.75
N TRP C 280 -23.08 12.20 27.53
CA TRP C 280 -22.15 13.30 27.76
C TRP C 280 -22.38 13.89 29.14
N LEU C 281 -21.38 14.64 29.60
CA LEU C 281 -21.44 15.38 30.86
C LEU C 281 -21.10 16.83 30.58
N ASP C 282 -22.11 17.70 30.61
CA ASP C 282 -21.91 19.12 30.39
C ASP C 282 -21.28 19.73 31.64
N LEU C 283 -20.03 20.22 31.51
CA LEU C 283 -19.34 20.77 32.66
C LEU C 283 -19.93 22.09 33.14
N LYS C 284 -20.69 22.78 32.28
CA LYS C 284 -21.31 24.04 32.68
C LYS C 284 -22.46 23.82 33.65
N LYS C 285 -22.98 22.59 33.75
CA LYS C 285 -24.04 22.27 34.69
C LYS C 285 -23.52 21.59 35.96
N ILE C 286 -22.20 21.45 36.10
CA ILE C 286 -21.60 20.71 37.20
C ILE C 286 -21.04 21.70 38.21
N ASP C 287 -21.27 21.42 39.50
CA ASP C 287 -20.76 22.27 40.58
C ASP C 287 -19.39 21.73 41.00
N PHE C 288 -18.34 22.50 40.73
CA PHE C 288 -16.98 22.14 41.12
C PHE C 288 -16.52 22.87 42.37
N SER C 289 -17.46 23.32 43.20
CA SER C 289 -17.10 24.03 44.43
C SER C 289 -16.38 23.08 45.39
N PRO C 290 -15.50 23.61 46.24
CA PRO C 290 -14.60 22.75 47.03
C PRO C 290 -15.28 21.65 47.83
N LYS C 291 -16.53 21.84 48.26
CA LYS C 291 -17.25 20.81 49.02
C LYS C 291 -18.54 20.40 48.32
N ALA C 292 -18.48 20.26 47.00
CA ALA C 292 -19.61 19.72 46.24
C ALA C 292 -19.73 18.21 46.37
N GLY C 293 -18.71 17.53 46.85
CA GLY C 293 -18.74 16.07 46.94
C GLY C 293 -18.24 15.41 45.67
N VAL C 294 -17.64 14.24 45.85
CA VAL C 294 -17.13 13.46 44.72
C VAL C 294 -18.28 12.71 44.08
N LYS C 295 -18.39 12.78 42.75
CA LYS C 295 -19.40 12.07 42.01
C LYS C 295 -18.74 11.11 41.02
N LYS C 296 -19.51 10.12 40.58
CA LYS C 296 -18.98 9.04 39.77
C LYS C 296 -20.06 8.47 38.88
N LEU C 297 -19.73 8.22 37.62
CA LEU C 297 -20.61 7.55 36.67
C LEU C 297 -20.14 6.11 36.52
N SER C 298 -20.89 5.19 37.12
CA SER C 298 -20.52 3.77 37.08
C SER C 298 -20.68 3.22 35.67
N LEU C 299 -19.63 2.57 35.17
CA LEU C 299 -19.64 1.96 33.86
C LEU C 299 -19.25 0.49 33.86
N THR C 300 -18.80 -0.05 34.99
CA THR C 300 -18.34 -1.43 35.04
C THR C 300 -19.47 -2.44 35.20
N LYS C 301 -20.62 -2.02 35.73
CA LYS C 301 -21.76 -2.91 35.92
C LYS C 301 -22.67 -2.96 34.70
N GLY C 302 -22.14 -2.67 33.51
CA GLY C 302 -22.92 -2.71 32.29
C GLY C 302 -23.97 -1.64 32.17
N GLU C 303 -23.80 -0.52 32.87
CA GLU C 303 -24.81 0.53 32.87
C GLU C 303 -24.97 1.15 31.49
N ILE C 304 -26.17 1.64 31.22
CA ILE C 304 -26.49 2.29 29.95
C ILE C 304 -27.04 3.67 30.26
N TYR C 305 -26.34 4.70 29.78
CA TYR C 305 -26.77 6.08 29.93
C TYR C 305 -27.11 6.66 28.57
N ALA C 306 -27.86 7.77 28.58
CA ALA C 306 -28.27 8.41 27.33
C ALA C 306 -28.39 9.91 27.55
N GLY C 307 -28.06 10.66 26.51
CA GLY C 307 -28.17 12.11 26.57
C GLY C 307 -27.27 12.70 27.64
N ASP C 308 -27.82 13.64 28.40
CA ASP C 308 -27.10 14.26 29.50
C ASP C 308 -27.13 13.33 30.71
N ALA C 309 -25.95 12.99 31.22
CA ALA C 309 -25.82 12.01 32.30
C ALA C 309 -25.52 12.65 33.66
N VAL C 310 -25.62 13.98 33.76
CA VAL C 310 -25.37 14.63 35.05
C VAL C 310 -26.41 14.20 36.08
N LYS C 311 -27.65 13.97 35.64
CA LYS C 311 -28.66 13.46 36.55
C LYS C 311 -28.31 12.07 37.06
N ASP C 312 -27.60 11.29 36.25
CA ASP C 312 -27.21 9.93 36.62
C ASP C 312 -25.96 9.90 37.49
N LEU C 313 -25.33 11.05 37.76
CA LEU C 313 -24.17 11.07 38.65
C LEU C 313 -24.59 10.68 40.06
N LYS C 314 -23.77 9.83 40.68
CA LYS C 314 -24.03 9.31 42.01
C LYS C 314 -22.96 9.77 42.99
N ASP C 315 -23.38 10.00 44.24
CA ASP C 315 -22.43 10.30 45.30
C ASP C 315 -21.50 9.11 45.50
N SER C 316 -20.20 9.37 45.54
CA SER C 316 -19.22 8.30 45.60
C SER C 316 -17.94 8.82 46.22
N GLN C 317 -17.14 7.89 46.70
CA GLN C 317 -15.78 8.17 47.14
C GLN C 317 -14.80 7.95 46.00
N SER C 318 -13.74 8.74 46.00
CA SER C 318 -12.76 8.64 44.92
C SER C 318 -11.98 7.34 45.01
N PHE C 319 -11.58 6.83 43.84
CA PHE C 319 -10.88 5.56 43.77
C PHE C 319 -9.48 5.68 44.38
N THR C 320 -8.85 4.52 44.61
CA THR C 320 -7.51 4.46 45.15
C THR C 320 -6.50 4.61 44.02
N PHE C 321 -5.62 5.59 44.13
CA PHE C 321 -4.54 5.75 43.17
C PHE C 321 -3.42 4.75 43.48
N LEU C 322 -3.19 3.82 42.57
CA LEU C 322 -2.19 2.79 42.76
C LEU C 322 -0.81 3.33 42.41
N PHE C 323 0.15 3.12 43.32
CA PHE C 323 1.52 3.55 43.11
C PHE C 323 2.53 2.43 43.14
N GLU C 324 2.14 1.22 43.52
CA GLU C 324 3.03 0.07 43.58
C GLU C 324 2.40 -1.06 42.76
N THR C 325 3.09 -2.21 42.72
CA THR C 325 2.53 -3.40 42.10
C THR C 325 2.01 -4.33 43.19
N PRO C 326 0.72 -4.64 43.20
CA PRO C 326 0.17 -5.48 44.28
C PRO C 326 0.70 -6.90 44.21
N VAL C 327 0.89 -7.49 45.39
CA VAL C 327 1.28 -8.89 45.47
C VAL C 327 0.10 -9.76 44.99
N MET C 328 0.43 -10.78 44.20
CA MET C 328 -0.59 -11.65 43.63
C MET C 328 -0.30 -13.11 43.96
N MET D 1 -19.71 4.12 -2.85
CA MET D 1 -20.53 4.75 -1.82
C MET D 1 -20.63 3.87 -0.57
N CYS D 2 -21.65 3.03 -0.50
CA CYS D 2 -21.97 2.27 0.69
C CYS D 2 -21.44 0.84 0.61
N THR D 3 -21.46 0.16 1.75
CA THR D 3 -20.93 -1.19 1.88
C THR D 3 -21.84 -2.03 2.76
N ARG D 4 -21.82 -3.34 2.52
CA ARG D 4 -22.67 -4.29 3.23
C ARG D 4 -21.84 -5.50 3.62
N ALA D 5 -22.06 -6.00 4.85
CA ALA D 5 -21.32 -7.14 5.36
C ALA D 5 -22.26 -8.07 6.10
N VAL D 6 -22.00 -9.37 5.98
CA VAL D 6 -22.81 -10.40 6.60
C VAL D 6 -21.94 -11.17 7.59
N TYR D 7 -22.41 -11.26 8.84
CA TYR D 7 -21.73 -12.02 9.89
C TYR D 7 -22.42 -13.35 10.07
N LEU D 8 -21.63 -14.43 10.11
CA LEU D 8 -22.14 -15.79 10.23
C LEU D 8 -21.54 -16.41 11.50
N GLY D 9 -22.32 -16.40 12.58
CA GLY D 9 -21.86 -16.91 13.85
C GLY D 9 -22.43 -18.28 14.17
N PRO D 10 -22.08 -18.82 15.33
CA PRO D 10 -22.58 -20.15 15.70
C PRO D 10 -24.04 -20.11 16.11
N ASP D 11 -24.67 -21.28 16.05
CA ASP D 11 -26.07 -21.45 16.43
C ASP D 11 -26.98 -20.52 15.64
N ARG D 12 -26.84 -20.57 14.31
CA ARG D 12 -27.70 -19.82 13.39
C ARG D 12 -27.68 -18.32 13.68
N MET D 13 -26.56 -17.81 14.17
CA MET D 13 -26.44 -16.38 14.48
C MET D 13 -25.99 -15.67 13.21
N VAL D 14 -26.94 -15.04 12.51
CA VAL D 14 -26.68 -14.32 11.28
C VAL D 14 -27.04 -12.86 11.49
N VAL D 15 -26.04 -11.99 11.39
CA VAL D 15 -26.23 -10.55 11.57
C VAL D 15 -25.70 -9.84 10.33
N THR D 16 -26.48 -8.92 9.78
CA THR D 16 -26.13 -8.21 8.56
C THR D 16 -26.05 -6.71 8.85
N GLY D 17 -24.88 -6.12 8.58
CA GLY D 17 -24.71 -4.69 8.68
C GLY D 17 -24.69 -4.03 7.32
N ARG D 18 -25.03 -2.74 7.30
CA ARG D 18 -25.09 -2.00 6.05
C ARG D 18 -24.89 -0.52 6.34
N THR D 19 -24.13 0.14 5.48
CA THR D 19 -23.91 1.57 5.58
C THR D 19 -24.73 2.29 4.51
N MET D 20 -24.91 3.59 4.71
CA MET D 20 -25.58 4.46 3.74
C MET D 20 -24.70 5.68 3.53
N ASP D 21 -23.98 5.71 2.41
CA ASP D 21 -23.06 6.79 2.08
C ASP D 21 -23.66 7.61 0.95
N TRP D 22 -23.86 8.90 1.19
CA TRP D 22 -24.52 9.78 0.23
C TRP D 22 -23.84 11.15 0.23
N LYS D 23 -23.97 11.85 -0.89
CA LYS D 23 -23.37 13.18 -1.02
C LYS D 23 -24.08 14.19 -0.12
N GLU D 24 -25.37 14.37 -0.33
CA GLU D 24 -26.18 15.25 0.51
C GLU D 24 -26.95 14.40 1.52
N ASP D 25 -27.91 15.03 2.21
CA ASP D 25 -28.73 14.29 3.16
C ASP D 25 -29.68 13.36 2.41
N ILE D 26 -29.76 12.12 2.88
CA ILE D 26 -30.54 11.11 2.18
C ILE D 26 -32.03 11.20 2.48
N MET D 27 -32.41 11.91 3.55
CA MET D 27 -33.81 12.12 3.92
C MET D 27 -34.53 10.78 4.13
N SER D 28 -33.89 9.89 4.89
CA SER D 28 -34.41 8.56 5.09
C SER D 28 -35.41 8.53 6.25
N ASN D 29 -36.44 7.69 6.09
CA ASN D 29 -37.39 7.41 7.16
C ASN D 29 -37.62 5.90 7.20
N ILE D 30 -38.09 5.43 8.36
CA ILE D 30 -38.32 4.01 8.59
C ILE D 30 -39.82 3.76 8.62
N TYR D 31 -40.27 2.81 7.80
CA TYR D 31 -41.67 2.42 7.73
C TYR D 31 -41.83 0.98 8.17
N VAL D 32 -42.98 0.67 8.74
CA VAL D 32 -43.31 -0.68 9.20
C VAL D 32 -44.56 -1.11 8.44
N PHE D 33 -44.37 -1.99 7.45
CA PHE D 33 -45.50 -2.46 6.66
C PHE D 33 -46.00 -3.79 7.22
N PRO D 34 -47.28 -3.91 7.53
CA PRO D 34 -47.83 -5.22 7.89
C PRO D 34 -47.93 -6.11 6.67
N ARG D 35 -48.25 -7.38 6.91
CA ARG D 35 -48.39 -8.33 5.83
C ARG D 35 -49.78 -8.22 5.20
N GLY D 36 -49.89 -8.71 3.97
CA GLY D 36 -51.15 -8.67 3.26
C GLY D 36 -51.42 -7.41 2.46
N MET D 37 -50.41 -6.57 2.27
CA MET D 37 -50.56 -5.35 1.48
C MET D 37 -50.36 -5.65 0.01
N GLN D 38 -51.19 -5.02 -0.83
CA GLN D 38 -51.09 -5.19 -2.28
C GLN D 38 -50.38 -3.97 -2.88
N ARG D 39 -49.47 -4.25 -3.82
CA ARG D 39 -48.74 -3.20 -4.51
C ARG D 39 -48.51 -3.62 -5.96
N ALA D 40 -48.17 -2.64 -6.78
CA ALA D 40 -47.79 -2.86 -8.17
C ALA D 40 -46.37 -2.32 -8.38
N GLY D 41 -45.60 -3.01 -9.21
CA GLY D 41 -44.23 -2.62 -9.44
C GLY D 41 -44.01 -1.44 -10.34
N HIS D 42 -45.06 -0.81 -10.85
CA HIS D 42 -44.93 0.36 -11.71
C HIS D 42 -46.27 1.08 -11.75
N ASN D 43 -46.24 2.30 -12.29
CA ASN D 43 -47.38 3.22 -12.24
C ASN D 43 -48.04 3.45 -13.59
N LYS D 44 -47.29 3.43 -14.70
CA LYS D 44 -47.84 3.80 -15.99
C LYS D 44 -47.65 2.77 -17.09
N GLU D 45 -46.79 1.77 -16.91
CA GLU D 45 -46.54 0.77 -17.93
C GLU D 45 -46.99 -0.61 -17.43
N LYS D 46 -46.91 -1.59 -18.32
CA LYS D 46 -47.29 -2.96 -17.98
C LYS D 46 -46.44 -3.47 -16.82
N THR D 47 -47.10 -4.15 -15.88
CA THR D 47 -46.45 -4.50 -14.63
C THR D 47 -47.00 -5.81 -14.10
N VAL D 48 -46.27 -6.39 -13.14
CA VAL D 48 -46.77 -7.50 -12.33
C VAL D 48 -47.47 -6.93 -11.11
N ASN D 49 -48.21 -7.77 -10.40
CA ASN D 49 -48.86 -7.40 -9.16
C ASN D 49 -48.62 -8.50 -8.13
N TRP D 50 -48.70 -8.12 -6.86
CA TRP D 50 -48.49 -9.08 -5.78
C TRP D 50 -49.12 -8.56 -4.51
N THR D 51 -49.31 -9.46 -3.55
CA THR D 51 -49.78 -9.12 -2.22
C THR D 51 -48.75 -9.61 -1.20
N SER D 52 -48.59 -8.84 -0.12
CA SER D 52 -47.53 -9.10 0.83
C SER D 52 -47.76 -10.42 1.56
N LYS D 53 -46.84 -11.36 1.40
CA LYS D 53 -46.87 -12.58 2.19
C LYS D 53 -46.20 -12.40 3.53
N TYR D 54 -45.33 -11.41 3.67
CA TYR D 54 -44.63 -11.12 4.91
C TYR D 54 -44.51 -9.61 5.09
N GLY D 55 -44.73 -9.15 6.32
CA GLY D 55 -44.48 -7.76 6.64
C GLY D 55 -43.01 -7.47 6.79
N SER D 56 -42.65 -6.19 6.69
CA SER D 56 -41.24 -5.82 6.66
C SER D 56 -41.02 -4.48 7.35
N VAL D 57 -39.83 -4.34 7.93
CA VAL D 57 -39.35 -3.08 8.51
C VAL D 57 -38.25 -2.57 7.60
N ILE D 58 -38.49 -1.44 6.94
CA ILE D 58 -37.60 -0.96 5.88
C ILE D 58 -37.18 0.47 6.16
N ALA D 59 -36.10 0.88 5.49
CA ALA D 59 -35.63 2.26 5.47
C ALA D 59 -35.71 2.78 4.04
N THR D 60 -36.02 4.06 3.92
CA THR D 60 -36.27 4.68 2.61
C THR D 60 -35.08 5.53 2.18
N GLY D 61 -35.14 5.96 0.93
CA GLY D 61 -34.19 6.92 0.38
C GLY D 61 -34.94 8.05 -0.31
N TYR D 62 -34.96 9.22 0.30
CA TYR D 62 -35.82 10.35 -0.07
C TYR D 62 -37.30 10.00 0.02
N ASP D 63 -37.63 8.85 0.61
CA ASP D 63 -39.01 8.34 0.65
C ASP D 63 -39.60 8.21 -0.74
N ILE D 64 -38.74 7.95 -1.73
CA ILE D 64 -39.18 7.63 -3.08
C ILE D 64 -39.06 6.15 -3.41
N GLY D 65 -38.37 5.38 -2.58
CA GLY D 65 -38.22 3.96 -2.81
C GLY D 65 -37.61 3.29 -1.60
N THR D 66 -37.60 1.96 -1.64
CA THR D 66 -37.04 1.16 -0.56
C THR D 66 -35.59 0.81 -0.89
N CYS D 67 -34.69 1.07 0.07
CA CYS D 67 -33.27 0.82 -0.13
C CYS D 67 -32.69 -0.22 0.83
N ASP D 68 -33.37 -0.51 1.94
CA ASP D 68 -32.82 -1.37 2.97
C ASP D 68 -33.96 -1.76 3.90
N GLY D 69 -33.93 -3.01 4.37
CA GLY D 69 -34.98 -3.46 5.27
C GLY D 69 -34.88 -4.93 5.57
N MET D 70 -35.85 -5.39 6.36
CA MET D 70 -35.90 -6.76 6.85
C MET D 70 -37.37 -7.14 7.06
N ASN D 71 -37.70 -8.39 6.76
CA ASN D 71 -39.08 -8.85 6.86
C ASN D 71 -39.26 -9.74 8.09
N GLU D 72 -40.42 -10.39 8.17
CA GLU D 72 -40.77 -11.18 9.35
C GLU D 72 -39.88 -12.40 9.50
N LYS D 73 -39.57 -13.08 8.39
CA LYS D 73 -38.85 -14.34 8.42
C LYS D 73 -37.33 -14.17 8.43
N GLY D 74 -36.84 -12.97 8.75
CA GLY D 74 -35.42 -12.75 8.87
C GLY D 74 -34.70 -12.44 7.58
N LEU D 75 -35.42 -12.23 6.48
CA LEU D 75 -34.79 -11.91 5.20
C LEU D 75 -34.44 -10.43 5.15
N VAL D 76 -33.21 -10.14 4.71
CA VAL D 76 -32.70 -8.77 4.65
C VAL D 76 -32.30 -8.49 3.21
N ALA D 77 -32.90 -7.45 2.63
CA ALA D 77 -32.57 -7.01 1.27
C ALA D 77 -31.92 -5.63 1.35
N SER D 78 -30.83 -5.45 0.62
CA SER D 78 -30.06 -4.21 0.65
C SER D 78 -29.70 -3.81 -0.76
N LEU D 79 -30.08 -2.59 -1.16
CA LEU D 79 -29.85 -2.09 -2.51
C LEU D 79 -28.70 -1.10 -2.46
N LEU D 80 -27.55 -1.48 -3.02
CA LEU D 80 -26.36 -0.65 -3.06
C LEU D 80 -26.03 -0.26 -4.49
N PHE D 81 -25.28 0.84 -4.62
CA PHE D 81 -25.04 1.45 -5.92
C PHE D 81 -24.07 0.63 -6.76
N LEU D 82 -24.26 0.69 -8.09
CA LEU D 82 -23.37 0.03 -9.04
C LEU D 82 -23.45 0.80 -10.36
N PRO D 83 -22.47 1.67 -10.63
CA PRO D 83 -22.57 2.53 -11.83
C PRO D 83 -22.70 1.77 -13.14
N GLU D 84 -22.01 0.65 -13.30
CA GLU D 84 -22.03 -0.10 -14.56
C GLU D 84 -23.28 -0.94 -14.74
N SER D 85 -24.33 -0.71 -13.95
CA SER D 85 -25.54 -1.51 -14.04
C SER D 85 -26.32 -1.15 -15.31
N VAL D 86 -26.60 -2.15 -16.13
CA VAL D 86 -27.49 -2.02 -17.28
C VAL D 86 -28.58 -3.06 -17.12
N TYR D 87 -29.83 -2.62 -16.98
CA TYR D 87 -30.89 -3.52 -16.56
C TYR D 87 -31.52 -4.26 -17.73
N SER D 88 -31.62 -3.63 -18.90
CA SER D 88 -32.21 -4.27 -20.05
C SER D 88 -31.64 -3.64 -21.33
N LEU D 89 -31.93 -4.28 -22.44
CA LEU D 89 -31.54 -3.85 -23.77
C LEU D 89 -32.70 -3.17 -24.48
N PRO D 90 -32.43 -2.32 -25.46
CA PRO D 90 -33.52 -1.70 -26.22
C PRO D 90 -34.39 -2.75 -26.91
N GLY D 91 -35.70 -2.55 -26.83
CA GLY D 91 -36.66 -3.48 -27.38
C GLY D 91 -37.27 -4.45 -26.39
N ASP D 92 -37.08 -4.22 -25.09
CA ASP D 92 -37.64 -5.11 -24.08
C ASP D 92 -39.10 -4.78 -23.84
N THR D 93 -39.96 -5.80 -23.91
CA THR D 93 -41.40 -5.63 -23.74
C THR D 93 -41.93 -6.37 -22.53
N ARG D 94 -41.05 -6.80 -21.64
CA ARG D 94 -41.47 -7.49 -20.42
C ARG D 94 -42.16 -6.51 -19.47
N PRO D 95 -42.89 -7.02 -18.49
CA PRO D 95 -43.45 -6.14 -17.45
C PRO D 95 -42.35 -5.35 -16.75
N ALA D 96 -42.59 -4.06 -16.56
CA ALA D 96 -41.59 -3.15 -16.02
C ALA D 96 -41.73 -3.07 -14.50
N MET D 97 -40.64 -3.36 -13.80
CA MET D 97 -40.58 -3.23 -12.35
C MET D 97 -39.73 -2.01 -12.01
N GLY D 98 -40.31 -1.09 -11.24
CA GLY D 98 -39.58 0.10 -10.85
C GLY D 98 -38.48 -0.22 -9.86
N ILE D 99 -37.33 0.41 -10.06
CA ILE D 99 -36.19 0.20 -9.17
C ILE D 99 -36.51 0.64 -7.75
N SER D 100 -37.44 1.58 -7.59
CA SER D 100 -37.78 2.09 -6.28
C SER D 100 -38.49 1.04 -5.43
N ILE D 101 -39.25 0.14 -6.06
CA ILE D 101 -40.04 -0.86 -5.36
C ILE D 101 -39.46 -2.25 -5.48
N TRP D 102 -38.35 -2.42 -6.21
CA TRP D 102 -37.74 -3.73 -6.36
C TRP D 102 -37.37 -4.32 -5.00
N THR D 103 -36.76 -3.52 -4.13
CA THR D 103 -36.40 -3.99 -2.81
C THR D 103 -37.64 -4.35 -2.00
N GLN D 104 -38.75 -3.63 -2.20
CA GLN D 104 -39.98 -3.96 -1.49
C GLN D 104 -40.55 -5.28 -1.98
N TYR D 105 -40.43 -5.56 -3.28
CA TYR D 105 -40.95 -6.80 -3.84
C TYR D 105 -40.28 -8.01 -3.21
N VAL D 106 -38.98 -7.92 -2.93
CA VAL D 106 -38.25 -9.06 -2.38
C VAL D 106 -38.66 -9.32 -0.94
N LEU D 107 -38.67 -8.27 -0.12
CA LEU D 107 -39.03 -8.43 1.29
C LEU D 107 -40.48 -8.81 1.48
N ASP D 108 -41.32 -8.65 0.47
CA ASP D 108 -42.75 -8.91 0.59
C ASP D 108 -43.11 -10.37 0.31
N ASN D 109 -42.42 -11.01 -0.64
CA ASN D 109 -42.87 -12.29 -1.17
C ASN D 109 -41.95 -13.46 -0.88
N PHE D 110 -40.81 -13.25 -0.23
CA PHE D 110 -39.83 -14.32 -0.06
C PHE D 110 -39.39 -14.41 1.39
N ALA D 111 -39.28 -15.65 1.89
CA ALA D 111 -38.79 -15.92 3.23
C ALA D 111 -37.36 -16.46 3.26
N THR D 112 -36.92 -17.10 2.18
CA THR D 112 -35.53 -17.51 2.03
C THR D 112 -34.99 -16.95 0.73
N VAL D 113 -33.65 -16.93 0.62
CA VAL D 113 -33.03 -16.49 -0.62
C VAL D 113 -33.32 -17.48 -1.75
N ARG D 114 -33.44 -18.76 -1.42
CA ARG D 114 -33.73 -19.77 -2.42
C ARG D 114 -35.03 -19.47 -3.16
N GLU D 115 -36.05 -19.03 -2.42
CA GLU D 115 -37.30 -18.62 -3.07
C GLU D 115 -37.09 -17.38 -3.94
N ALA D 116 -36.25 -16.45 -3.48
CA ALA D 116 -36.02 -15.24 -4.24
C ALA D 116 -35.18 -15.52 -5.50
N VAL D 117 -34.12 -16.32 -5.35
CA VAL D 117 -33.27 -16.62 -6.50
C VAL D 117 -34.05 -17.40 -7.55
N ASP D 118 -34.93 -18.31 -7.12
CA ASP D 118 -35.72 -19.09 -8.07
C ASP D 118 -36.70 -18.21 -8.83
N GLU D 119 -37.39 -17.31 -8.13
CA GLU D 119 -38.38 -16.47 -8.79
C GLU D 119 -37.72 -15.45 -9.71
N MET D 120 -36.53 -14.97 -9.37
CA MET D 120 -35.86 -13.98 -10.21
C MET D 120 -35.18 -14.61 -11.42
N LYS D 121 -34.75 -15.87 -11.31
CA LYS D 121 -34.15 -16.55 -12.45
C LYS D 121 -35.17 -16.81 -13.57
N LYS D 122 -36.46 -16.68 -13.27
CA LYS D 122 -37.47 -16.79 -14.32
C LYS D 122 -37.37 -15.63 -15.30
N GLU D 123 -36.83 -14.50 -14.85
CA GLU D 123 -36.69 -13.29 -15.67
C GLU D 123 -38.04 -12.82 -16.19
N THR D 124 -39.05 -12.87 -15.33
CA THR D 124 -40.40 -12.49 -15.74
C THR D 124 -40.48 -11.00 -16.07
N PHE D 125 -39.98 -10.15 -15.18
CA PHE D 125 -40.06 -8.71 -15.34
C PHE D 125 -38.69 -8.13 -15.66
N ARG D 126 -38.70 -6.85 -16.04
CA ARG D 126 -37.48 -6.08 -16.26
C ARG D 126 -37.46 -4.91 -15.28
N ILE D 127 -36.26 -4.49 -14.90
CA ILE D 127 -36.08 -3.41 -13.94
C ILE D 127 -36.12 -2.08 -14.68
N ASP D 128 -37.05 -1.21 -14.29
CA ASP D 128 -37.21 0.10 -14.90
C ASP D 128 -36.64 1.15 -13.95
N ALA D 129 -35.54 1.77 -14.35
CA ALA D 129 -34.80 2.68 -13.48
C ALA D 129 -34.70 4.08 -14.09
N PRO D 130 -35.46 5.04 -13.58
CA PRO D 130 -35.29 6.43 -14.01
C PRO D 130 -34.18 7.10 -13.21
N ARG D 131 -33.74 8.26 -13.71
CA ARG D 131 -32.74 9.05 -13.01
C ARG D 131 -33.32 9.60 -11.70
N MET D 132 -32.49 9.64 -10.67
CA MET D 132 -32.93 10.16 -9.38
C MET D 132 -33.33 11.63 -9.51
N PRO D 133 -34.30 12.08 -8.71
CA PRO D 133 -34.87 13.41 -8.93
C PRO D 133 -33.91 14.53 -8.57
N ASN D 134 -34.15 15.68 -9.21
CA ASN D 134 -33.44 16.93 -8.94
C ASN D 134 -31.93 16.78 -9.17
N GLY D 135 -31.58 16.51 -10.44
CA GLY D 135 -30.20 16.39 -10.81
C GLY D 135 -29.46 15.23 -10.17
N GLY D 136 -30.19 14.24 -9.65
CA GLY D 136 -29.56 13.13 -8.99
C GLY D 136 -28.89 12.17 -9.95
N PRO D 137 -28.28 11.13 -9.39
CA PRO D 137 -27.58 10.14 -10.22
C PRO D 137 -28.56 9.24 -10.96
N GLU D 138 -28.02 8.50 -11.92
CA GLU D 138 -28.81 7.46 -12.57
C GLU D 138 -29.01 6.30 -11.61
N SER D 139 -30.20 5.72 -11.64
CA SER D 139 -30.56 4.68 -10.66
C SER D 139 -29.96 3.34 -11.08
N THR D 140 -28.64 3.26 -10.94
CA THR D 140 -27.88 2.06 -11.25
C THR D 140 -27.43 1.42 -9.94
N LEU D 141 -28.07 0.32 -9.57
CA LEU D 141 -27.80 -0.32 -8.28
C LEU D 141 -27.92 -1.84 -8.43
N HIS D 142 -27.35 -2.54 -7.45
CA HIS D 142 -27.52 -3.97 -7.28
C HIS D 142 -28.05 -4.24 -5.88
N MET D 143 -28.40 -5.50 -5.61
CA MET D 143 -29.01 -5.86 -4.34
C MET D 143 -28.40 -7.15 -3.81
N ALA D 144 -28.29 -7.24 -2.48
CA ALA D 144 -27.89 -8.45 -1.79
C ALA D 144 -29.01 -8.89 -0.86
N ILE D 145 -29.32 -10.19 -0.89
CA ILE D 145 -30.39 -10.77 -0.08
C ILE D 145 -29.79 -11.84 0.82
N THR D 146 -30.13 -11.81 2.11
CA THR D 146 -29.67 -12.80 3.06
C THR D 146 -30.83 -13.25 3.93
N ASP D 147 -31.00 -14.56 4.05
CA ASP D 147 -32.05 -15.14 4.87
C ASP D 147 -31.50 -15.51 6.24
N GLU D 148 -32.36 -16.08 7.08
CA GLU D 148 -31.94 -16.49 8.41
C GLU D 148 -31.06 -17.73 8.40
N THR D 149 -30.96 -18.43 7.27
CA THR D 149 -30.07 -19.57 7.16
C THR D 149 -28.62 -19.15 6.94
N GLY D 150 -28.37 -17.89 6.63
CA GLY D 150 -27.03 -17.40 6.37
C GLY D 150 -26.67 -17.28 4.90
N ASN D 151 -27.45 -17.89 4.02
CA ASN D 151 -27.15 -17.84 2.59
C ASN D 151 -27.41 -16.45 2.03
N THR D 152 -26.48 -15.97 1.21
CA THR D 152 -26.56 -14.64 0.62
C THR D 152 -26.56 -14.76 -0.91
N ALA D 153 -27.27 -13.84 -1.55
CA ALA D 153 -27.36 -13.79 -3.01
C ALA D 153 -27.14 -12.35 -3.47
N VAL D 154 -26.13 -12.15 -4.31
CA VAL D 154 -25.85 -10.85 -4.92
C VAL D 154 -26.41 -10.86 -6.32
N ILE D 155 -27.32 -9.93 -6.61
CA ILE D 155 -28.03 -9.87 -7.88
C ILE D 155 -27.60 -8.59 -8.60
N GLU D 156 -26.95 -8.74 -9.75
CA GLU D 156 -26.51 -7.61 -10.54
C GLU D 156 -27.00 -7.75 -11.98
N TYR D 157 -27.29 -6.61 -12.60
CA TYR D 157 -27.70 -6.56 -14.00
C TYR D 157 -26.54 -6.00 -14.81
N LEU D 158 -25.90 -6.86 -15.61
CA LEU D 158 -24.71 -6.50 -16.36
C LEU D 158 -25.00 -6.67 -17.85
N ASP D 159 -24.90 -5.57 -18.59
CA ASP D 159 -25.17 -5.55 -20.04
C ASP D 159 -26.57 -6.07 -20.35
N GLY D 160 -27.54 -5.70 -19.52
CA GLY D 160 -28.91 -6.11 -19.71
C GLY D 160 -29.21 -7.54 -19.38
N LYS D 161 -28.32 -8.25 -18.70
CA LYS D 161 -28.53 -9.64 -18.33
C LYS D 161 -28.38 -9.80 -16.82
N LEU D 162 -29.31 -10.55 -16.24
CA LEU D 162 -29.33 -10.78 -14.81
C LEU D 162 -28.17 -11.68 -14.39
N SER D 163 -27.44 -11.25 -13.36
CA SER D 163 -26.29 -12.00 -12.84
C SER D 163 -26.53 -12.26 -11.36
N ILE D 164 -26.51 -13.53 -10.97
CA ILE D 164 -26.76 -13.93 -9.58
C ILE D 164 -25.58 -14.76 -9.09
N HIS D 165 -25.12 -14.45 -7.88
CA HIS D 165 -24.11 -15.24 -7.18
C HIS D 165 -24.69 -15.67 -5.84
N GLU D 166 -24.89 -16.97 -5.68
CA GLU D 166 -25.49 -17.52 -4.46
C GLU D 166 -24.45 -18.31 -3.69
N GLY D 167 -24.46 -18.16 -2.36
CA GLY D 167 -23.51 -18.86 -1.51
C GLY D 167 -23.33 -18.19 -0.16
N LYS D 168 -23.07 -18.99 0.87
CA LYS D 168 -22.85 -18.43 2.20
C LYS D 168 -21.61 -17.55 2.24
N GLU D 169 -20.62 -17.84 1.40
CA GLU D 169 -19.34 -17.13 1.43
C GLU D 169 -19.43 -15.72 0.84
N TYR D 170 -20.52 -15.38 0.18
CA TYR D 170 -20.68 -14.05 -0.42
C TYR D 170 -21.27 -13.09 0.61
N GLN D 171 -20.46 -12.80 1.63
CA GLN D 171 -20.92 -12.06 2.80
C GLN D 171 -20.71 -10.55 2.70
N VAL D 172 -19.96 -10.07 1.71
CA VAL D 172 -19.59 -8.66 1.60
C VAL D 172 -19.97 -8.14 0.22
N MET D 173 -20.38 -6.88 0.15
CA MET D 173 -20.77 -6.27 -1.10
C MET D 173 -20.62 -4.76 -0.99
N THR D 174 -20.04 -4.15 -2.03
CA THR D 174 -19.85 -2.70 -2.04
C THR D 174 -20.43 -2.19 -3.33
N ASN D 175 -19.68 -1.43 -4.11
CA ASN D 175 -20.13 -0.95 -5.41
C ASN D 175 -19.27 -1.55 -6.51
N SER D 176 -18.67 -0.68 -7.31
CA SER D 176 -17.84 -1.14 -8.43
C SER D 176 -16.64 -1.93 -7.91
N PRO D 177 -16.13 -2.89 -8.70
CA PRO D 177 -16.63 -3.30 -10.00
C PRO D 177 -17.59 -4.49 -9.92
N ARG D 178 -17.71 -5.24 -11.02
CA ARG D 178 -18.56 -6.42 -11.04
C ARG D 178 -18.17 -7.38 -9.93
N TYR D 179 -19.16 -8.11 -9.41
CA TYR D 179 -18.89 -8.97 -8.25
C TYR D 179 -17.86 -10.03 -8.58
N GLU D 180 -17.84 -10.51 -9.82
CA GLU D 180 -16.79 -11.45 -10.24
C GLU D 180 -15.42 -10.81 -10.15
N LEU D 181 -15.32 -9.57 -10.64
CA LEU D 181 -14.06 -8.83 -10.55
C LEU D 181 -13.81 -8.33 -9.14
N GLN D 182 -14.86 -7.99 -8.41
CA GLN D 182 -14.70 -7.48 -7.04
C GLN D 182 -14.05 -8.53 -6.14
N LEU D 183 -14.44 -9.80 -6.31
CA LEU D 183 -13.84 -10.87 -5.52
C LEU D 183 -12.37 -11.07 -5.87
N ALA D 184 -11.99 -10.76 -7.12
CA ALA D 184 -10.59 -10.90 -7.51
C ALA D 184 -9.71 -9.86 -6.83
N VAL D 185 -10.22 -8.63 -6.70
CA VAL D 185 -9.46 -7.60 -6.01
C VAL D 185 -9.25 -7.97 -4.54
N ASN D 186 -10.30 -8.50 -3.90
CA ASN D 186 -10.17 -8.96 -2.52
C ASN D 186 -9.27 -10.19 -2.43
N ASP D 187 -9.27 -11.04 -3.45
CA ASP D 187 -8.35 -12.17 -3.48
C ASP D 187 -6.90 -11.69 -3.47
N TYR D 188 -6.62 -10.59 -4.16
CA TYR D 188 -5.26 -10.06 -4.19
C TYR D 188 -4.83 -9.58 -2.80
N TRP D 189 -5.66 -8.78 -2.14
CA TRP D 189 -5.29 -8.25 -0.83
C TRP D 189 -5.20 -9.34 0.22
N LYS D 190 -5.96 -10.42 0.08
CA LYS D 190 -5.84 -11.53 1.02
C LYS D 190 -4.45 -12.17 0.94
N GLU D 191 -3.80 -12.13 -0.22
CA GLU D 191 -2.42 -12.58 -0.30
C GLU D 191 -1.50 -11.68 0.51
N VAL D 192 -1.75 -10.37 0.49
CA VAL D 192 -0.92 -9.45 1.26
C VAL D 192 -1.08 -9.68 2.76
N GLY D 193 -2.31 -9.94 3.20
CA GLY D 193 -2.55 -10.20 4.61
C GLY D 193 -3.22 -9.04 5.32
N GLY D 194 -4.35 -9.30 5.98
CA GLY D 194 -5.08 -8.23 6.64
C GLY D 194 -4.30 -7.59 7.77
N LEU D 195 -3.52 -8.40 8.50
CA LEU D 195 -2.69 -7.86 9.57
C LEU D 195 -1.42 -7.20 9.06
N GLN D 196 -1.06 -7.40 7.80
CA GLN D 196 0.14 -6.80 7.24
C GLN D 196 -0.15 -5.43 6.62
N MET D 197 -1.16 -5.36 5.75
CA MET D 197 -1.52 -4.10 5.11
C MET D 197 -2.93 -4.20 4.57
N LEU D 198 -3.79 -3.25 4.94
CA LEU D 198 -5.14 -3.13 4.43
C LEU D 198 -5.33 -1.81 3.71
N PRO D 199 -6.07 -1.79 2.60
CA PRO D 199 -6.34 -0.52 1.91
C PRO D 199 -7.36 0.32 2.66
N GLY D 200 -6.89 1.42 3.25
CA GLY D 200 -7.68 2.22 4.16
C GLY D 200 -8.45 3.38 3.56
N THR D 201 -8.45 3.53 2.24
CA THR D 201 -9.19 4.63 1.62
C THR D 201 -10.68 4.36 1.66
N ASN D 202 -11.45 5.28 1.08
CA ASN D 202 -12.89 5.17 1.00
C ASN D 202 -13.36 4.55 -0.32
N ARG D 203 -12.45 4.00 -1.11
CA ARG D 203 -12.82 3.39 -2.38
C ARG D 203 -13.71 2.17 -2.16
N SER D 204 -14.45 1.81 -3.21
CA SER D 204 -15.40 0.71 -3.09
C SER D 204 -14.69 -0.61 -2.85
N SER D 205 -13.60 -0.87 -3.58
CA SER D 205 -12.85 -2.10 -3.37
C SER D 205 -12.12 -2.11 -2.04
N ASP D 206 -11.73 -0.94 -1.54
CA ASP D 206 -10.99 -0.87 -0.28
C ASP D 206 -11.90 -1.19 0.90
N ARG D 207 -13.08 -0.57 0.93
CA ARG D 207 -14.03 -0.88 2.00
C ARG D 207 -14.53 -2.32 1.91
N PHE D 208 -14.52 -2.89 0.70
CA PHE D 208 -14.84 -4.31 0.54
C PHE D 208 -13.80 -5.17 1.26
N VAL D 209 -12.52 -4.89 1.05
CA VAL D 209 -11.46 -5.72 1.61
C VAL D 209 -11.43 -5.62 3.13
N ARG D 210 -11.61 -4.40 3.66
CA ARG D 210 -11.61 -4.24 5.10
C ARG D 210 -12.83 -4.89 5.74
N ALA D 211 -13.97 -4.84 5.06
CA ALA D 211 -15.18 -5.48 5.59
C ALA D 211 -15.03 -6.99 5.62
N SER D 212 -14.51 -7.58 4.55
CA SER D 212 -14.34 -9.03 4.48
C SER D 212 -13.40 -9.52 5.57
N PHE D 213 -12.29 -8.81 5.77
CA PHE D 213 -11.30 -9.26 6.75
C PHE D 213 -11.84 -9.14 8.18
N TYR D 214 -12.47 -8.01 8.49
CA TYR D 214 -12.93 -7.76 9.86
C TYR D 214 -14.21 -8.50 10.22
N ILE D 215 -15.04 -8.85 9.22
CA ILE D 215 -16.24 -9.59 9.52
C ILE D 215 -15.92 -11.05 9.89
N HIS D 216 -14.75 -11.54 9.51
CA HIS D 216 -14.31 -12.87 9.91
C HIS D 216 -13.42 -12.85 11.14
N ALA D 217 -12.92 -11.69 11.54
CA ALA D 217 -12.00 -11.59 12.66
C ALA D 217 -12.69 -11.30 13.99
N ILE D 218 -13.90 -10.74 13.95
CA ILE D 218 -14.65 -10.46 15.17
C ILE D 218 -14.96 -11.78 15.86
N PRO D 219 -15.22 -11.79 17.18
CA PRO D 219 -15.41 -13.06 17.88
C PRO D 219 -16.61 -13.84 17.33
N GLN D 220 -16.45 -15.17 17.27
CA GLN D 220 -17.52 -16.06 16.86
C GLN D 220 -18.31 -16.46 18.10
N THR D 221 -19.48 -15.85 18.28
CA THR D 221 -20.33 -16.11 19.43
C THR D 221 -21.78 -16.02 19.01
N ALA D 222 -22.64 -16.73 19.74
CA ALA D 222 -24.07 -16.68 19.53
C ALA D 222 -24.76 -15.63 20.40
N ASP D 223 -24.01 -14.94 21.25
CA ASP D 223 -24.58 -13.95 22.15
C ASP D 223 -24.81 -12.64 21.41
N ALA D 224 -26.04 -12.13 21.48
CA ALA D 224 -26.33 -10.84 20.87
C ALA D 224 -25.64 -9.69 21.60
N LYS D 225 -25.32 -9.89 22.88
CA LYS D 225 -24.60 -8.87 23.64
C LYS D 225 -23.27 -8.53 22.99
N ILE D 226 -22.66 -9.48 22.29
CA ILE D 226 -21.36 -9.27 21.66
C ILE D 226 -21.45 -9.17 20.15
N ALA D 227 -22.41 -9.82 19.51
CA ALA D 227 -22.44 -9.89 18.05
C ALA D 227 -22.76 -8.54 17.43
N VAL D 228 -23.91 -7.95 17.78
CA VAL D 228 -24.35 -6.73 17.12
C VAL D 228 -23.46 -5.54 17.44
N PRO D 229 -22.76 -5.45 18.58
CA PRO D 229 -21.75 -4.39 18.71
C PRO D 229 -20.49 -4.68 17.93
N SER D 230 -20.15 -5.97 17.73
CA SER D 230 -18.99 -6.33 16.92
C SER D 230 -19.25 -6.12 15.44
N VAL D 231 -20.46 -6.46 14.96
CA VAL D 231 -20.84 -6.12 13.60
C VAL D 231 -20.90 -4.61 13.44
N LEU D 232 -21.32 -3.90 14.50
CA LEU D 232 -21.26 -2.44 14.47
C LEU D 232 -19.84 -1.94 14.36
N SER D 233 -18.89 -2.68 14.94
CA SER D 233 -17.48 -2.30 14.83
C SER D 233 -17.01 -2.32 13.38
N VAL D 234 -17.43 -3.33 12.62
CA VAL D 234 -17.00 -3.46 11.23
C VAL D 234 -17.59 -2.34 10.38
N MET D 235 -18.93 -2.19 10.42
CA MET D 235 -19.58 -1.19 9.59
C MET D 235 -19.13 0.23 9.93
N ARG D 236 -18.64 0.46 11.16
CA ARG D 236 -18.05 1.74 11.49
C ARG D 236 -16.64 1.88 10.93
N ASN D 237 -15.89 0.78 10.86
CA ASN D 237 -14.56 0.84 10.26
C ASN D 237 -14.63 1.10 8.77
N VAL D 238 -15.54 0.41 8.07
CA VAL D 238 -15.69 0.60 6.62
C VAL D 238 -16.57 1.79 6.30
N SER D 239 -17.13 2.47 7.30
CA SER D 239 -17.81 3.72 7.06
C SER D 239 -16.80 4.80 6.68
N VAL D 240 -17.32 5.91 6.15
CA VAL D 240 -16.45 7.01 5.74
C VAL D 240 -16.78 8.22 6.60
N PRO D 241 -15.78 8.99 7.03
CA PRO D 241 -16.04 10.10 7.95
C PRO D 241 -16.99 11.12 7.34
N PHE D 242 -17.64 11.87 8.23
CA PHE D 242 -18.71 12.77 7.81
C PHE D 242 -18.16 14.03 7.17
N GLY D 243 -18.74 14.42 6.04
CA GLY D 243 -18.39 15.68 5.39
C GLY D 243 -16.97 15.73 4.86
N ILE D 244 -16.42 14.60 4.42
CA ILE D 244 -15.06 14.59 3.92
C ILE D 244 -14.97 15.43 2.66
N ASN D 245 -14.02 16.37 2.64
CA ASN D 245 -13.85 17.25 1.51
C ASN D 245 -12.38 17.67 1.39
N THR D 246 -11.93 17.83 0.15
CA THR D 246 -10.62 18.35 -0.17
C THR D 246 -10.79 19.39 -1.28
N PRO D 247 -9.84 20.32 -1.42
CA PRO D 247 -9.97 21.33 -2.49
C PRO D 247 -10.16 20.72 -3.87
N GLU D 248 -9.57 19.56 -4.14
CA GLU D 248 -9.76 18.92 -5.44
C GLU D 248 -11.08 18.15 -5.51
N LYS D 249 -11.58 17.69 -4.36
CA LYS D 249 -12.82 16.91 -4.29
C LYS D 249 -13.81 17.64 -3.39
N PRO D 250 -14.58 18.58 -3.92
CA PRO D 250 -15.49 19.34 -3.06
C PRO D 250 -16.63 18.51 -2.47
N HIS D 251 -17.04 17.43 -3.15
CA HIS D 251 -18.18 16.63 -2.70
C HIS D 251 -17.77 15.16 -2.70
N ILE D 252 -17.80 14.55 -1.53
CA ILE D 252 -17.50 13.12 -1.37
C ILE D 252 -18.63 12.49 -0.56
N SER D 253 -19.06 11.30 -0.98
CA SER D 253 -20.15 10.62 -0.32
C SER D 253 -19.72 10.18 1.08
N SER D 254 -20.39 10.73 2.10
CA SER D 254 -20.13 10.40 3.49
C SER D 254 -21.27 9.55 4.05
N THR D 255 -20.94 8.77 5.08
CA THR D 255 -21.94 7.91 5.70
C THR D 255 -22.96 8.75 6.45
N ARG D 256 -24.24 8.43 6.26
CA ARG D 256 -25.33 9.13 6.90
C ARG D 256 -25.99 8.33 8.01
N TRP D 257 -26.12 7.02 7.83
CA TRP D 257 -26.62 6.14 8.87
C TRP D 257 -26.15 4.72 8.60
N ARG D 258 -26.27 3.89 9.63
CA ARG D 258 -25.91 2.48 9.53
C ARG D 258 -27.02 1.64 10.15
N SER D 259 -27.31 0.50 9.51
CA SER D 259 -28.34 -0.41 9.99
C SER D 259 -27.71 -1.78 10.25
N VAL D 260 -28.17 -2.44 11.31
CA VAL D 260 -27.70 -3.76 11.71
C VAL D 260 -28.92 -4.64 11.92
N SER D 261 -28.94 -5.80 11.25
CA SER D 261 -30.09 -6.68 11.26
C SER D 261 -29.73 -7.99 11.97
N ASP D 262 -30.29 -8.19 13.15
CA ASP D 262 -30.17 -9.46 13.87
C ASP D 262 -31.17 -10.42 13.25
N GLN D 263 -30.71 -11.25 12.32
CA GLN D 263 -31.60 -12.14 11.58
C GLN D 263 -32.03 -13.37 12.38
N LYS D 264 -31.42 -13.63 13.53
CA LYS D 264 -31.87 -14.74 14.37
C LYS D 264 -32.97 -14.30 15.33
N ASN D 265 -32.77 -13.18 16.01
CA ASN D 265 -33.75 -12.66 16.96
C ASN D 265 -34.72 -11.67 16.33
N LYS D 266 -34.61 -11.43 15.01
CA LYS D 266 -35.54 -10.58 14.27
C LYS D 266 -35.58 -9.17 14.85
N VAL D 267 -34.40 -8.56 14.99
CA VAL D 267 -34.26 -7.20 15.50
C VAL D 267 -33.52 -6.37 14.46
N TYR D 268 -34.00 -5.15 14.22
CA TYR D 268 -33.44 -4.25 13.22
C TYR D 268 -32.85 -3.05 13.93
N TYR D 269 -31.52 -3.02 14.05
CA TYR D 269 -30.83 -1.90 14.68
C TYR D 269 -30.59 -0.79 13.66
N PHE D 270 -30.47 0.44 14.17
CA PHE D 270 -30.33 1.60 13.31
C PHE D 270 -29.68 2.73 14.10
N GLU D 271 -28.74 3.42 13.47
CA GLU D 271 -28.15 4.62 14.05
C GLU D 271 -27.73 5.56 12.93
N SER D 272 -27.94 6.85 13.15
CA SER D 272 -27.50 7.87 12.21
C SER D 272 -26.20 8.50 12.70
N THR D 273 -25.45 9.07 11.74
CA THR D 273 -24.15 9.64 12.08
C THR D 273 -24.30 10.90 12.93
N LEU D 274 -25.30 11.73 12.64
CA LEU D 274 -25.52 12.96 13.39
C LEU D 274 -26.37 12.75 14.64
N THR D 275 -26.89 11.54 14.84
CA THR D 275 -27.62 11.19 16.05
C THR D 275 -26.72 10.41 17.01
N PRO D 276 -26.82 10.67 18.31
CA PRO D 276 -25.89 10.04 19.27
C PRO D 276 -26.27 8.63 19.69
N ASN D 277 -27.48 8.16 19.39
CA ASN D 277 -27.96 6.90 19.95
C ASN D 277 -28.19 5.86 18.86
N LEU D 278 -28.07 4.60 19.27
CA LEU D 278 -28.35 3.44 18.42
C LEU D 278 -29.65 2.82 18.91
N PHE D 279 -30.72 3.02 18.15
CA PHE D 279 -32.03 2.48 18.47
C PHE D 279 -32.33 1.26 17.60
N TRP D 280 -33.38 0.53 17.96
CA TRP D 280 -33.73 -0.69 17.27
C TRP D 280 -35.24 -0.87 17.26
N LEU D 281 -35.73 -1.58 16.24
CA LEU D 281 -37.13 -1.94 16.11
C LEU D 281 -37.25 -3.45 16.28
N ASP D 282 -37.86 -3.87 17.38
CA ASP D 282 -38.04 -5.29 17.67
C ASP D 282 -39.23 -5.81 16.89
N LEU D 283 -38.97 -6.67 15.90
CA LEU D 283 -40.05 -7.17 15.06
C LEU D 283 -40.98 -8.12 15.81
N LYS D 284 -40.47 -8.79 16.85
CA LYS D 284 -41.33 -9.66 17.65
C LYS D 284 -42.30 -8.88 18.53
N LYS D 285 -42.03 -7.59 18.75
CA LYS D 285 -42.97 -6.72 19.44
C LYS D 285 -43.88 -5.97 18.48
N ILE D 286 -43.73 -6.18 17.18
CA ILE D 286 -44.50 -5.50 16.15
C ILE D 286 -45.57 -6.43 15.63
N ASP D 287 -46.80 -5.93 15.51
CA ASP D 287 -47.90 -6.69 14.95
C ASP D 287 -47.97 -6.45 13.45
N PHE D 288 -47.75 -7.50 12.67
CA PHE D 288 -47.87 -7.43 11.22
C PHE D 288 -49.21 -7.99 10.72
N SER D 289 -50.25 -7.88 11.55
CA SER D 289 -51.58 -8.31 11.16
C SER D 289 -52.03 -7.56 9.90
N PRO D 290 -52.87 -8.20 9.06
CA PRO D 290 -53.30 -7.57 7.80
C PRO D 290 -53.84 -6.15 7.97
N LYS D 291 -54.34 -5.81 9.15
CA LYS D 291 -54.85 -4.47 9.43
C LYS D 291 -54.34 -4.00 10.79
N ALA D 292 -53.01 -3.92 10.93
CA ALA D 292 -52.40 -3.33 12.12
C ALA D 292 -52.04 -1.87 11.93
N GLY D 293 -52.15 -1.36 10.70
CA GLY D 293 -51.84 0.03 10.43
C GLY D 293 -50.39 0.25 10.03
N VAL D 294 -50.18 0.83 8.85
CA VAL D 294 -48.83 1.19 8.43
C VAL D 294 -48.31 2.30 9.32
N LYS D 295 -47.16 2.06 9.96
CA LYS D 295 -46.57 3.00 10.89
C LYS D 295 -45.25 3.51 10.36
N LYS D 296 -44.74 4.56 11.00
CA LYS D 296 -43.60 5.31 10.47
C LYS D 296 -42.77 5.85 11.62
N LEU D 297 -41.45 5.69 11.51
CA LEU D 297 -40.49 6.32 12.41
C LEU D 297 -39.85 7.48 11.66
N SER D 298 -40.30 8.70 11.97
CA SER D 298 -39.80 9.88 11.26
C SER D 298 -38.37 10.20 11.69
N LEU D 299 -37.50 10.43 10.71
CA LEU D 299 -36.10 10.79 10.96
C LEU D 299 -35.67 12.06 10.26
N THR D 300 -36.52 12.67 9.42
CA THR D 300 -36.10 13.83 8.64
C THR D 300 -35.96 15.08 9.50
N LYS D 301 -36.70 15.16 10.60
CA LYS D 301 -36.74 16.37 11.43
C LYS D 301 -35.85 16.26 12.66
N GLY D 302 -34.69 15.60 12.53
CA GLY D 302 -33.72 15.58 13.61
C GLY D 302 -34.17 14.85 14.85
N GLU D 303 -35.07 13.89 14.70
CA GLU D 303 -35.58 13.16 15.85
C GLU D 303 -34.48 12.30 16.47
N ILE D 304 -34.46 12.23 17.80
CA ILE D 304 -33.48 11.44 18.54
C ILE D 304 -34.23 10.33 19.25
N TYR D 305 -34.04 9.10 18.80
CA TYR D 305 -34.64 7.93 19.43
C TYR D 305 -33.58 7.18 20.24
N ALA D 306 -34.06 6.32 21.15
CA ALA D 306 -33.18 5.57 22.02
C ALA D 306 -33.85 4.26 22.41
N GLY D 307 -33.03 3.23 22.56
CA GLY D 307 -33.52 1.92 22.97
C GLY D 307 -34.53 1.36 21.99
N ASP D 308 -35.48 0.61 22.51
CA ASP D 308 -36.56 0.06 21.70
C ASP D 308 -37.49 1.19 21.25
N ALA D 309 -37.58 1.39 19.94
CA ALA D 309 -38.34 2.50 19.38
C ALA D 309 -39.70 2.09 18.83
N VAL D 310 -40.19 0.90 19.18
CA VAL D 310 -41.55 0.52 18.81
C VAL D 310 -42.56 1.42 19.51
N LYS D 311 -42.20 1.95 20.69
CA LYS D 311 -43.07 2.88 21.39
C LYS D 311 -43.28 4.16 20.59
N ASP D 312 -42.26 4.61 19.87
CA ASP D 312 -42.30 5.88 19.16
C ASP D 312 -42.86 5.76 17.75
N LEU D 313 -43.38 4.60 17.38
CA LEU D 313 -43.98 4.42 16.05
C LEU D 313 -45.32 5.15 16.00
N LYS D 314 -45.48 6.04 15.03
CA LYS D 314 -46.71 6.78 14.83
C LYS D 314 -47.45 6.24 13.61
N ASP D 315 -48.77 6.14 13.71
CA ASP D 315 -49.57 5.75 12.55
C ASP D 315 -49.46 6.81 11.46
N SER D 316 -49.22 6.36 10.24
CA SER D 316 -48.99 7.26 9.12
C SER D 316 -49.44 6.58 7.84
N GLN D 317 -49.31 7.32 6.73
CA GLN D 317 -49.59 6.79 5.40
C GLN D 317 -48.28 6.50 4.69
N SER D 318 -48.29 5.49 3.83
CA SER D 318 -47.09 5.06 3.15
C SER D 318 -46.69 6.06 2.05
N PHE D 319 -45.39 6.15 1.82
CA PHE D 319 -44.84 7.09 0.85
C PHE D 319 -45.21 6.68 -0.57
N THR D 320 -45.01 7.62 -1.50
CA THR D 320 -45.22 7.35 -2.91
C THR D 320 -43.96 6.71 -3.48
N PHE D 321 -44.12 5.56 -4.14
CA PHE D 321 -43.02 4.96 -4.88
C PHE D 321 -42.86 5.69 -6.20
N LEU D 322 -41.67 6.23 -6.44
CA LEU D 322 -41.41 6.98 -7.65
C LEU D 322 -41.07 6.03 -8.80
N PHE D 323 -41.73 6.22 -9.93
CA PHE D 323 -41.48 5.40 -11.11
C PHE D 323 -41.02 6.21 -12.31
N GLU D 324 -41.10 7.54 -12.24
CA GLU D 324 -40.52 8.45 -13.21
C GLU D 324 -39.61 9.42 -12.47
N THR D 325 -38.98 10.32 -13.23
CA THR D 325 -38.26 11.43 -12.63
C THR D 325 -39.13 12.67 -12.74
N PRO D 326 -39.47 13.33 -11.63
CA PRO D 326 -40.43 14.42 -11.69
C PRO D 326 -39.91 15.60 -12.48
N VAL D 327 -40.84 16.30 -13.14
CA VAL D 327 -40.49 17.51 -13.88
C VAL D 327 -40.10 18.61 -12.91
N MET D 328 -39.04 19.33 -13.24
CA MET D 328 -38.54 20.40 -12.39
C MET D 328 -38.95 21.76 -12.94
#